data_6AGM
#
_entry.id   6AGM
#
_cell.length_a   54.189
_cell.length_b   133.859
_cell.length_c   87.670
_cell.angle_alpha   90.00
_cell.angle_beta   91.23
_cell.angle_gamma   90.00
#
_symmetry.space_group_name_H-M   'P 1 21 1'
#
loop_
_entity.id
_entity.type
_entity.pdbx_description
1 polymer 'Phospho-2-dehydro-3-deoxyheptonate aldolase, Tyr-sensitive'
2 non-polymer TYROSINE
3 water water
#
_entity_poly.entity_id   1
_entity_poly.type   'polypeptide(L)'
_entity_poly.pdbx_seq_one_letter_code
;MQKDALNNVHITDEQVLMTPEQLKAAFPLSLQQEAQIADSRKSISDIIAGRDPRLLVVCGPCSIHDPETALEYARRFKAL
AAEVSDSLYLVMRVYFEKPRTTVGWKGLINDPHMDGSFDVEAGLQIARKLLLELVNMGLPLATEALDPNSPQYLGDLFSW
SAIGARTTESQTHREMASGLSMPVGFKNGTDGSLATAINAMRAAAQPHRFVGINQAGQVALLQTQGNPDGHVILRGGKAP
NYSPADVAQCEKEMEQAGLRPSLMVDCSHGNSNKDYRRQPAVAESVVAQIKDGNRSIIGLMIESNIHEGNQSSEQPRSEM
KYGVSVTDACISWEMTDALLREIHQDLNGQLTARV
;
_entity_poly.pdbx_strand_id   A,B,C,D
#
# COMPACT_ATOMS: atom_id res chain seq x y z
N ASP A 4 25.62 -50.06 34.79
CA ASP A 4 24.29 -49.88 35.36
C ASP A 4 23.30 -50.87 34.76
N ALA A 5 22.61 -51.59 35.63
CA ALA A 5 21.63 -52.59 35.20
C ALA A 5 20.24 -52.01 35.01
N LEU A 6 20.04 -50.72 35.25
CA LEU A 6 18.71 -50.13 35.17
C LEU A 6 18.69 -48.90 34.27
N ASN A 7 19.82 -48.21 34.14
CA ASN A 7 19.89 -46.95 33.43
C ASN A 7 20.64 -47.12 32.12
N ASN A 8 20.05 -46.61 31.03
CA ASN A 8 20.67 -46.58 29.71
C ASN A 8 21.11 -47.96 29.26
N VAL A 9 20.34 -48.99 29.62
CA VAL A 9 20.65 -50.35 29.20
C VAL A 9 20.73 -50.43 27.68
N HIS A 10 19.80 -49.79 26.99
CA HIS A 10 19.73 -49.83 25.53
C HIS A 10 20.25 -48.56 24.89
N ILE A 11 21.15 -47.86 25.57
CA ILE A 11 21.81 -46.66 25.05
C ILE A 11 23.30 -46.94 24.97
N THR A 12 23.88 -46.73 23.80
CA THR A 12 25.29 -47.01 23.57
C THR A 12 26.17 -45.77 23.56
N ASP A 13 25.63 -44.61 23.20
CA ASP A 13 26.40 -43.38 23.15
C ASP A 13 25.51 -42.20 23.48
N GLU A 14 26.14 -41.12 23.92
CA GLU A 14 25.43 -39.90 24.29
C GLU A 14 26.39 -38.73 24.18
N GLN A 15 26.00 -37.71 23.41
CA GLN A 15 26.85 -36.53 23.25
C GLN A 15 26.01 -35.27 23.38
N VAL A 16 26.61 -34.24 23.97
CA VAL A 16 25.91 -32.98 24.18
C VAL A 16 25.77 -32.25 22.85
N LEU A 17 24.55 -31.86 22.51
CA LEU A 17 24.30 -31.16 21.27
C LEU A 17 24.76 -29.71 21.37
N MET A 18 25.17 -29.16 20.23
CA MET A 18 25.47 -27.73 20.14
C MET A 18 24.30 -26.92 20.67
N THR A 19 24.60 -25.91 21.49
CA THR A 19 23.57 -25.11 22.13
C THR A 19 23.07 -24.01 21.20
N PRO A 20 21.88 -23.45 21.48
CA PRO A 20 21.44 -22.27 20.72
C PRO A 20 22.45 -21.13 20.74
N GLU A 21 23.07 -20.88 21.90
CA GLU A 21 24.14 -19.89 22.00
C GLU A 21 25.22 -20.13 20.95
N GLN A 22 25.72 -21.37 20.87
CA GLN A 22 26.82 -21.67 19.96
C GLN A 22 26.37 -21.60 18.50
N LEU A 23 25.18 -22.11 18.20
CA LEU A 23 24.64 -21.98 16.85
C LEU A 23 24.57 -20.52 16.42
N LYS A 24 24.02 -19.66 17.27
CA LYS A 24 23.88 -18.24 16.92
C LYS A 24 25.23 -17.54 16.87
N ALA A 25 26.20 -17.98 17.67
CA ALA A 25 27.54 -17.42 17.57
C ALA A 25 28.18 -17.79 16.22
N ALA A 26 27.93 -19.02 15.75
CA ALA A 26 28.51 -19.45 14.48
C ALA A 26 27.81 -18.81 13.29
N PHE A 27 26.51 -18.55 13.38
CA PHE A 27 25.73 -17.94 12.30
C PHE A 27 24.93 -16.79 12.88
N PRO A 28 25.57 -15.66 13.15
CA PRO A 28 24.86 -14.54 13.80
C PRO A 28 24.02 -13.75 12.83
N LEU A 29 23.04 -13.04 13.40
CA LEU A 29 22.23 -12.10 12.64
C LEU A 29 22.98 -10.79 12.51
N SER A 30 23.09 -10.29 11.29
CA SER A 30 23.54 -8.91 11.12
C SER A 30 22.44 -7.98 11.61
N LEU A 31 22.84 -6.74 11.93
CA LEU A 31 21.87 -5.82 12.50
C LEU A 31 20.80 -5.42 11.49
N GLN A 32 21.14 -5.38 10.20
CA GLN A 32 20.15 -5.14 9.15
C GLN A 32 19.06 -6.20 9.17
N GLN A 33 19.46 -7.47 9.20
CA GLN A 33 18.49 -8.56 9.23
C GLN A 33 17.66 -8.52 10.51
N GLU A 34 18.30 -8.16 11.63
CA GLU A 34 17.58 -8.05 12.89
C GLU A 34 16.47 -7.01 12.80
N ALA A 35 16.80 -5.81 12.33
CA ALA A 35 15.79 -4.77 12.19
C ALA A 35 14.73 -5.16 11.17
N GLN A 36 15.14 -5.84 10.10
CA GLN A 36 14.18 -6.29 9.08
C GLN A 36 13.17 -7.27 9.66
N ILE A 37 13.65 -8.23 10.46
CA ILE A 37 12.76 -9.21 11.07
C ILE A 37 11.82 -8.53 12.07
N ALA A 38 12.36 -7.62 12.89
CA ALA A 38 11.50 -6.88 13.81
C ALA A 38 10.41 -6.11 13.07
N ASP A 39 10.77 -5.50 11.94
CA ASP A 39 9.80 -4.71 11.18
C ASP A 39 8.74 -5.59 10.55
N SER A 40 9.12 -6.76 10.02
CA SER A 40 8.14 -7.66 9.43
C SER A 40 7.22 -8.23 10.51
N ARG A 41 7.76 -8.52 11.69
CA ARG A 41 6.91 -8.92 12.81
C ARG A 41 5.90 -7.84 13.15
N LYS A 42 6.35 -6.58 13.21
CA LYS A 42 5.45 -5.47 13.48
C LYS A 42 4.37 -5.36 12.41
N SER A 43 4.74 -5.53 11.15
CA SER A 43 3.76 -5.43 10.07
C SER A 43 2.72 -6.54 10.16
N ILE A 44 3.16 -7.77 10.46
CA ILE A 44 2.21 -8.87 10.60
C ILE A 44 1.29 -8.63 11.79
N SER A 45 1.84 -8.10 12.89
CA SER A 45 1.01 -7.73 14.03
C SER A 45 -0.03 -6.67 13.64
N ASP A 46 0.38 -5.68 12.86
CA ASP A 46 -0.55 -4.64 12.41
C ASP A 46 -1.68 -5.25 11.58
N ILE A 47 -1.34 -6.17 10.67
CA ILE A 47 -2.36 -6.81 9.85
C ILE A 47 -3.33 -7.58 10.73
N ILE A 48 -2.80 -8.36 11.67
CA ILE A 48 -3.67 -9.18 12.53
C ILE A 48 -4.59 -8.31 13.36
N ALA A 49 -4.08 -7.19 13.88
CA ALA A 49 -4.89 -6.30 14.71
C ALA A 49 -5.84 -5.43 13.91
N GLY A 50 -5.75 -5.43 12.59
CA GLY A 50 -6.62 -4.60 11.77
C GLY A 50 -6.14 -3.18 11.55
N ARG A 51 -4.89 -2.87 11.91
CA ARG A 51 -4.36 -1.54 11.64
C ARG A 51 -3.83 -1.43 10.21
N ASP A 52 -3.24 -2.51 9.70
CA ASP A 52 -2.76 -2.57 8.33
C ASP A 52 -3.82 -3.26 7.48
N PRO A 53 -4.32 -2.62 6.41
CA PRO A 53 -5.42 -3.21 5.64
C PRO A 53 -5.01 -4.38 4.77
N ARG A 54 -3.72 -4.62 4.56
CA ARG A 54 -3.29 -5.67 3.65
C ARG A 54 -3.65 -7.05 4.21
N LEU A 55 -3.73 -8.01 3.31
CA LEU A 55 -4.04 -9.39 3.66
C LEU A 55 -2.75 -10.17 3.87
N LEU A 56 -2.65 -10.87 5.00
CA LEU A 56 -1.46 -11.67 5.27
C LEU A 56 -1.55 -12.98 4.49
N VAL A 57 -0.51 -13.28 3.71
CA VAL A 57 -0.47 -14.49 2.89
C VAL A 57 0.78 -15.28 3.25
N VAL A 58 0.61 -16.39 3.95
CA VAL A 58 1.69 -17.32 4.23
C VAL A 58 1.65 -18.40 3.16
N CYS A 59 2.74 -18.56 2.43
CA CYS A 59 2.71 -19.40 1.24
C CYS A 59 4.08 -20.03 1.01
N GLY A 60 4.06 -21.31 0.65
CA GLY A 60 5.30 -21.98 0.37
C GLY A 60 5.22 -23.49 0.40
N PRO A 61 6.37 -24.14 0.30
CA PRO A 61 6.39 -25.59 0.10
C PRO A 61 5.75 -26.35 1.23
N CYS A 62 5.14 -27.48 0.84
CA CYS A 62 4.69 -28.45 1.81
C CYS A 62 5.75 -28.73 2.87
N SER A 63 6.98 -29.03 2.45
CA SER A 63 8.11 -29.00 3.37
C SER A 63 9.38 -28.69 2.58
N ILE A 64 10.44 -28.23 3.26
CA ILE A 64 11.64 -27.84 2.54
C ILE A 64 12.43 -29.11 2.19
N HIS A 65 12.86 -29.21 0.94
CA HIS A 65 13.54 -30.40 0.47
C HIS A 65 15.06 -30.28 0.52
N ASP A 66 15.60 -29.15 0.11
CA ASP A 66 17.03 -28.89 0.15
C ASP A 66 17.25 -27.39 -0.03
N PRO A 67 18.43 -26.87 0.32
CA PRO A 67 18.61 -25.41 0.30
C PRO A 67 18.43 -24.75 -1.08
N GLU A 68 18.95 -25.36 -2.16
CA GLU A 68 18.88 -24.70 -3.46
C GLU A 68 17.45 -24.63 -3.98
N THR A 69 16.66 -25.68 -3.79
CA THR A 69 15.25 -25.61 -4.18
C THR A 69 14.52 -24.53 -3.40
N ALA A 70 14.82 -24.41 -2.10
CA ALA A 70 14.23 -23.36 -1.30
C ALA A 70 14.62 -21.98 -1.82
N LEU A 71 15.88 -21.79 -2.18
CA LEU A 71 16.32 -20.50 -2.70
C LEU A 71 15.67 -20.20 -4.05
N GLU A 72 15.55 -21.21 -4.91
CA GLU A 72 14.89 -21.03 -6.19
C GLU A 72 13.44 -20.60 -6.00
N TYR A 73 12.72 -21.29 -5.12
CA TYR A 73 11.36 -20.85 -4.79
C TYR A 73 11.36 -19.43 -4.26
N ALA A 74 12.33 -19.11 -3.41
CA ALA A 74 12.35 -17.83 -2.71
C ALA A 74 12.52 -16.66 -3.68
N ARG A 75 13.34 -16.84 -4.72
CA ARG A 75 13.56 -15.73 -5.65
C ARG A 75 12.28 -15.41 -6.44
N ARG A 76 11.58 -16.44 -6.92
CA ARG A 76 10.27 -16.23 -7.55
C ARG A 76 9.28 -15.62 -6.57
N PHE A 77 9.28 -16.09 -5.33
CA PHE A 77 8.31 -15.63 -4.35
C PHE A 77 8.55 -14.16 -3.99
N LYS A 78 9.81 -13.76 -3.88
CA LYS A 78 10.15 -12.37 -3.62
C LYS A 78 9.77 -11.49 -4.80
N ALA A 79 10.06 -11.94 -6.02
CA ALA A 79 9.65 -11.20 -7.21
C ALA A 79 8.15 -10.96 -7.20
N LEU A 80 7.37 -12.02 -6.93
CA LEU A 80 5.91 -11.87 -6.90
C LEU A 80 5.46 -10.98 -5.75
N ALA A 81 6.11 -11.10 -4.59
CA ALA A 81 5.73 -10.30 -3.42
C ALA A 81 5.92 -8.82 -3.68
N ALA A 82 6.94 -8.46 -4.46
CA ALA A 82 7.16 -7.05 -4.79
C ALA A 82 5.99 -6.49 -5.58
N GLU A 83 5.37 -7.29 -6.46
CA GLU A 83 4.38 -6.77 -7.39
C GLU A 83 2.96 -6.74 -6.83
N VAL A 84 2.72 -7.34 -5.68
CA VAL A 84 1.40 -7.37 -5.07
C VAL A 84 1.39 -6.75 -3.68
N SER A 85 2.49 -6.12 -3.28
CA SER A 85 2.70 -5.70 -1.90
C SER A 85 1.79 -4.58 -1.44
N ASP A 86 1.01 -3.97 -2.34
CA ASP A 86 0.07 -2.95 -1.91
C ASP A 86 -1.19 -3.53 -1.31
N SER A 87 -1.49 -4.79 -1.58
CA SER A 87 -2.70 -5.45 -1.08
C SER A 87 -2.39 -6.72 -0.29
N LEU A 88 -1.38 -7.47 -0.69
CA LEU A 88 -1.02 -8.73 -0.05
C LEU A 88 0.38 -8.61 0.55
N TYR A 89 0.52 -9.09 1.78
CA TYR A 89 1.81 -9.15 2.47
C TYR A 89 2.26 -10.60 2.47
N LEU A 90 3.22 -10.92 1.60
CA LEU A 90 3.65 -12.31 1.38
C LEU A 90 4.69 -12.72 2.42
N VAL A 91 4.49 -13.89 3.02
CA VAL A 91 5.42 -14.48 3.97
C VAL A 91 5.69 -15.91 3.53
N MET A 92 6.96 -16.24 3.34
CA MET A 92 7.31 -17.57 2.83
C MET A 92 7.35 -18.55 4.00
N ARG A 93 6.56 -19.63 3.90
CA ARG A 93 6.59 -20.63 4.95
C ARG A 93 7.78 -21.55 4.72
N VAL A 94 8.58 -21.73 5.76
CA VAL A 94 9.76 -22.57 5.70
C VAL A 94 9.57 -23.64 6.78
N TYR A 95 8.94 -24.75 6.38
CA TYR A 95 8.69 -25.87 7.28
C TYR A 95 9.71 -26.96 6.94
N PHE A 96 10.66 -27.18 7.87
CA PHE A 96 11.65 -28.24 7.64
C PHE A 96 11.09 -29.60 8.01
N GLU A 97 10.41 -29.68 9.14
CA GLU A 97 9.85 -30.91 9.62
C GLU A 97 8.41 -31.06 9.13
N LYS A 98 8.04 -32.27 8.76
CA LYS A 98 6.59 -32.32 8.68
C LYS A 98 6.02 -32.80 10.00
N PRO A 99 4.86 -32.28 10.42
CA PRO A 99 4.04 -33.05 11.37
C PRO A 99 3.48 -34.26 10.65
N ARG A 100 2.65 -35.07 11.30
CA ARG A 100 1.83 -36.06 10.60
C ARG A 100 2.69 -37.06 9.80
N THR A 101 3.48 -37.85 10.53
CA THR A 101 4.07 -39.10 10.02
C THR A 101 4.79 -39.89 11.11
N THR A 102 4.86 -41.21 10.96
CA THR A 102 5.75 -42.03 11.78
C THR A 102 6.88 -42.67 10.99
N VAL A 103 6.89 -42.54 9.65
CA VAL A 103 7.95 -43.06 8.81
C VAL A 103 8.30 -42.02 7.76
N GLY A 104 9.50 -42.16 7.20
CA GLY A 104 9.95 -41.33 6.09
C GLY A 104 11.18 -40.52 6.45
N TRP A 105 11.52 -39.62 5.53
CA TRP A 105 12.64 -38.71 5.74
C TRP A 105 12.36 -37.77 6.90
N LYS A 106 13.38 -37.53 7.72
CA LYS A 106 13.23 -36.74 8.94
C LYS A 106 13.40 -35.24 8.71
N GLY A 107 13.55 -34.80 7.46
CA GLY A 107 13.66 -33.39 7.16
C GLY A 107 15.10 -32.90 7.17
N LEU A 108 15.27 -31.66 6.71
CA LEU A 108 16.59 -31.09 6.50
C LEU A 108 17.35 -30.91 7.80
N ILE A 109 16.66 -30.65 8.91
CA ILE A 109 17.35 -30.39 10.18
C ILE A 109 17.90 -31.68 10.76
N ASN A 110 17.09 -32.74 10.78
CA ASN A 110 17.54 -33.99 11.37
C ASN A 110 18.41 -34.79 10.40
N ASP A 111 18.06 -34.80 9.12
CA ASP A 111 18.75 -35.59 8.10
C ASP A 111 19.11 -34.71 6.91
N PRO A 112 20.08 -33.81 7.07
CA PRO A 112 20.46 -32.95 5.93
C PRO A 112 21.12 -33.72 4.81
N HIS A 113 21.85 -34.79 5.13
CA HIS A 113 22.43 -35.63 4.10
C HIS A 113 21.39 -36.52 3.42
N MET A 114 20.14 -36.54 3.92
CA MET A 114 19.05 -37.33 3.34
C MET A 114 19.52 -38.79 3.12
N ASP A 115 20.14 -39.36 4.15
CA ASP A 115 20.55 -40.76 4.05
C ASP A 115 20.26 -41.50 5.36
N GLY A 116 19.28 -41.03 6.13
CA GLY A 116 18.96 -41.64 7.41
C GLY A 116 20.06 -41.53 8.45
N SER A 117 20.90 -40.51 8.35
CA SER A 117 22.06 -40.39 9.22
C SER A 117 21.76 -39.75 10.56
N PHE A 118 20.69 -38.94 10.65
CA PHE A 118 20.32 -38.21 11.87
C PHE A 118 21.48 -37.34 12.38
N ASP A 119 21.96 -36.48 11.50
CA ASP A 119 23.04 -35.54 11.82
C ASP A 119 22.44 -34.17 12.17
N VAL A 120 21.83 -34.12 13.36
CA VAL A 120 21.09 -32.93 13.77
C VAL A 120 22.00 -31.70 13.83
N GLU A 121 23.24 -31.88 14.28
CA GLU A 121 24.11 -30.72 14.45
C GLU A 121 24.46 -30.08 13.12
N ALA A 122 24.72 -30.89 12.09
CA ALA A 122 24.97 -30.33 10.76
C ALA A 122 23.69 -29.77 10.16
N GLY A 123 22.55 -30.42 10.44
CA GLY A 123 21.29 -29.94 9.90
C GLY A 123 20.90 -28.58 10.44
N LEU A 124 21.17 -28.34 11.72
CA LEU A 124 20.87 -27.04 12.31
C LEU A 124 21.65 -25.93 11.63
N GLN A 125 22.93 -26.18 11.36
CA GLN A 125 23.77 -25.17 10.72
C GLN A 125 23.35 -24.93 9.27
N ILE A 126 23.07 -26.01 8.54
CA ILE A 126 22.58 -25.84 7.17
C ILE A 126 21.27 -25.06 7.16
N ALA A 127 20.36 -25.39 8.08
CA ALA A 127 19.06 -24.72 8.13
C ALA A 127 19.21 -23.24 8.46
N ARG A 128 20.04 -22.91 9.46
CA ARG A 128 20.20 -21.52 9.85
C ARG A 128 20.89 -20.72 8.74
N LYS A 129 21.86 -21.32 8.05
CA LYS A 129 22.47 -20.67 6.90
C LYS A 129 21.43 -20.36 5.82
N LEU A 130 20.58 -21.34 5.51
CA LEU A 130 19.53 -21.12 4.53
C LEU A 130 18.58 -20.02 4.97
N LEU A 131 18.17 -20.04 6.25
CA LEU A 131 17.24 -19.04 6.75
C LEU A 131 17.83 -17.64 6.69
N LEU A 132 19.11 -17.50 7.04
CA LEU A 132 19.78 -16.21 6.95
C LEU A 132 19.80 -15.71 5.50
N GLU A 133 20.11 -16.61 4.56
CA GLU A 133 20.08 -16.20 3.15
C GLU A 133 18.68 -15.78 2.72
N LEU A 134 17.65 -16.48 3.22
CA LEU A 134 16.27 -16.10 2.89
C LEU A 134 15.92 -14.73 3.46
N VAL A 135 16.37 -14.45 4.69
CA VAL A 135 16.15 -13.15 5.30
C VAL A 135 16.82 -12.06 4.48
N ASN A 136 18.06 -12.31 4.02
CA ASN A 136 18.76 -11.32 3.23
C ASN A 136 18.11 -11.06 1.89
N MET A 137 17.30 -11.98 1.39
CA MET A 137 16.52 -11.74 0.18
C MET A 137 15.33 -10.83 0.44
N GLY A 138 15.12 -10.40 1.68
CA GLY A 138 14.02 -9.52 2.01
C GLY A 138 12.72 -10.24 2.28
N LEU A 139 12.76 -11.53 2.60
CA LEU A 139 11.55 -12.33 2.74
C LEU A 139 11.20 -12.52 4.21
N PRO A 140 10.03 -12.08 4.66
CA PRO A 140 9.54 -12.54 5.97
C PRO A 140 9.32 -14.04 5.94
N LEU A 141 9.59 -14.69 7.07
CA LEU A 141 9.57 -16.15 7.14
C LEU A 141 8.55 -16.62 8.17
N ALA A 142 7.92 -17.75 7.87
CA ALA A 142 6.89 -18.34 8.72
C ALA A 142 7.27 -19.76 9.09
N THR A 143 7.02 -20.14 10.34
CA THR A 143 7.33 -21.48 10.81
C THR A 143 6.14 -22.05 11.57
N GLU A 144 6.32 -23.27 12.07
CA GLU A 144 5.33 -23.94 12.91
C GLU A 144 6.03 -24.44 14.16
N ALA A 145 5.50 -24.10 15.33
CA ALA A 145 6.10 -24.49 16.60
C ALA A 145 5.56 -25.86 16.99
N LEU A 146 6.39 -26.88 16.81
CA LEU A 146 6.03 -28.25 17.16
C LEU A 146 6.85 -28.78 18.32
N ASP A 147 7.67 -27.93 18.95
CA ASP A 147 8.73 -28.39 19.82
C ASP A 147 9.20 -27.22 20.67
N PRO A 148 9.52 -27.42 21.95
CA PRO A 148 9.94 -26.29 22.78
C PRO A 148 11.39 -25.85 22.58
N ASN A 149 12.19 -26.61 21.82
CA ASN A 149 13.61 -26.31 21.65
C ASN A 149 13.93 -25.60 20.34
N SER A 150 13.26 -25.97 19.25
CA SER A 150 13.55 -25.34 17.97
C SER A 150 13.34 -23.83 17.95
N PRO A 151 12.40 -23.24 18.70
CA PRO A 151 12.37 -21.76 18.76
C PRO A 151 13.65 -21.17 19.32
N GLN A 152 14.28 -21.80 20.29
CA GLN A 152 15.54 -21.25 20.80
C GLN A 152 16.63 -21.30 19.75
N TYR A 153 16.64 -22.33 18.90
CA TYR A 153 17.69 -22.46 17.90
C TYR A 153 17.47 -21.53 16.71
N LEU A 154 16.22 -21.40 16.24
CA LEU A 154 15.99 -20.72 14.97
C LEU A 154 14.88 -19.67 14.96
N GLY A 155 14.15 -19.47 16.06
CA GLY A 155 12.99 -18.60 16.03
C GLY A 155 13.31 -17.15 15.81
N ASP A 156 14.54 -16.72 16.14
CA ASP A 156 14.93 -15.34 15.90
C ASP A 156 14.90 -14.98 14.42
N LEU A 157 14.76 -15.96 13.52
CA LEU A 157 14.72 -15.70 12.09
C LEU A 157 13.30 -15.66 11.53
N PHE A 158 12.28 -15.94 12.33
CA PHE A 158 10.91 -16.04 11.84
C PHE A 158 10.07 -14.86 12.31
N SER A 159 9.08 -14.49 11.49
CA SER A 159 8.18 -13.39 11.78
C SER A 159 6.78 -13.86 12.17
N TRP A 160 6.49 -15.15 12.08
CA TRP A 160 5.16 -15.68 12.32
C TRP A 160 5.28 -17.17 12.60
N SER A 161 4.42 -17.67 13.50
CA SER A 161 4.46 -19.07 13.84
C SER A 161 3.06 -19.64 13.99
N ALA A 162 2.86 -20.83 13.43
CA ALA A 162 1.64 -21.60 13.67
C ALA A 162 1.79 -22.42 14.95
N ILE A 163 0.65 -22.65 15.61
CA ILE A 163 0.58 -23.39 16.87
C ILE A 163 -0.52 -24.41 16.75
N GLY A 164 -0.19 -25.68 16.94
CA GLY A 164 -1.14 -26.77 16.83
C GLY A 164 -1.15 -27.67 18.04
N ALA A 165 -1.67 -28.89 17.87
CA ALA A 165 -1.88 -29.80 18.99
C ALA A 165 -0.56 -30.21 19.64
N ARG A 166 0.53 -30.27 18.87
CA ARG A 166 1.81 -30.67 19.45
C ARG A 166 2.22 -29.75 20.58
N THR A 167 1.77 -28.49 20.57
CA THR A 167 2.00 -27.56 21.67
C THR A 167 0.85 -27.58 22.67
N THR A 168 -0.38 -27.37 22.19
CA THR A 168 -1.51 -27.17 23.10
C THR A 168 -1.92 -28.44 23.82
N GLU A 169 -1.56 -29.62 23.30
CA GLU A 169 -1.92 -30.89 23.92
C GLU A 169 -0.73 -31.57 24.58
N SER A 170 0.29 -30.79 24.91
CA SER A 170 1.25 -31.14 25.94
C SER A 170 0.91 -30.32 27.18
N GLN A 171 1.30 -30.84 28.34
CA GLN A 171 1.01 -30.18 29.60
C GLN A 171 2.23 -29.48 30.21
N THR A 172 3.42 -29.60 29.59
CA THR A 172 4.61 -28.88 30.04
C THR A 172 4.90 -27.60 29.27
N HIS A 173 4.43 -27.47 28.03
CA HIS A 173 4.63 -26.24 27.28
C HIS A 173 3.37 -25.86 26.51
N ARG A 174 2.20 -26.10 27.12
CA ARG A 174 0.94 -25.74 26.47
C ARG A 174 0.80 -24.23 26.28
N GLU A 175 1.53 -23.43 27.06
CA GLU A 175 1.46 -21.97 26.97
C GLU A 175 2.67 -21.36 26.29
N MET A 176 3.42 -22.16 25.53
CA MET A 176 4.64 -21.64 24.92
C MET A 176 4.36 -20.41 24.06
N ALA A 177 3.19 -20.34 23.43
CA ALA A 177 2.89 -19.23 22.53
C ALA A 177 2.89 -17.89 23.26
N SER A 178 2.50 -17.88 24.53
CA SER A 178 2.53 -16.66 25.33
C SER A 178 3.94 -16.14 25.56
N GLY A 179 4.97 -16.92 25.22
CA GLY A 179 6.33 -16.49 25.41
C GLY A 179 7.11 -16.37 24.11
N LEU A 180 6.43 -16.50 22.98
CA LEU A 180 7.09 -16.38 21.68
C LEU A 180 7.09 -14.92 21.24
N SER A 181 8.18 -14.51 20.60
CA SER A 181 8.38 -13.12 20.21
C SER A 181 7.73 -12.75 18.88
N MET A 182 7.02 -13.67 18.24
CA MET A 182 6.42 -13.42 16.95
C MET A 182 4.91 -13.61 17.02
N PRO A 183 4.15 -13.00 16.10
CA PRO A 183 2.71 -13.28 16.00
C PRO A 183 2.47 -14.77 15.78
N VAL A 184 1.33 -15.25 16.29
CA VAL A 184 1.03 -16.68 16.36
C VAL A 184 -0.37 -16.92 15.82
N GLY A 185 -0.51 -17.96 15.00
CA GLY A 185 -1.80 -18.41 14.53
C GLY A 185 -2.14 -19.78 15.10
N PHE A 186 -3.34 -19.93 15.65
CA PHE A 186 -3.74 -21.14 16.38
C PHE A 186 -4.66 -21.99 15.51
N LYS A 187 -4.18 -23.18 15.14
CA LYS A 187 -4.96 -24.06 14.28
C LYS A 187 -6.11 -24.70 15.05
N ASN A 188 -7.25 -24.83 14.39
CA ASN A 188 -8.37 -25.54 15.00
C ASN A 188 -8.05 -27.02 15.12
N GLY A 189 -8.86 -27.74 15.91
CA GLY A 189 -8.60 -29.13 16.17
C GLY A 189 -8.83 -30.02 14.96
N THR A 190 -8.25 -31.22 15.03
CA THR A 190 -8.38 -32.20 13.94
C THR A 190 -9.84 -32.53 13.67
N ASP A 191 -10.68 -32.58 14.71
CA ASP A 191 -12.10 -32.87 14.55
C ASP A 191 -12.88 -31.68 14.02
N GLY A 192 -12.25 -30.53 13.83
CA GLY A 192 -12.94 -29.31 13.48
C GLY A 192 -13.27 -28.42 14.65
N SER A 193 -13.03 -28.87 15.88
CA SER A 193 -13.35 -28.09 17.06
C SER A 193 -12.61 -26.76 17.04
N LEU A 194 -13.35 -25.67 17.19
CA LEU A 194 -12.77 -24.35 17.31
C LEU A 194 -12.38 -24.01 18.75
N ALA A 195 -12.87 -24.78 19.73
CA ALA A 195 -12.64 -24.44 21.13
C ALA A 195 -11.16 -24.47 21.49
N THR A 196 -10.42 -25.46 20.98
CA THR A 196 -9.01 -25.56 21.32
C THR A 196 -8.23 -24.35 20.82
N ALA A 197 -8.43 -23.98 19.55
CA ALA A 197 -7.75 -22.82 19.00
C ALA A 197 -8.13 -21.55 19.74
N ILE A 198 -9.42 -21.37 20.02
CA ILE A 198 -9.89 -20.14 20.66
C ILE A 198 -9.34 -20.03 22.08
N ASN A 199 -9.42 -21.11 22.85
CA ASN A 199 -8.89 -21.11 24.21
C ASN A 199 -7.40 -20.87 24.22
N ALA A 200 -6.66 -21.51 23.30
CA ALA A 200 -5.21 -21.30 23.22
C ALA A 200 -4.89 -19.85 22.85
N MET A 201 -5.67 -19.28 21.93
CA MET A 201 -5.44 -17.90 21.52
C MET A 201 -5.68 -16.94 22.68
N ARG A 202 -6.73 -17.18 23.46
CA ARG A 202 -6.98 -16.32 24.62
C ARG A 202 -5.87 -16.47 25.67
N ALA A 203 -5.49 -17.72 25.97
CA ALA A 203 -4.46 -17.95 26.98
C ALA A 203 -3.12 -17.37 26.56
N ALA A 204 -2.83 -17.32 25.25
CA ALA A 204 -1.55 -16.82 24.79
C ALA A 204 -1.32 -15.35 25.15
N ALA A 205 -2.38 -14.58 25.35
CA ALA A 205 -2.23 -13.17 25.67
C ALA A 205 -1.88 -12.94 27.14
N GLN A 206 -1.95 -13.96 27.98
CA GLN A 206 -1.74 -13.86 29.41
C GLN A 206 -0.35 -14.33 29.81
N PRO A 207 0.18 -13.85 30.93
CA PRO A 207 1.46 -14.39 31.43
C PRO A 207 1.29 -15.82 31.88
N HIS A 208 2.31 -16.64 31.58
CA HIS A 208 2.26 -18.06 31.89
C HIS A 208 3.67 -18.58 32.15
N ARG A 209 3.76 -19.89 32.37
CA ARG A 209 5.03 -20.58 32.55
C ARG A 209 5.04 -21.83 31.67
N PHE A 210 6.21 -22.17 31.16
CA PHE A 210 6.35 -23.41 30.40
C PHE A 210 7.76 -23.95 30.54
N VAL A 211 7.89 -25.27 30.37
CA VAL A 211 9.20 -25.93 30.39
C VAL A 211 9.78 -25.90 28.98
N GLY A 212 11.00 -25.39 28.86
CA GLY A 212 11.73 -25.42 27.60
C GLY A 212 13.21 -25.54 27.87
N ILE A 213 14.02 -24.82 27.11
CA ILE A 213 15.45 -24.77 27.34
C ILE A 213 15.91 -23.32 27.30
N ASN A 214 17.02 -23.05 27.99
CA ASN A 214 17.66 -21.74 27.90
C ASN A 214 18.61 -21.71 26.71
N GLN A 215 19.31 -20.60 26.54
CA GLN A 215 20.23 -20.47 25.42
C GLN A 215 21.44 -21.38 25.55
N ALA A 216 21.69 -21.93 26.75
CA ALA A 216 22.77 -22.86 26.99
C ALA A 216 22.32 -24.32 26.88
N GLY A 217 21.14 -24.56 26.29
CA GLY A 217 20.69 -25.92 26.08
C GLY A 217 20.28 -26.67 27.32
N GLN A 218 20.02 -25.97 28.42
CA GLN A 218 19.64 -26.61 29.67
C GLN A 218 18.13 -26.57 29.85
N VAL A 219 17.57 -27.65 30.39
CA VAL A 219 16.15 -27.68 30.71
C VAL A 219 15.85 -26.56 31.69
N ALA A 220 14.86 -25.73 31.36
CA ALA A 220 14.60 -24.51 32.10
C ALA A 220 13.11 -24.27 32.18
N LEU A 221 12.70 -23.48 33.18
CA LEU A 221 11.33 -23.02 33.34
C LEU A 221 11.27 -21.55 32.94
N LEU A 222 10.45 -21.24 31.95
CA LEU A 222 10.34 -19.89 31.42
C LEU A 222 9.03 -19.26 31.87
N GLN A 223 9.14 -18.04 32.38
CA GLN A 223 7.99 -17.22 32.73
C GLN A 223 7.75 -16.24 31.59
N THR A 224 6.52 -16.22 31.09
CA THR A 224 6.18 -15.43 29.91
C THR A 224 5.43 -14.15 30.28
N GLN A 225 5.53 -13.18 29.38
CA GLN A 225 4.87 -11.89 29.53
C GLN A 225 3.47 -11.89 28.92
N GLY A 226 3.22 -12.75 27.95
CA GLY A 226 1.99 -12.72 27.19
C GLY A 226 2.28 -12.26 25.78
N ASN A 227 1.55 -12.82 24.82
CA ASN A 227 1.74 -12.52 23.40
C ASN A 227 0.45 -11.90 22.87
N PRO A 228 0.45 -10.61 22.52
CA PRO A 228 -0.79 -9.95 22.11
C PRO A 228 -1.18 -10.16 20.66
N ASP A 229 -0.36 -10.84 19.86
CA ASP A 229 -0.58 -10.96 18.42
C ASP A 229 -0.97 -12.41 18.11
N GLY A 230 -2.27 -12.70 18.23
CA GLY A 230 -2.77 -14.03 17.96
C GLY A 230 -3.98 -14.00 17.06
N HIS A 231 -4.18 -15.11 16.36
CA HIS A 231 -5.36 -15.29 15.52
C HIS A 231 -5.62 -16.78 15.37
N VAL A 232 -6.78 -17.10 14.81
CA VAL A 232 -7.19 -18.49 14.58
C VAL A 232 -6.82 -18.87 13.15
N ILE A 233 -6.46 -20.14 12.96
CA ILE A 233 -6.25 -20.70 11.63
C ILE A 233 -7.34 -21.72 11.36
N LEU A 234 -8.17 -21.47 10.36
CA LEU A 234 -9.18 -22.43 9.92
C LEU A 234 -8.53 -23.37 8.90
N ARG A 235 -8.46 -24.65 9.25
CA ARG A 235 -7.78 -25.62 8.41
C ARG A 235 -8.61 -26.89 8.24
N GLY A 236 -9.93 -26.76 8.34
CA GLY A 236 -10.82 -27.89 8.16
C GLY A 236 -10.79 -28.90 9.28
N GLY A 237 -11.75 -29.82 9.27
CA GLY A 237 -11.82 -30.90 10.23
C GLY A 237 -12.25 -32.18 9.55
N LYS A 238 -13.33 -32.78 10.02
CA LYS A 238 -13.97 -33.84 9.25
C LYS A 238 -14.50 -33.33 7.91
N ALA A 239 -14.76 -32.03 7.82
CA ALA A 239 -15.17 -31.38 6.59
C ALA A 239 -14.50 -30.00 6.55
N PRO A 240 -14.39 -29.39 5.38
CA PRO A 240 -13.85 -28.03 5.30
C PRO A 240 -14.65 -27.05 6.13
N ASN A 241 -13.99 -26.00 6.61
CA ASN A 241 -14.62 -25.01 7.48
C ASN A 241 -14.27 -23.59 7.06
N TYR A 242 -14.18 -23.34 5.75
CA TYR A 242 -13.88 -22.02 5.23
C TYR A 242 -15.11 -21.30 4.65
N SER A 243 -16.27 -21.97 4.62
CA SER A 243 -17.44 -21.39 4.00
C SER A 243 -17.97 -20.20 4.79
N PRO A 244 -18.77 -19.33 4.16
CA PRO A 244 -19.33 -18.18 4.89
C PRO A 244 -20.03 -18.56 6.18
N ALA A 245 -20.78 -19.67 6.19
CA ALA A 245 -21.44 -20.10 7.42
C ALA A 245 -20.43 -20.53 8.48
N ASP A 246 -19.38 -21.25 8.07
CA ASP A 246 -18.34 -21.66 9.02
C ASP A 246 -17.60 -20.45 9.57
N VAL A 247 -17.29 -19.48 8.71
CA VAL A 247 -16.61 -18.26 9.17
C VAL A 247 -17.50 -17.50 10.14
N ALA A 248 -18.81 -17.43 9.85
CA ALA A 248 -19.73 -16.76 10.75
C ALA A 248 -19.80 -17.45 12.10
N GLN A 249 -19.81 -18.80 12.09
CA GLN A 249 -19.81 -19.54 13.35
C GLN A 249 -18.52 -19.33 14.12
N CYS A 250 -17.39 -19.25 13.42
CA CYS A 250 -16.12 -19.00 14.11
C CYS A 250 -16.10 -17.61 14.72
N GLU A 251 -16.60 -16.61 13.98
CA GLU A 251 -16.75 -15.28 14.54
C GLU A 251 -17.61 -15.30 15.80
N LYS A 252 -18.74 -16.01 15.74
CA LYS A 252 -19.64 -16.09 16.88
C LYS A 252 -18.95 -16.68 18.09
N GLU A 253 -18.24 -17.80 17.90
CA GLU A 253 -17.58 -18.45 19.04
C GLU A 253 -16.43 -17.60 19.58
N MET A 254 -15.68 -16.94 18.70
CA MET A 254 -14.60 -16.05 19.14
C MET A 254 -15.16 -14.90 19.97
N GLU A 255 -16.22 -14.25 19.48
CA GLU A 255 -16.84 -13.18 20.24
C GLU A 255 -17.38 -13.69 21.58
N GLN A 256 -17.99 -14.88 21.59
CA GLN A 256 -18.50 -15.45 22.83
C GLN A 256 -17.39 -15.77 23.81
N ALA A 257 -16.15 -15.94 23.34
CA ALA A 257 -15.02 -16.11 24.24
C ALA A 257 -14.37 -14.79 24.64
N GLY A 258 -14.88 -13.66 24.14
CA GLY A 258 -14.29 -12.37 24.44
C GLY A 258 -13.20 -11.93 23.50
N LEU A 259 -12.96 -12.67 22.42
CA LEU A 259 -11.94 -12.32 21.46
C LEU A 259 -12.55 -11.53 20.31
N ARG A 260 -11.77 -10.59 19.79
CA ARG A 260 -12.16 -9.94 18.55
C ARG A 260 -11.86 -10.88 17.39
N PRO A 261 -12.85 -11.18 16.54
CA PRO A 261 -12.64 -12.19 15.48
C PRO A 261 -11.50 -11.82 14.54
N SER A 262 -10.52 -12.70 14.48
CA SER A 262 -9.36 -12.53 13.61
C SER A 262 -8.90 -13.92 13.21
N LEU A 263 -8.97 -14.23 11.92
CA LEU A 263 -8.70 -15.60 11.52
C LEU A 263 -8.01 -15.64 10.17
N MET A 264 -7.25 -16.71 9.97
CA MET A 264 -6.60 -17.02 8.70
C MET A 264 -7.19 -18.31 8.17
N VAL A 265 -7.40 -18.37 6.85
CA VAL A 265 -7.96 -19.55 6.21
C VAL A 265 -6.83 -20.31 5.52
N ASP A 266 -6.62 -21.55 5.97
CA ASP A 266 -5.71 -22.48 5.31
C ASP A 266 -6.43 -23.07 4.11
N CYS A 267 -5.92 -22.81 2.91
CA CYS A 267 -6.51 -23.34 1.68
C CYS A 267 -6.16 -24.81 1.45
N SER A 268 -5.18 -25.31 2.20
CA SER A 268 -4.72 -26.69 2.24
C SER A 268 -5.46 -27.49 3.30
N HIS A 269 -4.76 -28.42 3.96
CA HIS A 269 -5.11 -29.79 4.32
C HIS A 269 -6.59 -30.10 4.52
N GLY A 270 -7.26 -29.50 5.51
CA GLY A 270 -8.64 -29.91 5.74
C GLY A 270 -9.63 -29.27 4.82
N ASN A 271 -9.25 -28.16 4.20
CA ASN A 271 -10.14 -27.37 3.37
C ASN A 271 -10.03 -27.71 1.89
N SER A 272 -8.97 -28.39 1.48
CA SER A 272 -8.84 -28.89 0.13
C SER A 272 -8.95 -30.41 0.05
N ASN A 273 -9.15 -31.07 1.19
CA ASN A 273 -9.17 -32.54 1.27
C ASN A 273 -7.86 -33.13 0.74
N LYS A 274 -6.75 -32.43 1.00
CA LYS A 274 -5.42 -32.83 0.55
C LYS A 274 -5.37 -33.05 -0.96
N ASP A 275 -6.24 -32.36 -1.69
CA ASP A 275 -6.28 -32.35 -3.14
C ASP A 275 -5.85 -30.96 -3.60
N TYR A 276 -4.67 -30.87 -4.21
CA TYR A 276 -4.12 -29.57 -4.58
C TYR A 276 -5.06 -28.79 -5.49
N ARG A 277 -5.75 -29.50 -6.39
CA ARG A 277 -6.64 -28.85 -7.36
C ARG A 277 -7.71 -28.00 -6.69
N ARG A 278 -7.99 -28.22 -5.41
CA ARG A 278 -9.04 -27.50 -4.71
C ARG A 278 -8.52 -26.29 -3.92
N GLN A 279 -7.20 -26.13 -3.80
CA GLN A 279 -6.67 -24.98 -3.08
C GLN A 279 -7.12 -23.64 -3.67
N PRO A 280 -7.02 -23.39 -4.98
CA PRO A 280 -7.43 -22.06 -5.49
C PRO A 280 -8.86 -21.70 -5.16
N ALA A 281 -9.80 -22.61 -5.38
CA ALA A 281 -11.21 -22.33 -5.09
C ALA A 281 -11.37 -21.80 -3.67
N VAL A 282 -10.77 -22.49 -2.69
CA VAL A 282 -10.80 -22.02 -1.31
C VAL A 282 -10.39 -20.55 -1.24
N ALA A 283 -9.19 -20.25 -1.75
CA ALA A 283 -8.70 -18.88 -1.72
C ALA A 283 -9.72 -17.94 -2.35
N GLU A 284 -10.24 -18.33 -3.52
CA GLU A 284 -11.20 -17.46 -4.19
C GLU A 284 -12.43 -17.24 -3.34
N SER A 285 -12.93 -18.30 -2.71
CA SER A 285 -14.05 -18.14 -1.77
C SER A 285 -13.75 -17.07 -0.74
N VAL A 286 -12.55 -17.15 -0.13
CA VAL A 286 -12.16 -16.15 0.86
C VAL A 286 -12.26 -14.76 0.25
N VAL A 287 -11.68 -14.59 -0.94
CA VAL A 287 -11.78 -13.31 -1.65
C VAL A 287 -13.22 -12.87 -1.76
N ALA A 288 -14.10 -13.77 -2.23
CA ALA A 288 -15.51 -13.42 -2.36
C ALA A 288 -16.07 -12.94 -1.03
N GLN A 289 -15.74 -13.65 0.06
CA GLN A 289 -16.27 -13.26 1.36
C GLN A 289 -15.81 -11.86 1.75
N ILE A 290 -14.56 -11.53 1.43
CA ILE A 290 -14.07 -10.19 1.74
C ILE A 290 -14.79 -9.17 0.87
N LYS A 291 -15.10 -9.53 -0.38
CA LYS A 291 -15.82 -8.59 -1.24
C LYS A 291 -17.23 -8.34 -0.77
N ASP A 292 -17.82 -9.28 -0.03
CA ASP A 292 -19.17 -9.16 0.47
C ASP A 292 -19.24 -8.64 1.90
N GLY A 293 -18.16 -8.04 2.39
CA GLY A 293 -18.18 -7.35 3.66
C GLY A 293 -17.55 -8.05 4.84
N ASN A 294 -16.84 -9.15 4.62
CA ASN A 294 -16.22 -9.84 5.74
C ASN A 294 -15.13 -8.98 6.36
N ARG A 295 -15.04 -9.00 7.70
CA ARG A 295 -14.02 -8.27 8.43
C ARG A 295 -13.12 -9.15 9.27
N SER A 296 -13.46 -10.42 9.48
CA SER A 296 -12.68 -11.29 10.35
C SER A 296 -11.51 -11.96 9.64
N ILE A 297 -11.62 -12.22 8.35
CA ILE A 297 -10.58 -12.95 7.62
C ILE A 297 -9.40 -12.03 7.37
N ILE A 298 -8.27 -12.34 7.99
CA ILE A 298 -7.09 -11.50 7.93
C ILE A 298 -5.97 -12.10 7.08
N GLY A 299 -6.06 -13.37 6.72
CA GLY A 299 -4.96 -14.00 6.03
C GLY A 299 -5.35 -15.30 5.38
N LEU A 300 -4.42 -15.81 4.57
CA LEU A 300 -4.53 -17.05 3.85
C LEU A 300 -3.23 -17.83 4.03
N MET A 301 -3.35 -19.16 3.99
CA MET A 301 -2.19 -20.05 3.98
C MET A 301 -2.30 -20.94 2.75
N ILE A 302 -1.21 -21.05 2.00
CA ILE A 302 -1.18 -21.78 0.74
C ILE A 302 0.08 -22.64 0.70
N GLU A 303 -0.12 -23.95 0.47
CA GLU A 303 0.97 -24.89 0.27
C GLU A 303 1.32 -24.92 -1.21
N SER A 304 2.54 -24.49 -1.54
CA SER A 304 2.91 -24.23 -2.93
C SER A 304 4.38 -24.53 -3.15
N ASN A 305 4.67 -25.34 -4.17
CA ASN A 305 6.03 -25.69 -4.53
C ASN A 305 6.28 -25.33 -5.99
N ILE A 306 7.52 -25.55 -6.43
CA ILE A 306 7.85 -25.33 -7.84
C ILE A 306 7.00 -26.22 -8.74
N HIS A 307 6.78 -27.45 -8.32
CA HIS A 307 5.96 -28.39 -9.07
C HIS A 307 4.79 -28.89 -8.21
N GLU A 308 3.88 -29.59 -8.87
CA GLU A 308 2.58 -29.96 -8.35
C GLU A 308 2.56 -31.43 -7.95
N GLY A 309 1.50 -31.81 -7.24
CA GLY A 309 1.22 -33.18 -6.82
C GLY A 309 2.30 -34.25 -6.96
N ASP A 328 1.96 -35.38 -2.12
CA ASP A 328 1.89 -33.97 -1.74
C ASP A 328 0.70 -33.26 -2.35
N ALA A 329 0.09 -32.38 -1.55
CA ALA A 329 -1.03 -31.56 -1.97
C ALA A 329 -0.58 -30.16 -2.33
N CYS A 330 0.69 -29.97 -2.63
CA CYS A 330 1.18 -28.67 -3.05
C CYS A 330 0.74 -28.30 -4.45
N ILE A 331 0.41 -27.02 -4.62
CA ILE A 331 0.12 -26.50 -5.94
C ILE A 331 1.41 -26.06 -6.62
N SER A 332 1.36 -25.95 -7.94
CA SER A 332 2.53 -25.56 -8.70
C SER A 332 2.80 -24.07 -8.52
N TRP A 333 3.99 -23.65 -8.95
CA TRP A 333 4.33 -22.23 -8.88
C TRP A 333 3.47 -21.42 -9.83
N GLU A 334 3.09 -22.00 -10.96
CA GLU A 334 2.28 -21.29 -11.93
C GLU A 334 0.86 -21.09 -11.43
N MET A 335 0.27 -22.14 -10.85
CA MET A 335 -0.99 -22.00 -10.14
C MET A 335 -0.88 -20.95 -9.04
N THR A 336 0.21 -20.97 -8.27
CA THR A 336 0.39 -20.01 -7.18
C THR A 336 0.45 -18.58 -7.71
N ASP A 337 1.28 -18.36 -8.73
CA ASP A 337 1.44 -17.04 -9.33
C ASP A 337 0.11 -16.53 -9.86
N ALA A 338 -0.58 -17.36 -10.65
CA ALA A 338 -1.88 -16.96 -11.21
C ALA A 338 -2.87 -16.65 -10.09
N LEU A 339 -2.93 -17.50 -9.06
CA LEU A 339 -3.90 -17.32 -7.99
C LEU A 339 -3.63 -16.04 -7.22
N LEU A 340 -2.37 -15.80 -6.86
CA LEU A 340 -2.05 -14.60 -6.09
C LEU A 340 -2.29 -13.35 -6.91
N ARG A 341 -1.93 -13.37 -8.20
CA ARG A 341 -2.22 -12.21 -9.03
C ARG A 341 -3.71 -11.98 -9.15
N GLU A 342 -4.50 -13.02 -9.37
CA GLU A 342 -5.95 -12.85 -9.49
C GLU A 342 -6.55 -12.32 -8.20
N ILE A 343 -6.10 -12.84 -7.05
CA ILE A 343 -6.55 -12.32 -5.76
C ILE A 343 -6.25 -10.83 -5.66
N HIS A 344 -5.00 -10.45 -5.99
CA HIS A 344 -4.59 -9.06 -5.95
C HIS A 344 -5.46 -8.19 -6.86
N GLN A 345 -5.80 -8.70 -8.05
CA GLN A 345 -6.67 -7.93 -8.95
C GLN A 345 -8.06 -7.76 -8.34
N ASP A 346 -8.58 -8.81 -7.70
CA ASP A 346 -9.95 -8.77 -7.20
C ASP A 346 -10.10 -7.91 -5.94
N LEU A 347 -9.05 -7.76 -5.13
CA LEU A 347 -9.18 -7.24 -3.77
C LEU A 347 -9.04 -5.72 -3.64
N ASN A 348 -8.52 -5.04 -4.66
CA ASN A 348 -7.89 -3.73 -4.54
C ASN A 348 -8.52 -2.78 -3.52
N GLY A 349 -9.83 -2.57 -3.60
CA GLY A 349 -10.46 -1.51 -2.84
C GLY A 349 -11.14 -1.92 -1.55
N GLN A 350 -11.65 -3.15 -1.49
CA GLN A 350 -12.47 -3.57 -0.35
C GLN A 350 -11.68 -3.67 0.94
N LEU A 351 -10.35 -3.75 0.87
CA LEU A 351 -9.57 -4.02 2.08
C LEU A 351 -9.35 -2.77 2.92
N THR A 352 -9.06 -1.64 2.29
CA THR A 352 -8.93 -0.39 3.04
C THR A 352 -10.26 0.10 3.58
N ALA A 353 -11.38 -0.43 3.07
CA ALA A 353 -12.70 -0.02 3.55
C ALA A 353 -13.05 -0.61 4.91
N ARG A 354 -12.37 -1.68 5.33
CA ARG A 354 -12.69 -2.30 6.61
C ARG A 354 -12.12 -1.51 7.78
N VAL A 355 -10.85 -1.13 7.70
CA VAL A 355 -10.15 -0.49 8.82
C VAL A 355 -10.57 0.97 9.00
N ASP B 4 25.25 44.41 1.62
CA ASP B 4 25.80 44.14 0.29
C ASP B 4 25.39 45.22 -0.70
N ALA B 5 26.34 45.66 -1.52
CA ALA B 5 26.08 46.71 -2.49
C ALA B 5 25.36 46.20 -3.74
N LEU B 6 25.39 44.90 -3.98
CA LEU B 6 24.81 44.32 -5.20
C LEU B 6 23.65 43.37 -4.94
N ASN B 7 23.61 42.71 -3.78
CA ASN B 7 22.63 41.68 -3.50
C ASN B 7 21.59 42.21 -2.52
N ASN B 8 20.31 42.04 -2.86
CA ASN B 8 19.19 42.33 -1.97
C ASN B 8 19.17 43.79 -1.53
N VAL B 9 19.57 44.68 -2.45
CA VAL B 9 19.54 46.11 -2.17
C VAL B 9 18.12 46.56 -1.85
N HIS B 10 17.13 45.98 -2.53
CA HIS B 10 15.73 46.35 -2.36
C HIS B 10 14.93 45.25 -1.66
N ILE B 11 15.60 44.42 -0.87
CA ILE B 11 14.94 43.37 -0.10
C ILE B 11 15.24 43.61 1.37
N THR B 12 14.19 43.70 2.19
CA THR B 12 14.31 44.06 3.60
C THR B 12 14.07 42.91 4.55
N ASP B 13 13.33 41.88 4.14
CA ASP B 13 13.05 40.75 5.01
C ASP B 13 12.95 39.49 4.16
N GLU B 14 13.21 38.36 4.81
CA GLU B 14 13.26 37.07 4.12
C GLU B 14 13.03 35.97 5.14
N GLN B 15 11.94 35.23 4.98
CA GLN B 15 11.58 34.16 5.91
C GLN B 15 11.36 32.86 5.16
N VAL B 16 11.90 31.77 5.70
CA VAL B 16 11.76 30.46 5.09
C VAL B 16 10.31 30.01 5.19
N LEU B 17 9.75 29.56 4.07
CA LEU B 17 8.37 29.10 4.04
C LEU B 17 8.26 27.72 4.68
N MET B 18 7.10 27.47 5.31
CA MET B 18 6.77 26.12 5.76
C MET B 18 6.91 25.15 4.59
N THR B 19 7.56 24.02 4.84
CA THR B 19 7.86 23.06 3.79
C THR B 19 6.66 22.17 3.48
N PRO B 20 6.66 21.52 2.31
CA PRO B 20 5.57 20.56 2.03
C PRO B 20 5.46 19.46 3.07
N GLU B 21 6.58 18.93 3.54
CA GLU B 21 6.52 17.87 4.55
C GLU B 21 5.86 18.35 5.83
N GLN B 22 6.15 19.59 6.25
CA GLN B 22 5.54 20.11 7.47
C GLN B 22 4.04 20.35 7.26
N LEU B 23 3.66 20.88 6.10
CA LEU B 23 2.23 21.05 5.80
C LEU B 23 1.49 19.72 5.85
N LYS B 24 2.07 18.70 5.23
CA LYS B 24 1.39 17.40 5.18
C LYS B 24 1.40 16.71 6.54
N ALA B 25 2.43 16.94 7.35
CA ALA B 25 2.42 16.43 8.73
C ALA B 25 1.31 17.10 9.54
N ALA B 26 1.12 18.40 9.33
CA ALA B 26 0.04 19.09 10.03
C ALA B 26 -1.33 18.66 9.53
N PHE B 27 -1.47 18.41 8.23
CA PHE B 27 -2.74 18.04 7.61
C PHE B 27 -2.56 16.77 6.80
N PRO B 28 -2.47 15.61 7.46
CA PRO B 28 -2.20 14.36 6.74
C PRO B 28 -3.46 13.72 6.18
N LEU B 29 -3.25 12.84 5.21
CA LEU B 29 -4.33 12.08 4.60
C LEU B 29 -4.57 10.79 5.38
N SER B 30 -5.82 10.37 5.45
CA SER B 30 -6.15 9.09 6.04
C SER B 30 -6.00 7.97 5.01
N LEU B 31 -6.04 6.73 5.50
CA LEU B 31 -6.01 5.57 4.62
C LEU B 31 -7.18 5.61 3.64
N GLN B 32 -8.37 5.89 4.15
CA GLN B 32 -9.56 5.94 3.31
C GLN B 32 -9.46 7.05 2.27
N GLN B 33 -8.98 8.22 2.67
CA GLN B 33 -8.86 9.33 1.73
C GLN B 33 -7.83 9.04 0.64
N GLU B 34 -6.68 8.47 1.02
CA GLU B 34 -5.65 8.13 0.03
C GLU B 34 -6.17 7.07 -0.94
N ALA B 35 -6.89 6.07 -0.43
CA ALA B 35 -7.49 5.07 -1.31
C ALA B 35 -8.52 5.69 -2.25
N GLN B 36 -9.33 6.61 -1.73
CA GLN B 36 -10.32 7.28 -2.57
C GLN B 36 -9.65 8.07 -3.69
N ILE B 37 -8.58 8.80 -3.36
CA ILE B 37 -7.91 9.62 -4.37
C ILE B 37 -7.24 8.74 -5.42
N ALA B 38 -6.57 7.67 -5.00
CA ALA B 38 -5.99 6.74 -5.97
C ALA B 38 -7.06 6.13 -6.86
N ASP B 39 -8.20 5.78 -6.28
CA ASP B 39 -9.27 5.18 -7.07
C ASP B 39 -9.82 6.15 -8.11
N SER B 40 -10.00 7.42 -7.71
CA SER B 40 -10.50 8.41 -8.66
C SER B 40 -9.48 8.70 -9.76
N ARG B 41 -8.18 8.74 -9.40
CA ARG B 41 -7.14 8.89 -10.41
C ARG B 41 -7.19 7.75 -11.42
N LYS B 42 -7.38 6.53 -10.93
CA LYS B 42 -7.43 5.38 -11.84
C LYS B 42 -8.68 5.42 -12.70
N SER B 43 -9.81 5.86 -12.14
CA SER B 43 -11.03 5.98 -12.93
C SER B 43 -10.88 7.01 -14.05
N ILE B 44 -10.28 8.16 -13.73
CA ILE B 44 -10.03 9.17 -14.76
C ILE B 44 -9.06 8.64 -15.81
N SER B 45 -8.05 7.88 -15.37
CA SER B 45 -7.14 7.24 -16.32
C SER B 45 -7.87 6.30 -17.26
N ASP B 46 -8.78 5.48 -16.72
CA ASP B 46 -9.55 4.56 -17.55
C ASP B 46 -10.41 5.32 -18.54
N ILE B 47 -11.04 6.41 -18.10
CA ILE B 47 -11.84 7.23 -19.02
C ILE B 47 -10.96 7.74 -20.16
N ILE B 48 -9.83 8.36 -19.82
CA ILE B 48 -8.95 8.93 -20.85
C ILE B 48 -8.48 7.85 -21.82
N ALA B 49 -8.15 6.66 -21.30
CA ALA B 49 -7.67 5.59 -22.15
C ALA B 49 -8.78 4.94 -22.97
N GLY B 50 -10.04 5.17 -22.63
CA GLY B 50 -11.15 4.53 -23.31
C GLY B 50 -11.60 3.23 -22.71
N ARG B 51 -11.11 2.87 -21.53
CA ARG B 51 -11.58 1.67 -20.85
C ARG B 51 -12.88 1.92 -20.10
N ASP B 52 -13.08 3.15 -19.62
CA ASP B 52 -14.32 3.55 -18.98
C ASP B 52 -15.14 4.35 -19.97
N PRO B 53 -16.34 3.90 -20.35
CA PRO B 53 -17.11 4.63 -21.37
C PRO B 53 -17.66 5.96 -20.89
N ARG B 54 -17.66 6.21 -19.59
CA ARG B 54 -18.26 7.44 -19.07
C ARG B 54 -17.46 8.66 -19.51
N LEU B 55 -18.16 9.80 -19.54
CA LEU B 55 -17.56 11.07 -19.93
C LEU B 55 -16.98 11.75 -18.69
N LEU B 56 -15.73 12.22 -18.81
CA LEU B 56 -15.10 12.95 -17.73
C LEU B 56 -15.60 14.40 -17.74
N VAL B 57 -16.16 14.86 -16.63
CA VAL B 57 -16.73 16.20 -16.55
C VAL B 57 -16.03 16.94 -15.40
N VAL B 58 -15.14 17.87 -15.75
CA VAL B 58 -14.52 18.75 -14.77
C VAL B 58 -15.36 20.01 -14.72
N CYS B 59 -15.96 20.28 -13.56
CA CYS B 59 -16.92 21.36 -13.45
C CYS B 59 -16.76 22.07 -12.12
N GLY B 60 -16.89 23.39 -12.13
CA GLY B 60 -16.87 24.13 -10.89
C GLY B 60 -16.58 25.61 -11.02
N PRO B 61 -16.42 26.28 -9.87
CA PRO B 61 -16.31 27.73 -9.86
C PRO B 61 -15.14 28.23 -10.71
N CYS B 62 -15.33 29.43 -11.28
CA CYS B 62 -14.27 30.08 -12.02
C CYS B 62 -13.00 30.18 -11.17
N SER B 63 -13.16 30.53 -9.90
CA SER B 63 -12.09 30.43 -8.91
C SER B 63 -12.74 30.37 -7.54
N ILE B 64 -12.00 29.86 -6.57
CA ILE B 64 -12.51 29.69 -5.21
C ILE B 64 -12.04 30.87 -4.37
N HIS B 65 -12.98 31.70 -3.95
CA HIS B 65 -12.68 32.82 -3.06
C HIS B 65 -12.74 32.41 -1.59
N ASP B 66 -13.57 31.44 -1.25
CA ASP B 66 -13.83 31.17 0.15
C ASP B 66 -14.18 29.71 0.42
N PRO B 67 -13.65 29.14 1.52
CA PRO B 67 -13.98 27.74 1.84
C PRO B 67 -15.47 27.48 2.01
N GLU B 68 -16.23 28.39 2.61
CA GLU B 68 -17.64 28.10 2.85
C GLU B 68 -18.43 28.03 1.56
N THR B 69 -18.19 28.98 0.64
CA THR B 69 -18.84 28.91 -0.67
C THR B 69 -18.43 27.65 -1.42
N ALA B 70 -17.16 27.26 -1.28
CA ALA B 70 -16.69 26.03 -1.92
C ALA B 70 -17.44 24.81 -1.41
N LEU B 71 -17.63 24.72 -0.09
CA LEU B 71 -18.34 23.59 0.49
C LEU B 71 -19.82 23.61 0.13
N GLU B 72 -20.42 24.81 0.09
CA GLU B 72 -21.80 24.95 -0.35
C GLU B 72 -21.98 24.42 -1.76
N TYR B 73 -21.10 24.82 -2.67
CA TYR B 73 -21.13 24.28 -4.03
C TYR B 73 -20.91 22.77 -4.02
N ALA B 74 -19.96 22.31 -3.21
CA ALA B 74 -19.60 20.90 -3.18
C ALA B 74 -20.77 20.03 -2.78
N ARG B 75 -21.59 20.49 -1.84
CA ARG B 75 -22.68 19.64 -1.36
C ARG B 75 -23.70 19.35 -2.45
N ARG B 76 -24.04 20.35 -3.26
CA ARG B 76 -24.92 20.11 -4.40
C ARG B 76 -24.22 19.30 -5.48
N PHE B 77 -22.93 19.59 -5.71
CA PHE B 77 -22.19 18.92 -6.76
C PHE B 77 -22.12 17.42 -6.51
N LYS B 78 -21.94 17.03 -5.24
CA LYS B 78 -21.83 15.61 -4.91
C LYS B 78 -23.13 14.86 -5.21
N ALA B 79 -24.28 15.45 -4.84
CA ALA B 79 -25.55 14.79 -5.12
C ALA B 79 -25.78 14.67 -6.63
N LEU B 80 -25.56 15.77 -7.36
CA LEU B 80 -25.69 15.73 -8.82
C LEU B 80 -24.79 14.63 -9.40
N ALA B 81 -23.52 14.59 -8.98
CA ALA B 81 -22.60 13.58 -9.46
C ALA B 81 -23.08 12.19 -9.13
N ALA B 82 -23.66 12.00 -7.94
CA ALA B 82 -24.16 10.70 -7.55
C ALA B 82 -25.23 10.21 -8.51
N GLU B 83 -26.14 11.10 -8.91
CA GLU B 83 -27.25 10.61 -9.72
C GLU B 83 -26.98 10.65 -11.23
N VAL B 84 -25.83 11.16 -11.68
CA VAL B 84 -25.47 11.11 -13.09
C VAL B 84 -24.29 10.19 -13.34
N SER B 85 -23.90 9.39 -12.35
CA SER B 85 -22.61 8.69 -12.35
C SER B 85 -22.56 7.48 -13.28
N ASP B 86 -23.67 7.08 -13.89
CA ASP B 86 -23.61 5.96 -14.84
C ASP B 86 -23.19 6.41 -16.23
N SER B 87 -23.21 7.72 -16.50
CA SER B 87 -22.84 8.25 -17.81
C SER B 87 -21.73 9.28 -17.65
N LEU B 88 -21.75 10.04 -16.56
CA LEU B 88 -20.84 11.17 -16.36
C LEU B 88 -20.07 10.97 -15.07
N TYR B 89 -18.76 11.22 -15.15
CA TYR B 89 -17.87 11.17 -13.99
C TYR B 89 -17.51 12.59 -13.63
N LEU B 90 -18.14 13.11 -12.58
CA LEU B 90 -17.98 14.52 -12.21
C LEU B 90 -16.74 14.72 -11.35
N VAL B 91 -15.98 15.76 -11.67
CA VAL B 91 -14.78 16.13 -10.94
C VAL B 91 -14.85 17.63 -10.71
N MET B 92 -14.81 18.04 -9.45
CA MET B 92 -14.98 19.46 -9.15
C MET B 92 -13.65 20.17 -9.30
N ARG B 93 -13.63 21.23 -10.11
CA ARG B 93 -12.40 22.00 -10.26
C ARG B 93 -12.26 22.95 -9.09
N VAL B 94 -11.12 22.88 -8.41
CA VAL B 94 -10.82 23.72 -7.26
C VAL B 94 -9.62 24.57 -7.66
N TYR B 95 -9.90 25.74 -8.23
CA TYR B 95 -8.87 26.70 -8.58
C TYR B 95 -8.91 27.81 -7.54
N PHE B 96 -7.83 27.96 -6.79
CA PHE B 96 -7.77 29.01 -5.79
C PHE B 96 -7.43 30.38 -6.39
N GLU B 97 -7.35 30.47 -7.72
CA GLU B 97 -6.74 31.62 -8.36
C GLU B 97 -7.23 31.73 -9.80
N LYS B 98 -6.82 32.79 -10.47
CA LYS B 98 -7.12 33.07 -11.87
C LYS B 98 -5.81 33.30 -12.62
N PRO B 99 -5.41 32.37 -13.51
CA PRO B 99 -4.24 32.64 -14.35
C PRO B 99 -4.40 33.94 -15.14
N ARG B 100 -3.26 34.56 -15.47
CA ARG B 100 -3.18 35.76 -16.29
C ARG B 100 -3.89 36.99 -15.70
N THR B 101 -3.32 37.58 -14.64
CA THR B 101 -3.82 38.83 -14.08
C THR B 101 -2.64 39.70 -13.63
N THR B 102 -2.84 41.02 -13.62
CA THR B 102 -1.81 41.96 -13.16
C THR B 102 -2.21 42.77 -11.93
N VAL B 103 -3.49 43.08 -11.73
CA VAL B 103 -3.97 43.80 -10.55
C VAL B 103 -5.17 43.07 -9.98
N GLY B 104 -5.29 43.06 -8.66
CA GLY B 104 -6.38 42.41 -7.96
C GLY B 104 -5.89 41.57 -6.80
N TRP B 105 -6.85 41.08 -6.03
CA TRP B 105 -6.54 40.19 -4.90
C TRP B 105 -5.84 38.94 -5.39
N LYS B 106 -4.74 38.59 -4.75
CA LYS B 106 -3.87 37.50 -5.23
C LYS B 106 -4.40 36.12 -4.91
N GLY B 107 -5.55 36.00 -4.25
CA GLY B 107 -6.21 34.73 -4.06
C GLY B 107 -6.15 34.22 -2.63
N LEU B 108 -6.83 33.08 -2.43
CA LEU B 108 -6.98 32.53 -1.09
C LEU B 108 -5.65 32.02 -0.54
N ILE B 109 -4.81 31.44 -1.40
CA ILE B 109 -3.54 30.88 -0.92
C ILE B 109 -2.53 31.99 -0.65
N ASN B 110 -2.39 32.92 -1.57
CA ASN B 110 -1.34 33.93 -1.46
C ASN B 110 -1.71 35.02 -0.44
N ASP B 111 -2.97 35.41 -0.38
CA ASP B 111 -3.42 36.47 0.52
C ASP B 111 -4.74 36.05 1.17
N PRO B 112 -4.68 35.12 2.14
CA PRO B 112 -5.93 34.62 2.72
C PRO B 112 -6.69 35.67 3.52
N HIS B 113 -6.02 36.67 4.07
CA HIS B 113 -6.68 37.68 4.88
C HIS B 113 -7.25 38.84 4.06
N MET B 114 -7.13 38.80 2.73
CA MET B 114 -7.69 39.82 1.84
C MET B 114 -7.23 41.21 2.22
N ASP B 115 -5.94 41.36 2.41
CA ASP B 115 -5.40 42.60 2.91
C ASP B 115 -4.09 43.01 2.27
N GLY B 116 -3.56 42.22 1.34
CA GLY B 116 -2.19 42.45 0.90
C GLY B 116 -1.13 42.06 1.91
N SER B 117 -1.49 41.25 2.91
CA SER B 117 -0.49 40.77 3.86
C SER B 117 0.39 39.68 3.28
N PHE B 118 -0.11 38.96 2.26
CA PHE B 118 0.63 37.89 1.59
C PHE B 118 1.07 36.82 2.58
N ASP B 119 0.11 36.32 3.35
CA ASP B 119 0.36 35.25 4.33
C ASP B 119 0.19 33.89 3.65
N VAL B 120 1.15 33.58 2.79
CA VAL B 120 1.12 32.33 2.02
C VAL B 120 1.09 31.12 2.95
N GLU B 121 1.76 31.21 4.10
CA GLU B 121 1.79 30.08 5.01
C GLU B 121 0.40 29.74 5.54
N ALA B 122 -0.37 30.75 5.94
CA ALA B 122 -1.73 30.49 6.39
C ALA B 122 -2.62 30.07 5.23
N GLY B 123 -2.39 30.64 4.04
CA GLY B 123 -3.19 30.28 2.89
C GLY B 123 -3.04 28.82 2.51
N LEU B 124 -1.82 28.30 2.59
CA LEU B 124 -1.60 26.89 2.26
C LEU B 124 -2.36 25.98 3.22
N GLN B 125 -2.40 26.33 4.51
CA GLN B 125 -3.11 25.50 5.47
C GLN B 125 -4.62 25.58 5.26
N ILE B 126 -5.14 26.78 5.03
CA ILE B 126 -6.57 26.93 4.73
C ILE B 126 -6.93 26.12 3.50
N ALA B 127 -6.13 26.24 2.44
CA ALA B 127 -6.39 25.51 1.21
C ALA B 127 -6.36 24.00 1.45
N ARG B 128 -5.34 23.51 2.16
CA ARG B 128 -5.23 22.06 2.34
C ARG B 128 -6.35 21.52 3.21
N LYS B 129 -6.78 22.26 4.23
CA LYS B 129 -7.90 21.79 5.04
C LYS B 129 -9.20 21.78 4.22
N LEU B 130 -9.43 22.83 3.43
CA LEU B 130 -10.59 22.82 2.54
C LEU B 130 -10.56 21.63 1.60
N LEU B 131 -9.40 21.35 1.00
CA LEU B 131 -9.27 20.23 0.09
C LEU B 131 -9.51 18.91 0.80
N LEU B 132 -8.99 18.76 2.02
CA LEU B 132 -9.20 17.53 2.77
C LEU B 132 -10.68 17.31 3.06
N GLU B 133 -11.40 18.37 3.42
CA GLU B 133 -12.83 18.21 3.66
C GLU B 133 -13.59 17.93 2.36
N LEU B 134 -13.14 18.50 1.25
CA LEU B 134 -13.78 18.18 -0.03
C LEU B 134 -13.56 16.72 -0.41
N VAL B 135 -12.35 16.21 -0.16
CA VAL B 135 -12.07 14.79 -0.39
C VAL B 135 -12.93 13.93 0.51
N ASN B 136 -13.06 14.33 1.79
CA ASN B 136 -13.90 13.60 2.73
C ASN B 136 -15.35 13.54 2.27
N MET B 137 -15.81 14.55 1.54
CA MET B 137 -17.15 14.53 0.98
C MET B 137 -17.28 13.58 -0.21
N GLY B 138 -16.20 12.95 -0.64
CA GLY B 138 -16.26 12.01 -1.74
C GLY B 138 -16.11 12.60 -3.11
N LEU B 139 -15.52 13.77 -3.23
CA LEU B 139 -15.43 14.42 -4.53
C LEU B 139 -14.02 14.31 -5.09
N PRO B 140 -13.86 13.83 -6.32
CA PRO B 140 -12.57 13.98 -7.00
C PRO B 140 -12.34 15.44 -7.34
N LEU B 141 -11.07 15.87 -7.27
CA LEU B 141 -10.73 17.27 -7.39
C LEU B 141 -9.78 17.50 -8.55
N ALA B 142 -9.91 18.68 -9.19
CA ALA B 142 -9.15 19.05 -10.36
C ALA B 142 -8.42 20.36 -10.09
N THR B 143 -7.19 20.48 -10.62
CA THR B 143 -6.39 21.69 -10.46
C THR B 143 -5.79 22.09 -11.80
N GLU B 144 -5.05 23.20 -11.79
CA GLU B 144 -4.18 23.59 -12.90
C GLU B 144 -2.79 23.81 -12.35
N ALA B 145 -1.81 23.11 -12.91
CA ALA B 145 -0.43 23.19 -12.45
C ALA B 145 0.24 24.42 -13.07
N LEU B 146 0.41 25.49 -12.27
CA LEU B 146 0.98 26.74 -12.75
C LEU B 146 2.39 27.01 -12.24
N ASP B 147 2.93 26.18 -11.36
CA ASP B 147 4.24 26.40 -10.78
C ASP B 147 4.78 25.06 -10.28
N PRO B 148 6.09 24.96 -10.05
CA PRO B 148 6.65 23.69 -9.54
C PRO B 148 6.42 23.46 -8.06
N ASN B 149 6.01 24.48 -7.30
CA ASN B 149 5.90 24.36 -5.85
C ASN B 149 4.56 23.77 -5.41
N SER B 150 3.45 24.31 -5.93
CA SER B 150 2.14 23.88 -5.46
C SER B 150 1.87 22.38 -5.63
N PRO B 151 2.39 21.67 -6.65
CA PRO B 151 2.20 20.22 -6.65
C PRO B 151 2.75 19.55 -5.41
N GLN B 152 3.90 19.98 -4.89
CA GLN B 152 4.45 19.36 -3.70
C GLN B 152 3.58 19.62 -2.47
N TYR B 153 3.00 20.82 -2.37
CA TYR B 153 2.20 21.16 -1.20
C TYR B 153 0.83 20.51 -1.23
N LEU B 154 0.19 20.43 -2.41
CA LEU B 154 -1.23 20.08 -2.47
C LEU B 154 -1.61 19.01 -3.49
N GLY B 155 -0.67 18.47 -4.28
CA GLY B 155 -1.06 17.64 -5.41
C GLY B 155 -1.61 16.28 -5.02
N ASP B 156 -1.20 15.77 -3.86
CA ASP B 156 -1.71 14.48 -3.41
C ASP B 156 -3.22 14.48 -3.22
N LEU B 157 -3.83 15.66 -3.13
CA LEU B 157 -5.28 15.76 -2.94
C LEU B 157 -6.05 15.85 -4.25
N PHE B 158 -5.37 15.94 -5.39
CA PHE B 158 -6.02 16.14 -6.67
C PHE B 158 -5.95 14.89 -7.54
N SER B 159 -7.02 14.67 -8.31
CA SER B 159 -7.12 13.53 -9.20
C SER B 159 -6.92 13.88 -10.67
N TRP B 160 -6.78 15.15 -11.01
CA TRP B 160 -6.63 15.57 -12.39
C TRP B 160 -6.03 16.98 -12.42
N SER B 161 -5.17 17.23 -13.40
CA SER B 161 -4.51 18.53 -13.49
C SER B 161 -4.46 19.01 -14.94
N ALA B 162 -4.68 20.31 -15.12
CA ALA B 162 -4.53 20.95 -16.41
C ALA B 162 -3.15 21.60 -16.51
N ILE B 163 -2.59 21.56 -17.73
CA ILE B 163 -1.25 22.06 -18.01
C ILE B 163 -1.36 23.08 -19.14
N GLY B 164 -0.86 24.28 -18.89
CA GLY B 164 -0.87 25.35 -19.87
C GLY B 164 0.48 26.00 -20.06
N ALA B 165 0.48 27.24 -20.57
CA ALA B 165 1.72 27.88 -21.00
C ALA B 165 2.65 28.18 -19.83
N ARG B 166 2.12 28.39 -18.64
CA ARG B 166 3.00 28.70 -17.51
C ARG B 166 3.96 27.56 -17.22
N THR B 167 3.58 26.33 -17.56
CA THR B 167 4.45 25.18 -17.43
C THR B 167 5.22 24.92 -18.73
N THR B 168 4.51 24.83 -19.85
CA THR B 168 5.13 24.41 -21.11
C THR B 168 6.12 25.44 -21.65
N GLU B 169 5.87 26.72 -21.40
CA GLU B 169 6.78 27.77 -21.85
C GLU B 169 7.84 28.10 -20.81
N SER B 170 7.87 27.37 -19.70
CA SER B 170 8.84 27.66 -18.67
C SER B 170 10.18 27.00 -18.98
N GLN B 171 11.14 27.24 -18.10
CA GLN B 171 12.53 26.89 -18.28
C GLN B 171 12.92 25.67 -17.45
N THR B 172 12.71 25.77 -16.15
CA THR B 172 13.15 24.79 -15.19
C THR B 172 12.19 23.60 -15.07
N HIS B 173 10.92 23.79 -15.44
CA HIS B 173 9.91 22.75 -15.25
C HIS B 173 9.01 22.59 -16.47
N ARG B 174 9.56 22.80 -17.68
CA ARG B 174 8.76 22.63 -18.89
C ARG B 174 8.23 21.22 -19.01
N GLU B 175 8.94 20.24 -18.45
CA GLU B 175 8.55 18.84 -18.54
C GLU B 175 7.92 18.33 -17.24
N MET B 176 7.39 19.23 -16.40
CA MET B 176 6.88 18.82 -15.11
C MET B 176 5.76 17.80 -15.23
N ALA B 177 4.94 17.89 -16.28
CA ALA B 177 3.77 17.02 -16.40
C ALA B 177 4.18 15.56 -16.47
N SER B 178 5.35 15.27 -17.05
CA SER B 178 5.84 13.89 -17.12
C SER B 178 6.15 13.30 -15.75
N GLY B 179 6.12 14.11 -14.69
CA GLY B 179 6.41 13.63 -13.35
C GLY B 179 5.28 13.83 -12.37
N LEU B 180 4.12 14.26 -12.85
CA LEU B 180 2.95 14.38 -12.00
C LEU B 180 2.27 13.03 -11.84
N SER B 181 1.73 12.77 -10.65
CA SER B 181 1.16 11.47 -10.33
C SER B 181 -0.29 11.33 -10.78
N MET B 182 -0.88 12.35 -11.37
CA MET B 182 -2.28 12.37 -11.74
C MET B 182 -2.42 12.52 -13.25
N PRO B 183 -3.58 12.12 -13.80
CA PRO B 183 -3.85 12.40 -15.22
C PRO B 183 -3.85 13.90 -15.49
N VAL B 184 -3.43 14.26 -16.70
CA VAL B 184 -3.20 15.66 -17.06
C VAL B 184 -3.82 15.95 -18.43
N GLY B 185 -4.43 17.12 -18.54
CA GLY B 185 -4.96 17.62 -19.80
C GLY B 185 -4.19 18.86 -20.23
N PHE B 186 -3.81 18.89 -21.50
CA PHE B 186 -2.92 19.92 -22.04
C PHE B 186 -3.73 20.91 -22.88
N LYS B 187 -3.77 22.17 -22.44
CA LYS B 187 -4.54 23.18 -23.15
C LYS B 187 -3.80 23.66 -24.39
N ASN B 188 -4.56 23.93 -25.46
CA ASN B 188 -3.97 24.47 -26.66
C ASN B 188 -3.50 25.90 -26.42
N GLY B 189 -2.72 26.42 -27.37
CA GLY B 189 -2.15 27.75 -27.23
C GLY B 189 -3.23 28.83 -27.22
N THR B 190 -2.79 30.03 -26.81
CA THR B 190 -3.71 31.16 -26.77
C THR B 190 -4.19 31.54 -28.17
N ASP B 191 -3.35 31.35 -29.19
CA ASP B 191 -3.74 31.57 -30.58
C ASP B 191 -4.54 30.41 -31.15
N GLY B 192 -4.84 29.39 -30.34
CA GLY B 192 -5.50 28.19 -30.82
C GLY B 192 -4.58 27.15 -31.39
N SER B 193 -3.27 27.30 -31.21
CA SER B 193 -2.30 26.34 -31.73
C SER B 193 -2.52 24.98 -31.07
N LEU B 194 -2.80 23.97 -31.89
CA LEU B 194 -2.89 22.60 -31.39
C LEU B 194 -1.52 22.00 -31.14
N ALA B 195 -0.51 22.49 -31.87
CA ALA B 195 0.82 21.88 -31.81
C ALA B 195 1.40 21.95 -30.41
N THR B 196 1.19 23.07 -29.70
CA THR B 196 1.75 23.20 -28.36
C THR B 196 1.18 22.14 -27.43
N ALA B 197 -0.15 22.00 -27.40
CA ALA B 197 -0.78 20.99 -26.56
C ALA B 197 -0.36 19.59 -26.95
N ILE B 198 -0.35 19.30 -28.26
CA ILE B 198 -0.02 17.96 -28.72
C ILE B 198 1.43 17.60 -28.38
N ASN B 199 2.35 18.55 -28.57
CA ASN B 199 3.75 18.30 -28.25
C ASN B 199 3.96 18.14 -26.75
N ALA B 200 3.29 18.96 -25.94
CA ALA B 200 3.39 18.79 -24.49
C ALA B 200 2.87 17.43 -24.07
N MET B 201 1.74 16.99 -24.65
CA MET B 201 1.17 15.69 -24.31
C MET B 201 2.08 14.55 -24.73
N ARG B 202 2.65 14.63 -25.94
CA ARG B 202 3.59 13.61 -26.39
C ARG B 202 4.81 13.55 -25.49
N ALA B 203 5.36 14.71 -25.13
CA ALA B 203 6.55 14.76 -24.30
C ALA B 203 6.27 14.21 -22.90
N ALA B 204 5.08 14.49 -22.36
CA ALA B 204 4.77 14.11 -20.98
C ALA B 204 4.74 12.60 -20.77
N ALA B 205 4.51 11.82 -21.82
CA ALA B 205 4.57 10.37 -21.71
C ALA B 205 6.00 9.85 -21.63
N GLN B 206 7.01 10.69 -21.83
CA GLN B 206 8.40 10.29 -21.90
C GLN B 206 9.16 10.67 -20.63
N PRO B 207 10.26 9.98 -20.33
CA PRO B 207 11.08 10.36 -19.17
C PRO B 207 11.80 11.68 -19.40
N HIS B 208 11.77 12.54 -18.40
CA HIS B 208 12.39 13.87 -18.52
C HIS B 208 12.98 14.26 -17.16
N ARG B 209 13.61 15.43 -17.15
CA ARG B 209 14.10 16.04 -15.92
C ARG B 209 13.57 17.47 -15.84
N PHE B 210 13.28 17.90 -14.62
CA PHE B 210 12.83 19.27 -14.41
C PHE B 210 13.29 19.77 -13.04
N VAL B 211 13.32 21.09 -12.90
CA VAL B 211 13.72 21.73 -11.66
C VAL B 211 12.46 22.09 -10.88
N GLY B 212 12.34 21.52 -9.68
CA GLY B 212 11.25 21.84 -8.78
C GLY B 212 11.76 21.93 -7.36
N ILE B 213 11.01 21.40 -6.40
CA ILE B 213 11.46 21.37 -5.01
C ILE B 213 11.23 19.98 -4.45
N ASN B 214 12.02 19.62 -3.45
CA ASN B 214 11.80 18.39 -2.70
C ASN B 214 10.81 18.65 -1.57
N GLN B 215 10.47 17.60 -0.83
CA GLN B 215 9.51 17.74 0.25
C GLN B 215 10.03 18.61 1.40
N ALA B 216 11.33 18.86 1.44
CA ALA B 216 11.92 19.78 2.43
C ALA B 216 12.00 21.20 1.92
N GLY B 217 11.38 21.51 0.78
CA GLY B 217 11.37 22.86 0.28
C GLY B 217 12.65 23.36 -0.34
N GLN B 218 13.53 22.45 -0.76
CA GLN B 218 14.80 22.84 -1.38
C GLN B 218 14.71 22.70 -2.89
N VAL B 219 15.36 23.62 -3.60
CA VAL B 219 15.41 23.52 -5.07
C VAL B 219 16.08 22.22 -5.46
N ALA B 220 15.42 21.45 -6.32
CA ALA B 220 15.83 20.09 -6.60
C ALA B 220 15.66 19.78 -8.08
N LEU B 221 16.42 18.81 -8.55
CA LEU B 221 16.33 18.30 -9.92
C LEU B 221 15.67 16.94 -9.87
N LEU B 222 14.56 16.79 -10.58
CA LEU B 222 13.74 15.58 -10.54
C LEU B 222 13.79 14.87 -11.88
N GLN B 223 14.02 13.56 -11.81
CA GLN B 223 13.99 12.68 -12.98
C GLN B 223 12.66 11.95 -12.99
N THR B 224 11.97 12.00 -14.13
CA THR B 224 10.61 11.47 -14.22
C THR B 224 10.58 10.18 -15.03
N GLN B 225 9.48 9.44 -14.86
CA GLN B 225 9.19 8.25 -15.63
C GLN B 225 8.41 8.51 -16.90
N GLY B 226 7.74 9.65 -16.99
CA GLY B 226 6.72 9.85 -17.98
C GLY B 226 5.34 9.62 -17.40
N ASN B 227 4.35 10.33 -17.94
CA ASN B 227 2.97 10.25 -17.48
C ASN B 227 2.10 9.72 -18.63
N PRO B 228 1.52 8.53 -18.51
CA PRO B 228 0.77 7.96 -19.65
C PRO B 228 -0.67 8.46 -19.77
N ASP B 229 -1.19 9.17 -18.77
CA ASP B 229 -2.61 9.55 -18.74
C ASP B 229 -2.79 11.00 -19.18
N GLY B 230 -2.54 11.24 -20.45
CA GLY B 230 -2.62 12.57 -21.02
C GLY B 230 -3.73 12.71 -22.04
N HIS B 231 -4.23 13.93 -22.19
CA HIS B 231 -5.21 14.27 -23.22
C HIS B 231 -5.08 15.75 -23.52
N VAL B 232 -5.69 16.18 -24.62
CA VAL B 232 -5.67 17.58 -25.03
C VAL B 232 -6.94 18.25 -24.51
N ILE B 233 -6.86 19.55 -24.24
CA ILE B 233 -8.01 20.36 -23.87
C ILE B 233 -8.21 21.42 -24.96
N LEU B 234 -9.32 21.33 -25.68
CA LEU B 234 -9.70 22.35 -26.66
C LEU B 234 -10.44 23.46 -25.92
N ARG B 235 -9.82 24.64 -25.86
CA ARG B 235 -10.39 25.76 -25.11
C ARG B 235 -10.46 27.03 -25.94
N GLY B 236 -10.39 26.91 -27.26
CA GLY B 236 -10.52 28.06 -28.14
C GLY B 236 -9.23 28.84 -28.27
N GLY B 237 -9.25 29.76 -29.23
CA GLY B 237 -8.14 30.63 -29.58
C GLY B 237 -8.66 31.98 -30.02
N LYS B 238 -8.24 32.43 -31.21
CA LYS B 238 -8.93 33.54 -31.86
C LYS B 238 -10.42 33.21 -31.96
N ALA B 239 -10.76 32.13 -32.67
CA ALA B 239 -12.07 31.56 -32.84
C ALA B 239 -12.23 30.31 -31.98
N PRO B 240 -13.45 29.96 -31.58
CA PRO B 240 -13.65 28.70 -30.85
C PRO B 240 -13.19 27.52 -31.69
N ASN B 241 -12.87 26.43 -30.99
CA ASN B 241 -12.33 25.25 -31.68
C ASN B 241 -12.99 23.97 -31.18
N TYR B 242 -14.29 24.03 -30.91
CA TYR B 242 -15.05 22.84 -30.54
C TYR B 242 -15.85 22.25 -31.68
N SER B 243 -15.89 22.93 -32.84
CA SER B 243 -16.67 22.47 -33.98
C SER B 243 -16.15 21.13 -34.49
N PRO B 244 -17.00 20.36 -35.18
CA PRO B 244 -16.54 19.07 -35.74
C PRO B 244 -15.31 19.18 -36.62
N ALA B 245 -15.15 20.28 -37.35
CA ALA B 245 -13.95 20.45 -38.17
C ALA B 245 -12.70 20.61 -37.30
N ASP B 246 -12.79 21.42 -36.25
CA ASP B 246 -11.68 21.56 -35.32
C ASP B 246 -11.32 20.23 -34.68
N VAL B 247 -12.34 19.45 -34.29
CA VAL B 247 -12.08 18.16 -33.65
C VAL B 247 -11.42 17.20 -34.63
N ALA B 248 -11.90 17.18 -35.88
CA ALA B 248 -11.29 16.31 -36.88
C ALA B 248 -9.83 16.70 -37.12
N GLN B 249 -9.54 18.00 -37.19
CA GLN B 249 -8.17 18.44 -37.41
C GLN B 249 -7.29 18.11 -36.21
N CYS B 250 -7.82 18.23 -35.00
CA CYS B 250 -7.05 17.86 -33.80
C CYS B 250 -6.77 16.36 -33.80
N GLU B 251 -7.76 15.54 -34.14
CA GLU B 251 -7.52 14.10 -34.28
C GLU B 251 -6.42 13.82 -35.30
N LYS B 252 -6.47 14.50 -36.44
CA LYS B 252 -5.47 14.29 -37.48
C LYS B 252 -4.07 14.63 -36.97
N GLU B 253 -3.92 15.80 -36.34
CA GLU B 253 -2.60 16.21 -35.85
C GLU B 253 -2.12 15.31 -34.71
N MET B 254 -3.02 14.83 -33.87
CA MET B 254 -2.63 13.91 -32.80
C MET B 254 -2.16 12.59 -33.38
N GLU B 255 -2.88 12.04 -34.36
CA GLU B 255 -2.49 10.78 -34.96
C GLU B 255 -1.15 10.92 -35.69
N GLN B 256 -0.94 12.04 -36.39
CA GLN B 256 0.34 12.25 -37.06
C GLN B 256 1.48 12.43 -36.09
N ALA B 257 1.19 12.79 -34.84
CA ALA B 257 2.20 12.84 -33.78
C ALA B 257 2.35 11.50 -33.06
N GLY B 258 1.68 10.46 -33.53
CA GLY B 258 1.76 9.16 -32.89
C GLY B 258 0.88 8.99 -31.68
N LEU B 259 -0.01 9.92 -31.41
CA LEU B 259 -0.88 9.87 -30.25
C LEU B 259 -2.25 9.32 -30.62
N ARG B 260 -2.80 8.49 -29.75
CA ARG B 260 -4.19 8.09 -29.89
C ARG B 260 -5.08 9.30 -29.58
N PRO B 261 -6.02 9.65 -30.45
CA PRO B 261 -6.85 10.85 -30.21
C PRO B 261 -7.64 10.75 -28.92
N SER B 262 -7.46 11.73 -28.05
CA SER B 262 -8.16 11.80 -26.78
C SER B 262 -8.19 13.26 -26.35
N LEU B 263 -9.38 13.84 -26.20
CA LEU B 263 -9.44 15.26 -25.92
C LEU B 263 -10.65 15.59 -25.08
N MET B 264 -10.56 16.73 -24.40
CA MET B 264 -11.63 17.31 -23.61
C MET B 264 -11.94 18.69 -24.17
N VAL B 265 -13.23 19.03 -24.23
CA VAL B 265 -13.66 20.32 -24.74
C VAL B 265 -13.98 21.23 -23.56
N ASP B 266 -13.28 22.35 -23.48
CA ASP B 266 -13.61 23.39 -22.53
C ASP B 266 -14.77 24.21 -23.08
N CYS B 267 -15.92 24.17 -22.40
CA CYS B 267 -17.08 24.93 -22.83
C CYS B 267 -16.97 26.41 -22.48
N SER B 268 -15.97 26.77 -21.67
CA SER B 268 -15.64 28.12 -21.23
C SER B 268 -14.61 28.79 -22.14
N HIS B 269 -13.75 29.60 -21.54
CA HIS B 269 -13.25 30.90 -21.98
C HIS B 269 -13.21 31.15 -23.48
N GLY B 270 -12.43 30.38 -24.25
CA GLY B 270 -12.29 30.70 -25.66
C GLY B 270 -13.42 30.18 -26.53
N ASN B 271 -14.09 29.12 -26.09
CA ASN B 271 -15.14 28.50 -26.86
C ASN B 271 -16.52 29.07 -26.57
N SER B 272 -16.66 29.86 -25.51
CA SER B 272 -17.90 30.57 -25.21
C SER B 272 -17.74 32.07 -25.31
N ASN B 273 -16.58 32.56 -25.78
CA ASN B 273 -16.27 33.99 -25.80
C ASN B 273 -16.38 34.60 -24.40
N LYS B 274 -16.06 33.81 -23.39
CA LYS B 274 -16.19 34.18 -21.97
C LYS B 274 -17.60 34.69 -21.63
N ASP B 275 -18.58 34.30 -22.45
CA ASP B 275 -19.99 34.63 -22.23
C ASP B 275 -20.69 33.39 -21.71
N TYR B 276 -21.11 33.44 -20.44
CA TYR B 276 -21.65 32.26 -19.77
C TYR B 276 -22.84 31.67 -20.53
N ARG B 277 -23.65 32.54 -21.16
CA ARG B 277 -24.85 32.07 -21.87
C ARG B 277 -24.51 31.05 -22.94
N ARG B 278 -23.34 31.17 -23.57
CA ARG B 278 -22.97 30.26 -24.64
C ARG B 278 -22.36 28.95 -24.15
N GLN B 279 -22.10 28.81 -22.85
CA GLN B 279 -21.51 27.57 -22.36
C GLN B 279 -22.37 26.35 -22.65
N PRO B 280 -23.68 26.33 -22.38
CA PRO B 280 -24.45 25.09 -22.63
C PRO B 280 -24.41 24.63 -24.08
N ALA B 281 -24.63 25.54 -25.03
CA ALA B 281 -24.62 25.17 -26.45
C ALA B 281 -23.36 24.41 -26.80
N VAL B 282 -22.20 24.94 -26.42
CA VAL B 282 -20.93 24.24 -26.64
C VAL B 282 -21.04 22.80 -26.15
N ALA B 283 -21.40 22.63 -24.88
CA ALA B 283 -21.56 21.29 -24.33
C ALA B 283 -22.53 20.48 -25.17
N GLU B 284 -23.67 21.08 -25.52
CA GLU B 284 -24.65 20.38 -26.35
C GLU B 284 -24.01 19.94 -27.66
N SER B 285 -23.28 20.85 -28.30
CA SER B 285 -22.59 20.50 -29.55
C SER B 285 -21.72 19.26 -29.34
N VAL B 286 -20.98 19.23 -28.22
CA VAL B 286 -20.11 18.09 -27.95
C VAL B 286 -20.94 16.81 -27.91
N VAL B 287 -22.05 16.84 -27.17
CA VAL B 287 -22.91 15.66 -27.10
C VAL B 287 -23.35 15.27 -28.50
N ALA B 288 -23.72 16.25 -29.32
CA ALA B 288 -24.13 15.96 -30.68
C ALA B 288 -23.03 15.24 -31.45
N GLN B 289 -21.78 15.67 -31.28
CA GLN B 289 -20.68 15.00 -31.95
C GLN B 289 -20.54 13.57 -31.46
N ILE B 290 -20.75 13.34 -30.16
CA ILE B 290 -20.74 11.98 -29.65
C ILE B 290 -21.95 11.22 -30.19
N LYS B 291 -23.05 11.93 -30.43
CA LYS B 291 -24.22 11.31 -31.03
C LYS B 291 -23.93 10.82 -32.45
N ASP B 292 -23.10 11.57 -33.18
CA ASP B 292 -22.75 11.21 -34.55
C ASP B 292 -21.56 10.27 -34.62
N GLY B 293 -21.15 9.67 -33.51
CA GLY B 293 -20.13 8.64 -33.58
C GLY B 293 -18.71 9.14 -33.53
N ASN B 294 -18.47 10.33 -33.00
CA ASN B 294 -17.14 10.76 -32.61
C ASN B 294 -16.53 9.69 -31.70
N ARG B 295 -15.21 9.67 -31.62
CA ARG B 295 -14.55 8.77 -30.69
C ARG B 295 -13.47 9.45 -29.86
N SER B 296 -13.03 10.64 -30.25
CA SER B 296 -11.90 11.26 -29.59
C SER B 296 -12.30 12.03 -28.34
N ILE B 297 -13.53 12.56 -28.29
CA ILE B 297 -13.94 13.41 -27.19
C ILE B 297 -14.15 12.57 -25.94
N ILE B 298 -13.43 12.90 -24.88
CA ILE B 298 -13.45 12.11 -23.65
C ILE B 298 -14.07 12.86 -22.48
N GLY B 299 -14.23 14.19 -22.59
CA GLY B 299 -14.73 14.93 -21.44
C GLY B 299 -15.01 16.38 -21.77
N LEU B 300 -15.57 17.06 -20.77
CA LEU B 300 -15.94 18.46 -20.82
C LEU B 300 -15.38 19.19 -19.62
N MET B 301 -15.13 20.48 -19.79
CA MET B 301 -14.86 21.38 -18.68
C MET B 301 -15.92 22.48 -18.67
N ILE B 302 -16.48 22.74 -17.49
CA ILE B 302 -17.56 23.72 -17.31
C ILE B 302 -17.21 24.60 -16.12
N GLU B 303 -17.24 25.92 -16.34
CA GLU B 303 -17.08 26.90 -15.28
C GLU B 303 -18.47 27.20 -14.71
N SER B 304 -18.69 26.81 -13.46
CA SER B 304 -20.02 26.84 -12.87
C SER B 304 -19.95 27.32 -11.43
N ASN B 305 -20.75 28.32 -11.11
CA ASN B 305 -20.82 28.88 -9.77
C ASN B 305 -22.23 28.71 -9.21
N ILE B 306 -22.40 29.13 -7.95
CA ILE B 306 -23.74 29.17 -7.38
C ILE B 306 -24.60 30.19 -8.12
N HIS B 307 -24.02 31.36 -8.43
CA HIS B 307 -24.69 32.40 -9.19
C HIS B 307 -23.85 32.75 -10.41
N GLU B 308 -24.44 33.51 -11.33
CA GLU B 308 -23.91 33.73 -12.66
C GLU B 308 -23.55 35.20 -12.86
N GLY B 309 -23.04 35.50 -14.04
CA GLY B 309 -22.74 36.88 -14.43
C GLY B 309 -21.80 37.61 -13.52
N ASP B 328 -17.84 37.62 -14.27
CA ASP B 328 -17.14 36.41 -14.72
C ASP B 328 -17.87 35.75 -15.90
N ALA B 329 -17.46 34.51 -16.21
CA ALA B 329 -18.08 33.73 -17.28
C ALA B 329 -18.73 32.45 -16.76
N CYS B 330 -18.93 32.33 -15.45
CA CYS B 330 -19.48 31.12 -14.88
C CYS B 330 -20.99 31.06 -15.08
N ILE B 331 -21.52 29.85 -15.30
CA ILE B 331 -22.95 29.64 -15.32
C ILE B 331 -23.44 29.41 -13.88
N SER B 332 -24.72 29.65 -13.67
CA SER B 332 -25.29 29.46 -12.34
C SER B 332 -25.44 27.97 -12.04
N TRP B 333 -25.66 27.66 -10.76
CA TRP B 333 -25.85 26.25 -10.38
C TRP B 333 -27.12 25.68 -11.00
N GLU B 334 -28.15 26.52 -11.18
CA GLU B 334 -29.37 26.05 -11.83
C GLU B 334 -29.09 25.59 -13.26
N MET B 335 -28.38 26.43 -14.02
CA MET B 335 -28.00 26.06 -15.38
C MET B 335 -27.13 24.82 -15.39
N THR B 336 -26.21 24.71 -14.43
CA THR B 336 -25.31 23.55 -14.36
C THR B 336 -26.11 22.27 -14.14
N ASP B 337 -26.97 22.29 -13.12
CA ASP B 337 -27.84 21.16 -12.82
C ASP B 337 -28.64 20.73 -14.05
N ALA B 338 -29.32 21.69 -14.68
CA ALA B 338 -30.13 21.36 -15.85
C ALA B 338 -29.28 20.81 -17.00
N LEU B 339 -28.14 21.44 -17.27
CA LEU B 339 -27.30 21.03 -18.39
C LEU B 339 -26.78 19.62 -18.19
N LEU B 340 -26.28 19.32 -16.99
CA LEU B 340 -25.72 17.99 -16.74
C LEU B 340 -26.81 16.92 -16.76
N ARG B 341 -28.00 17.23 -16.23
CA ARG B 341 -29.09 16.27 -16.30
C ARG B 341 -29.50 16.01 -17.74
N GLU B 342 -29.56 17.07 -18.57
CA GLU B 342 -29.90 16.91 -19.98
C GLU B 342 -28.86 16.07 -20.71
N ILE B 343 -27.58 16.33 -20.46
CA ILE B 343 -26.51 15.54 -21.08
C ILE B 343 -26.65 14.07 -20.68
N HIS B 344 -26.85 13.82 -19.38
CA HIS B 344 -27.00 12.45 -18.90
C HIS B 344 -28.18 11.76 -19.58
N GLN B 345 -29.29 12.46 -19.74
CA GLN B 345 -30.45 11.87 -20.38
C GLN B 345 -30.17 11.56 -21.85
N ASP B 346 -29.44 12.43 -22.54
CA ASP B 346 -29.20 12.24 -23.96
C ASP B 346 -28.13 11.20 -24.27
N LEU B 347 -27.20 10.94 -23.34
CA LEU B 347 -26.03 10.12 -23.64
C LEU B 347 -26.16 8.65 -23.23
N ASN B 348 -27.28 8.25 -22.62
CA ASN B 348 -27.32 6.95 -21.94
C ASN B 348 -27.04 5.77 -22.87
N GLY B 349 -27.28 5.91 -24.17
CA GLY B 349 -27.03 4.83 -25.11
C GLY B 349 -25.67 4.82 -25.79
N GLN B 350 -25.27 5.97 -26.33
CA GLN B 350 -24.18 6.06 -27.30
C GLN B 350 -22.80 6.20 -26.65
N LEU B 351 -22.71 6.25 -25.32
CA LEU B 351 -21.41 6.44 -24.69
C LEU B 351 -20.57 5.18 -24.74
N THR B 352 -21.23 4.02 -24.75
CA THR B 352 -20.56 2.73 -24.73
C THR B 352 -20.42 2.12 -26.11
N ALA B 353 -20.93 2.79 -27.15
CA ALA B 353 -20.81 2.33 -28.53
C ALA B 353 -19.53 2.81 -29.20
N ARG B 354 -18.52 3.24 -28.43
CA ARG B 354 -17.20 3.59 -28.93
C ARG B 354 -16.11 2.70 -28.36
N VAL B 355 -16.37 2.06 -27.21
CA VAL B 355 -15.71 0.87 -26.66
C VAL B 355 -14.44 0.34 -27.35
N ASP C 4 38.13 17.60 -64.71
CA ASP C 4 38.36 18.58 -63.65
C ASP C 4 39.65 18.28 -62.90
N ALA C 5 40.32 19.32 -62.43
CA ALA C 5 41.61 19.16 -61.76
C ALA C 5 41.44 18.71 -60.30
N LEU C 6 40.30 19.01 -59.68
CA LEU C 6 40.06 18.67 -58.28
C LEU C 6 39.01 17.58 -58.07
N ASN C 7 38.03 17.47 -58.95
CA ASN C 7 36.88 16.60 -58.74
C ASN C 7 36.98 15.35 -59.60
N ASN C 8 36.72 14.20 -58.97
CA ASN C 8 36.65 12.90 -59.65
C ASN C 8 37.92 12.61 -60.44
N VAL C 9 39.07 13.03 -59.89
CA VAL C 9 40.35 12.74 -60.53
C VAL C 9 40.58 11.23 -60.62
N HIS C 10 40.10 10.48 -59.63
CA HIS C 10 40.29 9.03 -59.58
C HIS C 10 38.96 8.28 -59.71
N ILE C 11 38.00 8.87 -60.41
CA ILE C 11 36.73 8.22 -60.73
C ILE C 11 36.63 8.12 -62.24
N THR C 12 36.45 6.90 -62.75
CA THR C 12 36.38 6.68 -64.18
C THR C 12 34.96 6.56 -64.70
N ASP C 13 34.00 6.19 -63.85
CA ASP C 13 32.63 5.99 -64.29
C ASP C 13 31.68 6.16 -63.10
N GLU C 14 30.45 6.53 -63.41
CA GLU C 14 29.43 6.79 -62.41
C GLU C 14 28.09 6.31 -62.95
N GLN C 15 27.35 5.55 -62.15
CA GLN C 15 26.12 4.90 -62.58
C GLN C 15 25.03 5.11 -61.54
N VAL C 16 23.94 5.76 -61.96
CA VAL C 16 22.81 5.98 -61.06
C VAL C 16 22.15 4.65 -60.73
N LEU C 17 22.02 4.36 -59.44
CA LEU C 17 21.47 3.08 -59.01
C LEU C 17 19.95 3.06 -59.11
N MET C 18 19.42 1.85 -59.31
CA MET C 18 17.99 1.62 -59.19
C MET C 18 17.48 2.17 -57.86
N THR C 19 16.33 2.88 -57.89
CA THR C 19 15.81 3.55 -56.71
C THR C 19 14.92 2.60 -55.90
N PRO C 20 14.65 2.93 -54.64
CA PRO C 20 13.64 2.16 -53.89
C PRO C 20 12.29 2.10 -54.60
N GLU C 21 11.86 3.21 -55.21
CA GLU C 21 10.65 3.23 -56.02
C GLU C 21 10.63 2.09 -57.03
N GLN C 22 11.70 2.01 -57.84
CA GLN C 22 11.74 1.03 -58.92
C GLN C 22 11.82 -0.39 -58.39
N LEU C 23 12.65 -0.62 -57.37
CA LEU C 23 12.75 -1.94 -56.77
C LEU C 23 11.38 -2.41 -56.27
N LYS C 24 10.68 -1.53 -55.55
CA LYS C 24 9.37 -1.92 -55.00
C LYS C 24 8.33 -2.11 -56.08
N ALA C 25 8.37 -1.29 -57.14
CA ALA C 25 7.43 -1.48 -58.24
C ALA C 25 7.67 -2.80 -58.96
N ALA C 26 8.93 -3.24 -59.04
CA ALA C 26 9.22 -4.52 -59.68
C ALA C 26 8.92 -5.71 -58.78
N PHE C 27 8.98 -5.52 -57.46
CA PHE C 27 8.72 -6.58 -56.49
C PHE C 27 7.79 -6.05 -55.41
N PRO C 28 6.51 -5.89 -55.72
CA PRO C 28 5.59 -5.29 -54.76
C PRO C 28 5.10 -6.28 -53.72
N LEU C 29 4.54 -5.72 -52.65
CA LEU C 29 3.84 -6.49 -51.64
C LEU C 29 2.38 -6.67 -52.04
N SER C 30 1.82 -7.82 -51.68
CA SER C 30 0.38 -8.00 -51.75
C SER C 30 -0.27 -7.51 -50.47
N LEU C 31 -1.60 -7.32 -50.53
CA LEU C 31 -2.33 -6.88 -49.34
C LEU C 31 -2.19 -7.88 -48.21
N GLN C 32 -2.18 -9.18 -48.53
CA GLN C 32 -2.04 -10.19 -47.50
C GLN C 32 -0.67 -10.11 -46.83
N GLN C 33 0.40 -9.98 -47.63
CA GLN C 33 1.73 -9.87 -47.07
C GLN C 33 1.87 -8.62 -46.21
N GLU C 34 1.35 -7.49 -46.69
CA GLU C 34 1.39 -6.25 -45.93
C GLU C 34 0.68 -6.40 -44.59
N ALA C 35 -0.51 -7.00 -44.59
CA ALA C 35 -1.23 -7.21 -43.33
C ALA C 35 -0.46 -8.15 -42.41
N GLN C 36 0.14 -9.20 -42.96
CA GLN C 36 0.91 -10.13 -42.14
C GLN C 36 2.10 -9.44 -41.48
N ILE C 37 2.79 -8.57 -42.23
CA ILE C 37 3.93 -7.85 -41.67
C ILE C 37 3.49 -6.87 -40.59
N ALA C 38 2.40 -6.14 -40.85
CA ALA C 38 1.89 -5.23 -39.82
C ALA C 38 1.50 -5.99 -38.56
N ASP C 39 0.91 -7.17 -38.72
CA ASP C 39 0.50 -7.97 -37.57
C ASP C 39 1.71 -8.49 -36.80
N SER C 40 2.75 -8.93 -37.50
CA SER C 40 3.96 -9.39 -36.80
C SER C 40 4.65 -8.24 -36.07
N ARG C 41 4.67 -7.05 -36.69
CA ARG C 41 5.21 -5.88 -36.00
C ARG C 41 4.42 -5.57 -34.74
N LYS C 42 3.10 -5.65 -34.82
CA LYS C 42 2.26 -5.43 -33.64
C LYS C 42 2.55 -6.47 -32.56
N SER C 43 2.72 -7.73 -32.95
CA SER C 43 3.00 -8.79 -31.97
C SER C 43 4.33 -8.55 -31.28
N ILE C 44 5.37 -8.18 -32.04
CA ILE C 44 6.66 -7.92 -31.43
C ILE C 44 6.59 -6.69 -30.52
N SER C 45 5.85 -5.66 -30.94
CA SER C 45 5.64 -4.50 -30.08
C SER C 45 4.95 -4.89 -28.78
N ASP C 46 3.92 -5.76 -28.86
CA ASP C 46 3.22 -6.21 -27.66
C ASP C 46 4.15 -6.97 -26.73
N ILE C 47 4.99 -7.84 -27.30
CA ILE C 47 5.94 -8.59 -26.49
C ILE C 47 6.89 -7.64 -25.78
N ILE C 48 7.49 -6.71 -26.53
CA ILE C 48 8.44 -5.76 -25.93
C ILE C 48 7.76 -4.93 -24.85
N ALA C 49 6.49 -4.57 -25.06
CA ALA C 49 5.77 -3.73 -24.10
C ALA C 49 5.22 -4.50 -22.90
N GLY C 50 5.32 -5.83 -22.90
CA GLY C 50 4.79 -6.62 -21.81
C GLY C 50 3.32 -6.98 -21.94
N ARG C 51 2.66 -6.59 -23.02
CA ARG C 51 1.27 -6.96 -23.24
C ARG C 51 1.10 -8.36 -23.80
N ASP C 52 2.18 -8.98 -24.28
CA ASP C 52 2.17 -10.36 -24.74
C ASP C 52 3.14 -11.17 -23.92
N PRO C 53 2.71 -12.29 -23.32
CA PRO C 53 3.58 -13.01 -22.39
C PRO C 53 4.73 -13.75 -23.04
N ARG C 54 4.68 -13.99 -24.34
CA ARG C 54 5.66 -14.85 -24.99
C ARG C 54 7.02 -14.17 -25.06
N LEU C 55 8.04 -15.00 -25.30
CA LEU C 55 9.42 -14.56 -25.40
C LEU C 55 9.77 -14.34 -26.87
N LEU C 56 10.39 -13.19 -27.19
CA LEU C 56 10.79 -12.89 -28.55
C LEU C 56 12.13 -13.55 -28.86
N VAL C 57 12.15 -14.47 -29.81
CA VAL C 57 13.37 -15.21 -30.16
C VAL C 57 13.75 -14.85 -31.58
N VAL C 58 14.82 -14.06 -31.73
CA VAL C 58 15.39 -13.71 -33.04
C VAL C 58 16.51 -14.69 -33.30
N CYS C 59 16.29 -15.62 -34.24
CA CYS C 59 17.24 -16.71 -34.46
C CYS C 59 17.46 -16.93 -35.94
N GLY C 60 18.71 -17.21 -36.30
CA GLY C 60 19.01 -17.51 -37.69
C GLY C 60 20.48 -17.45 -38.03
N PRO C 61 20.79 -17.55 -39.33
CA PRO C 61 22.19 -17.65 -39.76
C PRO C 61 23.01 -16.40 -39.42
N CYS C 62 24.31 -16.63 -39.23
CA CYS C 62 25.23 -15.53 -39.00
C CYS C 62 25.14 -14.50 -40.10
N SER C 63 25.10 -14.98 -41.35
CA SER C 63 24.82 -14.14 -42.51
C SER C 63 24.24 -15.04 -43.60
N ILE C 64 23.22 -14.51 -44.31
CA ILE C 64 22.58 -15.27 -45.37
C ILE C 64 23.57 -15.51 -46.51
N HIS C 65 23.64 -16.75 -46.96
CA HIS C 65 24.62 -17.12 -47.99
C HIS C 65 24.02 -17.08 -49.40
N ASP C 66 23.01 -17.89 -49.66
CA ASP C 66 22.35 -17.97 -50.95
C ASP C 66 20.87 -18.21 -50.73
N PRO C 67 20.02 -17.90 -51.71
CA PRO C 67 18.57 -18.00 -51.46
C PRO C 67 18.09 -19.39 -51.08
N GLU C 68 18.61 -20.44 -51.72
CA GLU C 68 18.08 -21.79 -51.49
C GLU C 68 18.37 -22.27 -50.07
N THR C 69 19.61 -22.06 -49.59
CA THR C 69 19.93 -22.46 -48.23
C THR C 69 19.10 -21.69 -47.22
N ALA C 70 18.89 -20.39 -47.48
CA ALA C 70 18.04 -19.59 -46.59
C ALA C 70 16.62 -20.12 -46.58
N LEU C 71 16.10 -20.56 -47.74
CA LEU C 71 14.74 -21.09 -47.79
C LEU C 71 14.64 -22.42 -47.07
N GLU C 72 15.67 -23.26 -47.17
CA GLU C 72 15.66 -24.53 -46.44
C GLU C 72 15.67 -24.29 -44.93
N TYR C 73 16.58 -23.41 -44.48
CA TYR C 73 16.58 -23.02 -43.07
C TYR C 73 15.22 -22.47 -42.66
N ALA C 74 14.60 -21.67 -43.52
CA ALA C 74 13.31 -21.07 -43.21
C ALA C 74 12.23 -22.13 -43.06
N ARG C 75 12.26 -23.15 -43.92
CA ARG C 75 11.30 -24.25 -43.82
C ARG C 75 11.44 -24.93 -42.46
N ARG C 76 12.66 -25.31 -42.10
CA ARG C 76 12.87 -25.94 -40.80
C ARG C 76 12.49 -25.01 -39.64
N PHE C 77 12.76 -23.72 -39.79
CA PHE C 77 12.51 -22.75 -38.71
C PHE C 77 11.01 -22.55 -38.51
N LYS C 78 10.26 -22.44 -39.60
CA LYS C 78 8.80 -22.32 -39.50
C LYS C 78 8.20 -23.59 -38.91
N ALA C 79 8.69 -24.76 -39.34
CA ALA C 79 8.25 -26.01 -38.73
C ALA C 79 8.46 -25.99 -37.22
N LEU C 80 9.65 -25.57 -36.78
CA LEU C 80 9.92 -25.49 -35.34
C LEU C 80 9.04 -24.46 -34.66
N ALA C 81 8.73 -23.35 -35.35
CA ALA C 81 8.00 -22.26 -34.72
C ALA C 81 6.53 -22.62 -34.51
N ALA C 82 5.93 -23.34 -35.47
CA ALA C 82 4.53 -23.72 -35.30
C ALA C 82 4.31 -24.60 -34.07
N GLU C 83 5.35 -25.32 -33.63
CA GLU C 83 5.22 -26.21 -32.49
C GLU C 83 5.40 -25.50 -31.15
N VAL C 84 6.05 -24.35 -31.14
CA VAL C 84 6.50 -23.71 -29.90
C VAL C 84 5.89 -22.34 -29.69
N SER C 85 5.02 -21.88 -30.59
CA SER C 85 4.57 -20.49 -30.61
C SER C 85 3.66 -20.13 -29.45
N ASP C 86 3.26 -21.08 -28.61
CA ASP C 86 2.47 -20.70 -27.45
C ASP C 86 3.32 -20.12 -26.32
N SER C 87 4.64 -20.23 -26.41
CA SER C 87 5.54 -19.60 -25.45
C SER C 87 6.66 -18.78 -26.08
N LEU C 88 7.03 -19.06 -27.33
CA LEU C 88 8.13 -18.37 -28.00
C LEU C 88 7.65 -17.83 -29.34
N TYR C 89 7.99 -16.57 -29.63
CA TYR C 89 7.66 -15.94 -30.90
C TYR C 89 8.93 -15.92 -31.75
N LEU C 90 9.06 -16.91 -32.63
CA LEU C 90 10.28 -17.07 -33.43
C LEU C 90 10.29 -16.07 -34.58
N VAL C 91 11.41 -15.37 -34.72
CA VAL C 91 11.62 -14.37 -35.78
C VAL C 91 12.95 -14.69 -36.44
N MET C 92 12.92 -14.90 -37.75
CA MET C 92 14.12 -15.33 -38.46
C MET C 92 14.98 -14.12 -38.81
N ARG C 93 16.20 -14.09 -38.31
CA ARG C 93 17.10 -12.99 -38.66
C ARG C 93 17.64 -13.23 -40.06
N VAL C 94 17.46 -12.25 -40.92
CA VAL C 94 17.97 -12.31 -42.29
C VAL C 94 18.99 -11.18 -42.39
N TYR C 95 20.23 -11.49 -42.05
CA TYR C 95 21.35 -10.55 -42.17
C TYR C 95 22.11 -10.93 -43.42
N PHE C 96 22.14 -10.02 -44.39
CA PHE C 96 22.83 -10.32 -45.65
C PHE C 96 24.32 -10.09 -45.57
N GLU C 97 24.79 -9.49 -44.48
CA GLU C 97 26.17 -9.04 -44.35
C GLU C 97 26.54 -9.11 -42.88
N LYS C 98 27.85 -9.12 -42.63
CA LYS C 98 28.33 -9.18 -41.26
C LYS C 98 28.97 -7.86 -40.86
N PRO C 99 28.54 -7.28 -39.75
CA PRO C 99 29.24 -6.11 -39.19
C PRO C 99 30.73 -6.34 -39.06
N ARG C 100 31.50 -5.26 -39.22
CA ARG C 100 32.88 -5.16 -38.75
C ARG C 100 33.81 -6.18 -39.45
N THR C 101 34.08 -5.91 -40.72
CA THR C 101 35.16 -6.65 -41.38
C THR C 101 35.89 -5.77 -42.38
N THR C 102 37.23 -5.77 -42.29
CA THR C 102 38.08 -5.21 -43.34
C THR C 102 38.15 -6.13 -44.56
N VAL C 103 37.73 -7.38 -44.42
CA VAL C 103 37.98 -8.43 -45.39
C VAL C 103 36.70 -9.21 -45.67
N GLY C 104 36.58 -9.74 -46.88
CA GLY C 104 35.70 -10.87 -47.13
C GLY C 104 34.65 -10.59 -48.20
N TRP C 105 33.79 -11.58 -48.38
CA TRP C 105 32.66 -11.45 -49.29
C TRP C 105 31.74 -10.32 -48.82
N LYS C 106 31.30 -9.49 -49.77
CA LYS C 106 30.48 -8.34 -49.44
C LYS C 106 29.01 -8.67 -49.22
N GLY C 107 28.62 -9.93 -49.34
CA GLY C 107 27.27 -10.35 -49.06
C GLY C 107 26.41 -10.46 -50.31
N LEU C 108 25.21 -11.03 -50.11
CA LEU C 108 24.33 -11.35 -51.23
C LEU C 108 23.84 -10.11 -51.95
N ILE C 109 23.68 -8.99 -51.25
CA ILE C 109 23.20 -7.77 -51.89
C ILE C 109 24.30 -7.13 -52.73
N ASN C 110 25.50 -6.99 -52.17
CA ASN C 110 26.55 -6.27 -52.87
C ASN C 110 27.22 -7.15 -53.93
N ASP C 111 27.44 -8.42 -53.64
CA ASP C 111 28.13 -9.33 -54.55
C ASP C 111 27.34 -10.63 -54.65
N PRO C 112 26.16 -10.60 -55.30
CA PRO C 112 25.35 -11.81 -55.39
C PRO C 112 26.01 -12.92 -56.19
N HIS C 113 26.76 -12.58 -57.24
CA HIS C 113 27.44 -13.59 -58.05
C HIS C 113 28.63 -14.22 -57.34
N MET C 114 29.03 -13.67 -56.19
CA MET C 114 30.10 -14.23 -55.36
C MET C 114 31.41 -14.31 -56.14
N ASP C 115 31.72 -13.24 -56.85
CA ASP C 115 32.96 -13.15 -57.60
C ASP C 115 33.62 -11.78 -57.44
N GLY C 116 33.19 -10.97 -56.48
CA GLY C 116 33.80 -9.66 -56.26
C GLY C 116 33.45 -8.63 -57.30
N SER C 117 32.30 -8.77 -57.96
CA SER C 117 31.93 -7.87 -59.05
C SER C 117 31.08 -6.69 -58.62
N PHE C 118 30.61 -6.66 -57.37
CA PHE C 118 29.90 -5.50 -56.82
C PHE C 118 28.65 -5.16 -57.63
N ASP C 119 27.81 -6.16 -57.85
CA ASP C 119 26.57 -5.97 -58.62
C ASP C 119 25.40 -5.71 -57.67
N VAL C 120 25.38 -4.49 -57.13
CA VAL C 120 24.41 -4.14 -56.10
C VAL C 120 22.99 -4.23 -56.64
N GLU C 121 22.79 -3.84 -57.91
CA GLU C 121 21.43 -3.76 -58.44
C GLU C 121 20.80 -5.14 -58.57
N ALA C 122 21.56 -6.14 -59.03
CA ALA C 122 21.01 -7.49 -59.08
C ALA C 122 20.89 -8.08 -57.69
N GLY C 123 21.80 -7.74 -56.78
CA GLY C 123 21.71 -8.23 -55.41
C GLY C 123 20.47 -7.74 -54.69
N LEU C 124 20.10 -6.48 -54.93
CA LEU C 124 18.89 -5.94 -54.30
C LEU C 124 17.65 -6.70 -54.75
N GLN C 125 17.56 -7.02 -56.04
CA GLN C 125 16.41 -7.77 -56.55
C GLN C 125 16.40 -9.19 -56.01
N ILE C 126 17.56 -9.85 -55.99
CA ILE C 126 17.64 -11.20 -55.43
C ILE C 126 17.21 -11.19 -53.97
N ALA C 127 17.72 -10.22 -53.20
CA ALA C 127 17.40 -10.14 -51.78
C ALA C 127 15.92 -9.86 -51.57
N ARG C 128 15.33 -8.93 -52.33
CA ARG C 128 13.91 -8.63 -52.14
C ARG C 128 13.05 -9.82 -52.52
N LYS C 129 13.41 -10.53 -53.59
CA LYS C 129 12.64 -11.72 -53.96
C LYS C 129 12.71 -12.78 -52.85
N LEU C 130 13.91 -13.02 -52.31
CA LEU C 130 14.05 -13.97 -51.21
C LEU C 130 13.22 -13.54 -50.01
N LEU C 131 13.27 -12.25 -49.66
CA LEU C 131 12.52 -11.77 -48.50
C LEU C 131 11.02 -11.90 -48.72
N LEU C 132 10.55 -11.63 -49.94
CA LEU C 132 9.14 -11.83 -50.24
C LEU C 132 8.74 -13.29 -50.09
N GLU C 133 9.59 -14.21 -50.55
CA GLU C 133 9.30 -15.62 -50.38
C GLU C 133 9.27 -16.00 -48.90
N LEU C 134 10.18 -15.45 -48.10
CA LEU C 134 10.17 -15.72 -46.67
C LEU C 134 8.89 -15.20 -46.03
N VAL C 135 8.43 -14.01 -46.45
CA VAL C 135 7.21 -13.45 -45.90
C VAL C 135 6.01 -14.32 -46.26
N ASN C 136 5.96 -14.79 -47.51
CA ASN C 136 4.86 -15.66 -47.92
C ASN C 136 4.83 -16.98 -47.15
N MET C 137 5.97 -17.41 -46.61
CA MET C 137 5.97 -18.57 -45.73
C MET C 137 5.39 -18.28 -44.36
N GLY C 138 5.05 -17.02 -44.07
CA GLY C 138 4.49 -16.66 -42.79
C GLY C 138 5.50 -16.35 -41.71
N LEU C 139 6.76 -16.11 -42.07
CA LEU C 139 7.80 -15.90 -41.08
C LEU C 139 8.01 -14.42 -40.84
N PRO C 140 7.98 -13.96 -39.59
CA PRO C 140 8.46 -12.60 -39.28
C PRO C 140 9.97 -12.55 -39.46
N LEU C 141 10.46 -11.43 -40.00
CA LEU C 141 11.87 -11.31 -40.35
C LEU C 141 12.54 -10.20 -39.55
N ALA C 142 13.82 -10.42 -39.22
CA ALA C 142 14.60 -9.49 -38.43
C ALA C 142 15.83 -9.04 -39.20
N THR C 143 16.17 -7.76 -39.10
CA THR C 143 17.33 -7.20 -39.78
C THR C 143 18.14 -6.38 -38.78
N GLU C 144 19.24 -5.82 -39.28
CA GLU C 144 20.03 -4.86 -38.52
C GLU C 144 20.27 -3.64 -39.40
N ALA C 145 20.02 -2.46 -38.85
CA ALA C 145 20.17 -1.21 -39.60
C ALA C 145 21.62 -0.76 -39.53
N LEU C 146 22.30 -0.78 -40.68
CA LEU C 146 23.70 -0.38 -40.77
C LEU C 146 23.91 0.88 -41.60
N ASP C 147 22.89 1.36 -42.29
CA ASP C 147 23.01 2.51 -43.17
C ASP C 147 21.61 3.05 -43.44
N PRO C 148 21.49 4.29 -43.91
CA PRO C 148 20.16 4.87 -44.15
C PRO C 148 19.54 4.47 -45.48
N ASN C 149 20.21 3.66 -46.30
CA ASN C 149 19.70 3.31 -47.62
C ASN C 149 18.89 2.02 -47.61
N SER C 150 19.45 0.96 -47.01
CA SER C 150 18.77 -0.34 -47.04
C SER C 150 17.39 -0.33 -46.39
N PRO C 151 17.09 0.47 -45.35
CA PRO C 151 15.69 0.55 -44.92
C PRO C 151 14.75 0.99 -46.03
N GLN C 152 15.14 1.94 -46.88
CA GLN C 152 14.24 2.36 -47.95
C GLN C 152 14.05 1.26 -48.99
N TYR C 153 15.06 0.44 -49.24
CA TYR C 153 14.93 -0.58 -50.27
C TYR C 153 14.17 -1.81 -49.76
N LEU C 154 14.42 -2.22 -48.51
CA LEU C 154 13.92 -3.51 -48.03
C LEU C 154 13.23 -3.49 -46.67
N GLY C 155 13.05 -2.34 -46.02
CA GLY C 155 12.56 -2.33 -44.66
C GLY C 155 11.11 -2.69 -44.52
N ASP C 156 10.31 -2.49 -45.58
CA ASP C 156 8.90 -2.83 -45.53
C ASP C 156 8.67 -4.32 -45.33
N LEU C 157 9.71 -5.15 -45.41
CA LEU C 157 9.58 -6.59 -45.27
C LEU C 157 10.00 -7.11 -43.91
N PHE C 158 10.56 -6.26 -43.04
CA PHE C 158 11.07 -6.68 -41.75
C PHE C 158 10.14 -6.24 -40.63
N SER C 159 10.11 -7.04 -39.56
CA SER C 159 9.27 -6.77 -38.40
C SER C 159 10.07 -6.36 -37.18
N TRP C 160 11.40 -6.34 -37.26
CA TRP C 160 12.25 -6.01 -36.13
C TRP C 160 13.62 -5.63 -36.65
N SER C 161 14.25 -4.65 -36.00
CA SER C 161 15.59 -4.23 -36.42
C SER C 161 16.48 -3.99 -35.22
N ALA C 162 17.73 -4.41 -35.35
CA ALA C 162 18.77 -4.08 -34.38
C ALA C 162 19.47 -2.79 -34.79
N ILE C 163 19.90 -2.02 -33.78
CA ILE C 163 20.57 -0.75 -33.97
C ILE C 163 21.87 -0.79 -33.18
N GLY C 164 22.98 -0.60 -33.88
CA GLY C 164 24.29 -0.58 -33.24
C GLY C 164 25.07 0.69 -33.54
N ALA C 165 26.38 0.64 -33.40
CA ALA C 165 27.22 1.84 -33.50
C ALA C 165 27.26 2.42 -34.90
N ARG C 166 27.03 1.62 -35.95
CA ARG C 166 27.02 2.17 -37.29
C ARG C 166 25.91 3.20 -37.47
N THR C 167 24.85 3.12 -36.67
CA THR C 167 23.80 4.14 -36.67
C THR C 167 24.05 5.22 -35.64
N THR C 168 24.26 4.82 -34.37
CA THR C 168 24.30 5.77 -33.27
C THR C 168 25.58 6.59 -33.25
N GLU C 169 26.65 6.13 -33.88
CA GLU C 169 27.90 6.88 -33.89
C GLU C 169 28.11 7.71 -35.15
N SER C 170 27.17 7.64 -36.10
CA SER C 170 27.15 8.65 -37.13
C SER C 170 26.48 9.91 -36.59
N GLN C 171 26.66 11.02 -37.30
CA GLN C 171 25.94 12.25 -36.99
C GLN C 171 24.86 12.56 -38.00
N THR C 172 25.02 12.11 -39.25
CA THR C 172 24.01 12.34 -40.27
C THR C 172 22.70 11.62 -39.93
N HIS C 173 22.77 10.43 -39.32
CA HIS C 173 21.57 9.61 -39.15
C HIS C 173 21.54 8.89 -37.80
N ARG C 174 22.12 9.50 -36.76
CA ARG C 174 22.15 8.87 -35.45
C ARG C 174 20.75 8.63 -34.89
N GLU C 175 19.77 9.43 -35.33
CA GLU C 175 18.40 9.33 -34.84
C GLU C 175 17.50 8.55 -35.79
N MET C 176 18.06 7.68 -36.64
CA MET C 176 17.24 7.00 -37.64
C MET C 176 16.24 6.05 -37.00
N ALA C 177 16.59 5.47 -35.84
CA ALA C 177 15.69 4.52 -35.20
C ALA C 177 14.35 5.15 -34.85
N SER C 178 14.33 6.45 -34.57
CA SER C 178 13.07 7.13 -34.26
C SER C 178 12.15 7.25 -35.46
N GLY C 179 12.62 6.93 -36.66
CA GLY C 179 11.81 7.01 -37.86
C GLY C 179 11.63 5.68 -38.57
N LEU C 180 12.12 4.60 -37.96
CA LEU C 180 11.92 3.27 -38.51
C LEU C 180 10.54 2.76 -38.11
N SER C 181 9.88 2.06 -39.04
CA SER C 181 8.49 1.63 -38.84
C SER C 181 8.36 0.37 -37.99
N MET C 182 9.47 -0.23 -37.58
CA MET C 182 9.47 -1.51 -36.90
C MET C 182 10.02 -1.35 -35.48
N PRO C 183 9.68 -2.28 -34.57
CA PRO C 183 10.33 -2.30 -33.26
C PRO C 183 11.84 -2.44 -33.41
N VAL C 184 12.56 -1.87 -32.44
CA VAL C 184 14.01 -1.72 -32.53
C VAL C 184 14.66 -2.16 -31.22
N GLY C 185 15.77 -2.88 -31.34
CA GLY C 185 16.59 -3.25 -30.20
C GLY C 185 17.96 -2.61 -30.30
N PHE C 186 18.41 -2.01 -29.20
CA PHE C 186 19.62 -1.20 -29.19
C PHE C 186 20.75 -1.96 -28.51
N LYS C 187 21.81 -2.24 -29.27
CA LYS C 187 22.94 -3.01 -28.73
C LYS C 187 23.77 -2.15 -27.78
N ASN C 188 24.30 -2.80 -26.74
CA ASN C 188 25.19 -2.10 -25.83
C ASN C 188 26.53 -1.83 -26.51
N GLY C 189 27.31 -0.94 -25.91
CA GLY C 189 28.61 -0.57 -26.48
C GLY C 189 29.55 -1.75 -26.56
N THR C 190 30.53 -1.62 -27.47
CA THR C 190 31.51 -2.68 -27.65
C THR C 190 32.35 -2.90 -26.41
N ASP C 191 32.59 -1.85 -25.63
CA ASP C 191 33.30 -1.97 -24.37
C ASP C 191 32.43 -2.54 -23.25
N GLY C 192 31.13 -2.69 -23.50
CA GLY C 192 30.20 -3.11 -22.47
C GLY C 192 29.36 -1.99 -21.90
N SER C 193 29.49 -0.77 -22.41
CA SER C 193 28.75 0.36 -21.87
C SER C 193 27.26 0.21 -22.17
N LEU C 194 26.45 0.24 -21.12
CA LEU C 194 25.00 0.25 -21.30
C LEU C 194 24.48 1.65 -21.60
N ALA C 195 25.29 2.68 -21.31
CA ALA C 195 24.83 4.06 -21.46
C ALA C 195 24.47 4.37 -22.90
N THR C 196 25.28 3.93 -23.86
CA THR C 196 25.00 4.22 -25.26
C THR C 196 23.64 3.65 -25.68
N ALA C 197 23.40 2.37 -25.35
CA ALA C 197 22.14 1.74 -25.70
C ALA C 197 20.96 2.41 -25.00
N ILE C 198 21.13 2.75 -23.72
CA ILE C 198 20.03 3.35 -22.97
C ILE C 198 19.68 4.73 -23.53
N ASN C 199 20.70 5.55 -23.79
CA ASN C 199 20.47 6.87 -24.37
C ASN C 199 19.84 6.74 -25.75
N ALA C 200 20.29 5.80 -26.57
CA ALA C 200 19.72 5.62 -27.90
C ALA C 200 18.27 5.18 -27.82
N MET C 201 17.95 4.26 -26.91
CA MET C 201 16.58 3.80 -26.74
C MET C 201 15.67 4.93 -26.28
N ARG C 202 16.13 5.74 -25.32
CA ARG C 202 15.31 6.86 -24.88
C ARG C 202 15.12 7.87 -26.01
N ALA C 203 16.19 8.19 -26.74
CA ALA C 203 16.08 9.16 -27.82
C ALA C 203 15.18 8.65 -28.95
N ALA C 204 15.12 7.34 -29.16
CA ALA C 204 14.34 6.80 -30.28
C ALA C 204 12.84 7.03 -30.12
N ALA C 205 12.35 7.18 -28.90
CA ALA C 205 10.92 7.40 -28.68
C ALA C 205 10.48 8.82 -28.99
N GLN C 206 11.41 9.72 -29.30
CA GLN C 206 11.17 11.14 -29.48
C GLN C 206 11.24 11.53 -30.96
N PRO C 207 10.55 12.59 -31.37
CA PRO C 207 10.69 13.07 -32.76
C PRO C 207 12.07 13.64 -33.01
N HIS C 208 12.61 13.36 -34.19
CA HIS C 208 13.96 13.77 -34.55
C HIS C 208 14.03 13.99 -36.05
N ARG C 209 15.22 14.38 -36.52
CA ARG C 209 15.50 14.50 -37.94
C ARG C 209 16.80 13.77 -38.26
N PHE C 210 16.87 13.20 -39.45
CA PHE C 210 18.09 12.54 -39.89
C PHE C 210 18.23 12.65 -41.40
N VAL C 211 19.46 12.44 -41.89
CA VAL C 211 19.74 12.46 -43.31
C VAL C 211 19.66 11.04 -43.85
N GLY C 212 18.79 10.83 -44.83
CA GLY C 212 18.71 9.54 -45.50
C GLY C 212 18.45 9.73 -46.98
N ILE C 213 17.62 8.88 -47.57
CA ILE C 213 17.21 9.04 -48.95
C ILE C 213 15.70 8.94 -49.03
N ASN C 214 15.14 9.54 -50.08
CA ASN C 214 13.72 9.34 -50.34
C ASN C 214 13.53 8.14 -51.26
N GLN C 215 12.27 7.86 -51.61
CA GLN C 215 11.98 6.71 -52.46
C GLN C 215 12.54 6.88 -53.86
N ALA C 216 12.91 8.08 -54.27
CA ALA C 216 13.53 8.33 -55.56
C ALA C 216 15.05 8.25 -55.50
N GLY C 217 15.62 7.78 -54.40
CA GLY C 217 17.06 7.66 -54.29
C GLY C 217 17.81 8.97 -54.16
N GLN C 218 17.14 10.03 -53.70
CA GLN C 218 17.77 11.33 -53.52
C GLN C 218 18.09 11.55 -52.05
N VAL C 219 19.25 12.17 -51.78
CA VAL C 219 19.59 12.55 -50.41
C VAL C 219 18.50 13.46 -49.88
N ALA C 220 17.97 13.11 -48.71
CA ALA C 220 16.79 13.77 -48.17
C ALA C 220 16.94 13.96 -46.67
N LEU C 221 16.26 14.98 -46.15
CA LEU C 221 16.17 15.23 -44.72
C LEU C 221 14.80 14.73 -44.26
N LEU C 222 14.80 13.81 -43.30
CA LEU C 222 13.59 13.14 -42.84
C LEU C 222 13.28 13.57 -41.42
N GLN C 223 12.03 13.96 -41.18
CA GLN C 223 11.53 14.31 -39.86
C GLN C 223 10.79 13.11 -39.30
N THR C 224 11.15 12.69 -38.10
CA THR C 224 10.60 11.47 -37.53
C THR C 224 9.54 11.80 -36.48
N GLN C 225 8.73 10.78 -36.18
CA GLN C 225 7.64 10.89 -35.23
C GLN C 225 8.00 10.34 -33.87
N GLY C 226 9.00 9.48 -33.79
CA GLY C 226 9.35 8.76 -32.57
C GLY C 226 8.91 7.32 -32.72
N ASN C 227 9.71 6.41 -32.15
CA ASN C 227 9.44 4.98 -32.23
C ASN C 227 9.15 4.46 -30.82
N PRO C 228 7.91 4.09 -30.51
CA PRO C 228 7.57 3.69 -29.13
C PRO C 228 7.95 2.26 -28.77
N ASP C 229 8.54 1.49 -29.69
CA ASP C 229 8.84 0.08 -29.44
C ASP C 229 10.35 -0.12 -29.45
N GLY C 230 10.99 0.10 -28.30
CA GLY C 230 12.42 -0.04 -28.19
C GLY C 230 12.81 -0.89 -26.99
N HIS C 231 13.99 -1.49 -27.09
CA HIS C 231 14.55 -2.26 -25.98
C HIS C 231 16.06 -2.35 -26.17
N VAL C 232 16.73 -2.75 -25.09
CA VAL C 232 18.18 -2.89 -25.09
C VAL C 232 18.53 -4.33 -25.49
N ILE C 233 19.67 -4.50 -26.15
CA ILE C 233 20.23 -5.80 -26.46
C ILE C 233 21.54 -5.96 -25.68
N LEU C 234 21.58 -6.95 -24.79
CA LEU C 234 22.80 -7.28 -24.06
C LEU C 234 23.60 -8.27 -24.90
N ARG C 235 24.73 -7.82 -25.45
CA ARG C 235 25.53 -8.63 -26.34
C ARG C 235 26.97 -8.80 -25.84
N GLY C 236 27.24 -8.43 -24.60
CA GLY C 236 28.57 -8.52 -24.06
C GLY C 236 29.49 -7.40 -24.51
N GLY C 237 30.60 -7.28 -23.80
CA GLY C 237 31.64 -6.31 -24.09
C GLY C 237 32.97 -7.00 -24.10
N LYS C 238 33.95 -6.51 -23.33
CA LYS C 238 35.17 -7.28 -23.12
C LYS C 238 34.88 -8.58 -22.38
N ALA C 239 33.83 -8.59 -21.56
CA ALA C 239 33.38 -9.75 -20.82
C ALA C 239 31.88 -9.91 -21.03
N PRO C 240 31.37 -11.14 -20.93
CA PRO C 240 29.92 -11.34 -21.06
C PRO C 240 29.13 -10.54 -20.02
N ASN C 241 27.90 -10.19 -20.39
CA ASN C 241 27.04 -9.40 -19.51
C ASN C 241 25.62 -9.99 -19.44
N TYR C 242 25.49 -11.31 -19.54
CA TYR C 242 24.20 -11.97 -19.44
C TYR C 242 23.90 -12.47 -18.03
N SER C 243 24.88 -12.45 -17.12
CA SER C 243 24.69 -12.99 -15.79
C SER C 243 23.61 -12.23 -15.04
N PRO C 244 23.00 -12.85 -14.02
CA PRO C 244 21.98 -12.14 -13.25
C PRO C 244 22.43 -10.81 -12.67
N ALA C 245 23.70 -10.71 -12.26
CA ALA C 245 24.20 -9.44 -11.74
C ALA C 245 24.27 -8.38 -12.83
N ASP C 246 24.72 -8.76 -14.03
CA ASP C 246 24.74 -7.81 -15.14
C ASP C 246 23.34 -7.41 -15.55
N VAL C 247 22.39 -8.35 -15.57
CA VAL C 247 21.01 -8.02 -15.87
C VAL C 247 20.45 -7.07 -14.84
N ALA C 248 20.80 -7.28 -13.56
CA ALA C 248 20.32 -6.38 -12.51
C ALA C 248 20.91 -4.99 -12.68
N GLN C 249 22.20 -4.91 -13.04
CA GLN C 249 22.81 -3.61 -13.30
C GLN C 249 22.12 -2.91 -14.47
N CYS C 250 21.79 -3.67 -15.51
CA CYS C 250 21.11 -3.08 -16.67
C CYS C 250 19.73 -2.55 -16.26
N GLU C 251 18.97 -3.35 -15.53
CA GLU C 251 17.66 -2.90 -15.03
C GLU C 251 17.81 -1.63 -14.20
N LYS C 252 18.83 -1.57 -13.34
CA LYS C 252 19.03 -0.40 -12.50
C LYS C 252 19.32 0.84 -13.33
N GLU C 253 20.26 0.72 -14.28
CA GLU C 253 20.62 1.87 -15.09
C GLU C 253 19.45 2.33 -15.94
N MET C 254 18.63 1.39 -16.43
CA MET C 254 17.45 1.77 -17.20
C MET C 254 16.41 2.47 -16.33
N GLU C 255 16.20 1.97 -15.12
CA GLU C 255 15.22 2.59 -14.23
C GLU C 255 15.67 3.99 -13.81
N GLN C 256 16.97 4.17 -13.61
CA GLN C 256 17.48 5.51 -13.28
C GLN C 256 17.36 6.48 -14.44
N ALA C 257 17.28 5.98 -15.67
CA ALA C 257 16.99 6.81 -16.82
C ALA C 257 15.51 7.08 -17.00
N GLY C 258 14.66 6.50 -16.15
CA GLY C 258 13.23 6.66 -16.29
C GLY C 258 12.58 5.70 -17.25
N LEU C 259 13.32 4.71 -17.75
CA LEU C 259 12.79 3.74 -18.69
C LEU C 259 12.28 2.51 -17.94
N ARG C 260 11.31 1.83 -18.55
CA ARG C 260 10.87 0.55 -18.05
C ARG C 260 11.83 -0.53 -18.53
N PRO C 261 12.47 -1.29 -17.63
CA PRO C 261 13.48 -2.27 -18.07
C PRO C 261 12.91 -3.28 -19.05
N SER C 262 13.46 -3.27 -20.27
CA SER C 262 13.08 -4.19 -21.33
C SER C 262 14.34 -4.50 -22.12
N LEU C 263 14.74 -5.77 -22.15
CA LEU C 263 16.02 -6.10 -22.77
C LEU C 263 15.95 -7.49 -23.41
N MET C 264 16.79 -7.66 -24.43
CA MET C 264 16.99 -8.94 -25.11
C MET C 264 18.43 -9.37 -24.90
N VAL C 265 18.64 -10.67 -24.71
CA VAL C 265 19.98 -11.20 -24.46
C VAL C 265 20.47 -11.88 -25.73
N ASP C 266 21.58 -11.37 -26.27
CA ASP C 266 22.27 -12.00 -27.38
C ASP C 266 23.14 -13.12 -26.82
N CYS C 267 22.82 -14.37 -27.20
CA CYS C 267 23.58 -15.51 -26.72
C CYS C 267 24.94 -15.60 -27.41
N SER C 268 25.03 -15.02 -28.60
CA SER C 268 26.22 -14.94 -29.43
C SER C 268 27.15 -13.81 -28.97
N HIS C 269 27.81 -13.17 -29.93
CA HIS C 269 29.20 -12.73 -29.98
C HIS C 269 29.88 -12.41 -28.65
N GLY C 270 29.43 -11.40 -27.93
CA GLY C 270 30.19 -11.05 -26.74
C GLY C 270 29.86 -11.86 -25.51
N ASN C 271 28.73 -12.57 -25.54
CA ASN C 271 28.32 -13.43 -24.44
C ASN C 271 28.72 -14.88 -24.66
N SER C 272 29.02 -15.26 -25.90
CA SER C 272 29.60 -16.57 -26.20
C SER C 272 31.08 -16.49 -26.50
N ASN C 273 31.64 -15.29 -26.60
CA ASN C 273 33.03 -15.06 -26.99
C ASN C 273 33.38 -15.87 -28.24
N LYS C 274 32.56 -15.64 -29.27
CA LYS C 274 32.79 -16.12 -30.63
C LYS C 274 32.73 -17.63 -30.76
N ASP C 275 32.41 -18.34 -29.68
CA ASP C 275 32.34 -19.80 -29.69
C ASP C 275 30.88 -20.23 -29.68
N TYR C 276 30.50 -21.05 -30.66
CA TYR C 276 29.13 -21.55 -30.74
C TYR C 276 28.78 -22.41 -29.54
N ARG C 277 29.78 -23.05 -28.92
CA ARG C 277 29.51 -23.97 -27.81
C ARG C 277 28.92 -23.28 -26.60
N ARG C 278 29.10 -21.96 -26.47
CA ARG C 278 28.66 -21.22 -25.29
C ARG C 278 27.25 -20.67 -25.41
N GLN C 279 26.71 -20.56 -26.62
CA GLN C 279 25.36 -20.02 -26.81
C GLN C 279 24.29 -20.74 -25.99
N PRO C 280 24.20 -22.08 -26.01
CA PRO C 280 23.15 -22.73 -25.19
C PRO C 280 23.27 -22.43 -23.72
N ALA C 281 24.50 -22.27 -23.21
CA ALA C 281 24.67 -21.91 -21.80
C ALA C 281 24.07 -20.55 -21.50
N VAL C 282 24.27 -19.57 -22.39
CA VAL C 282 23.69 -18.25 -22.18
C VAL C 282 22.16 -18.34 -22.23
N ALA C 283 21.63 -19.07 -23.22
CA ALA C 283 20.18 -19.22 -23.31
C ALA C 283 19.61 -19.87 -22.06
N GLU C 284 20.29 -20.89 -21.53
CA GLU C 284 19.80 -21.60 -20.36
C GLU C 284 19.90 -20.74 -19.10
N SER C 285 20.94 -19.92 -19.00
CA SER C 285 21.00 -18.95 -17.90
C SER C 285 19.84 -17.97 -17.98
N VAL C 286 19.51 -17.51 -19.19
CA VAL C 286 18.37 -16.61 -19.35
C VAL C 286 17.07 -17.32 -18.94
N VAL C 287 16.93 -18.59 -19.32
CA VAL C 287 15.74 -19.34 -18.96
C VAL C 287 15.63 -19.49 -17.44
N ALA C 288 16.75 -19.77 -16.78
CA ALA C 288 16.75 -19.84 -15.33
C ALA C 288 16.35 -18.51 -14.71
N GLN C 289 16.85 -17.40 -15.26
CA GLN C 289 16.49 -16.10 -14.72
C GLN C 289 15.00 -15.81 -14.89
N ILE C 290 14.45 -16.12 -16.07
CA ILE C 290 13.02 -15.92 -16.30
C ILE C 290 12.20 -16.79 -15.35
N LYS C 291 12.64 -18.03 -15.12
CA LYS C 291 11.98 -18.88 -14.14
C LYS C 291 11.99 -18.25 -12.76
N ASP C 292 13.06 -17.52 -12.43
CA ASP C 292 13.23 -16.95 -11.09
C ASP C 292 12.57 -15.59 -10.94
N GLY C 293 11.56 -15.29 -11.75
CA GLY C 293 10.81 -14.06 -11.58
C GLY C 293 11.37 -12.84 -12.26
N ASN C 294 12.43 -12.98 -13.05
CA ASN C 294 12.88 -11.87 -13.88
C ASN C 294 11.77 -11.46 -14.84
N ARG C 295 11.57 -10.15 -14.99
CA ARG C 295 10.52 -9.63 -15.85
C ARG C 295 11.04 -8.67 -16.92
N SER C 296 12.31 -8.25 -16.86
CA SER C 296 12.83 -7.33 -17.85
C SER C 296 13.28 -8.04 -19.13
N ILE C 297 13.72 -9.29 -19.03
CA ILE C 297 14.19 -10.03 -20.21
C ILE C 297 13.01 -10.34 -21.10
N ILE C 298 13.02 -9.78 -22.31
CA ILE C 298 11.91 -9.92 -23.23
C ILE C 298 12.22 -10.84 -24.41
N GLY C 299 13.49 -11.12 -24.67
CA GLY C 299 13.81 -11.96 -25.82
C GLY C 299 15.24 -12.44 -25.78
N LEU C 300 15.53 -13.31 -26.75
CA LEU C 300 16.85 -13.87 -26.98
C LEU C 300 17.23 -13.66 -28.45
N MET C 301 18.53 -13.60 -28.69
CA MET C 301 19.08 -13.63 -30.04
C MET C 301 20.01 -14.82 -30.15
N ILE C 302 19.88 -15.58 -31.24
CA ILE C 302 20.63 -16.81 -31.44
C ILE C 302 21.12 -16.86 -32.88
N GLU C 303 22.43 -17.01 -33.05
CA GLU C 303 23.03 -17.22 -34.37
C GLU C 303 23.08 -18.70 -34.65
N SER C 304 22.41 -19.12 -35.72
CA SER C 304 22.15 -20.54 -35.96
C SER C 304 22.09 -20.81 -37.46
N ASN C 305 22.95 -21.70 -37.93
CA ASN C 305 22.92 -22.15 -39.31
C ASN C 305 22.50 -23.61 -39.36
N ILE C 306 22.48 -24.16 -40.59
CA ILE C 306 22.18 -25.58 -40.75
C ILE C 306 23.30 -26.42 -40.12
N HIS C 307 24.54 -25.96 -40.22
CA HIS C 307 25.68 -26.58 -39.59
C HIS C 307 26.40 -25.55 -38.73
N GLU C 308 27.45 -25.99 -38.03
CA GLU C 308 28.13 -25.17 -37.04
C GLU C 308 29.59 -24.97 -37.44
N GLY C 309 30.34 -24.30 -36.56
CA GLY C 309 31.76 -24.10 -36.76
C GLY C 309 32.09 -22.93 -37.68
N ASP C 328 32.89 -19.93 -37.97
CA ASP C 328 31.64 -19.32 -37.56
C ASP C 328 31.35 -19.57 -36.08
N ALA C 329 30.60 -18.65 -35.48
CA ALA C 329 30.06 -18.84 -34.15
C ALA C 329 28.63 -19.37 -34.17
N CYS C 330 28.13 -19.78 -35.34
CA CYS C 330 26.75 -20.25 -35.45
C CYS C 330 26.62 -21.68 -34.94
N ILE C 331 25.57 -21.94 -34.19
CA ILE C 331 25.29 -23.30 -33.76
C ILE C 331 24.61 -24.06 -34.89
N SER C 332 24.76 -25.39 -34.85
CA SER C 332 24.13 -26.24 -35.85
C SER C 332 22.61 -26.22 -35.69
N TRP C 333 21.92 -26.68 -36.73
CA TRP C 333 20.46 -26.68 -36.69
C TRP C 333 19.94 -27.62 -35.62
N GLU C 334 20.58 -28.78 -35.45
CA GLU C 334 20.12 -29.74 -34.45
C GLU C 334 20.27 -29.17 -33.05
N MET C 335 21.37 -28.48 -32.78
CA MET C 335 21.51 -27.77 -31.51
C MET C 335 20.42 -26.72 -31.34
N THR C 336 20.11 -25.98 -32.40
CA THR C 336 19.06 -24.97 -32.33
C THR C 336 17.72 -25.60 -32.00
N ASP C 337 17.38 -26.69 -32.67
CA ASP C 337 16.13 -27.39 -32.43
C ASP C 337 16.04 -27.87 -30.98
N ALA C 338 17.08 -28.59 -30.52
CA ALA C 338 17.09 -29.09 -29.15
C ALA C 338 17.00 -27.95 -28.14
N LEU C 339 17.72 -26.85 -28.38
CA LEU C 339 17.74 -25.75 -27.43
C LEU C 339 16.41 -25.04 -27.36
N LEU C 340 15.80 -24.77 -28.52
CA LEU C 340 14.50 -24.10 -28.52
C LEU C 340 13.43 -24.98 -27.88
N ARG C 341 13.48 -26.29 -28.16
CA ARG C 341 12.53 -27.21 -27.51
C ARG C 341 12.73 -27.23 -26.00
N GLU C 342 13.99 -27.27 -25.55
CA GLU C 342 14.27 -27.27 -24.11
C GLU C 342 13.78 -25.98 -23.46
N ILE C 343 14.05 -24.84 -24.11
CA ILE C 343 13.57 -23.56 -23.59
C ILE C 343 12.05 -23.57 -23.50
N HIS C 344 11.37 -24.07 -24.53
CA HIS C 344 9.92 -24.11 -24.52
C HIS C 344 9.39 -24.99 -23.40
N GLN C 345 10.04 -26.13 -23.16
CA GLN C 345 9.58 -27.03 -22.11
C GLN C 345 9.85 -26.43 -20.72
N ASP C 346 10.97 -25.73 -20.55
CA ASP C 346 11.30 -25.13 -19.27
C ASP C 346 10.50 -23.86 -19.00
N LEU C 347 9.97 -23.23 -20.04
CA LEU C 347 9.31 -21.94 -19.92
C LEU C 347 7.79 -22.09 -19.87
N ASN C 348 7.33 -23.15 -19.21
CA ASN C 348 5.97 -23.67 -19.25
C ASN C 348 4.89 -22.61 -19.19
N GLY C 349 4.88 -21.80 -18.15
CA GLY C 349 3.85 -20.82 -17.98
C GLY C 349 4.29 -19.79 -16.97
N GLN C 350 5.59 -19.77 -16.75
CA GLN C 350 6.21 -18.68 -16.05
C GLN C 350 6.31 -17.44 -16.91
N LEU C 351 5.75 -17.53 -18.11
CA LEU C 351 5.62 -16.40 -19.02
C LEU C 351 4.21 -15.84 -19.05
N THR C 352 3.17 -16.68 -18.95
CA THR C 352 1.85 -16.13 -18.66
C THR C 352 1.82 -15.50 -17.27
N ALA C 353 2.69 -15.96 -16.38
CA ALA C 353 2.75 -15.44 -15.02
C ALA C 353 3.08 -13.96 -14.96
N ARG C 354 3.66 -13.39 -16.02
CA ARG C 354 4.24 -12.05 -15.96
C ARG C 354 3.42 -10.97 -16.66
N VAL C 355 2.29 -11.32 -17.27
CA VAL C 355 1.51 -10.33 -18.00
C VAL C 355 0.88 -9.32 -17.06
N ASP D 4 -38.46 -23.54 58.44
CA ASP D 4 -37.19 -24.17 58.13
C ASP D 4 -36.21 -24.02 59.29
N ALA D 5 -35.69 -25.15 59.77
CA ALA D 5 -34.82 -25.15 60.94
C ALA D 5 -33.41 -24.66 60.64
N LEU D 6 -33.06 -24.49 59.36
CA LEU D 6 -31.70 -24.17 58.97
C LEU D 6 -31.57 -22.92 58.13
N ASN D 7 -32.59 -22.53 57.36
CA ASN D 7 -32.48 -21.41 56.43
C ASN D 7 -33.40 -20.27 56.83
N ASN D 8 -32.88 -19.05 56.74
CA ASN D 8 -33.60 -17.82 57.07
C ASN D 8 -34.17 -17.85 58.49
N VAL D 9 -33.45 -18.50 59.39
CA VAL D 9 -33.87 -18.56 60.79
C VAL D 9 -33.98 -17.15 61.38
N HIS D 10 -33.13 -16.24 60.93
CA HIS D 10 -33.07 -14.88 61.46
C HIS D 10 -33.50 -13.84 60.43
N ILE D 11 -34.29 -14.23 59.44
CA ILE D 11 -34.79 -13.32 58.42
C ILE D 11 -36.30 -13.32 58.50
N THR D 12 -36.90 -12.13 58.61
CA THR D 12 -38.35 -12.00 58.70
C THR D 12 -39.01 -11.71 57.37
N ASP D 13 -38.39 -10.93 56.50
CA ASP D 13 -39.02 -10.50 55.26
C ASP D 13 -37.99 -10.46 54.14
N GLU D 14 -38.48 -10.63 52.92
CA GLU D 14 -37.61 -10.68 51.73
C GLU D 14 -38.39 -10.09 50.56
N GLN D 15 -37.86 -9.01 49.98
CA GLN D 15 -38.52 -8.26 48.92
C GLN D 15 -37.66 -8.26 47.67
N VAL D 16 -38.24 -8.66 46.55
CA VAL D 16 -37.52 -8.59 45.28
C VAL D 16 -37.31 -7.14 44.90
N LEU D 17 -36.07 -6.79 44.59
CA LEU D 17 -35.65 -5.42 44.34
C LEU D 17 -36.03 -4.97 42.93
N MET D 18 -36.32 -3.68 42.79
CA MET D 18 -36.41 -3.06 41.48
C MET D 18 -35.16 -3.39 40.67
N THR D 19 -35.37 -3.82 39.42
CA THR D 19 -34.27 -4.27 38.59
C THR D 19 -33.64 -3.08 37.87
N PRO D 20 -32.42 -3.25 37.32
CA PRO D 20 -31.86 -2.17 36.50
C PRO D 20 -32.72 -1.82 35.30
N GLU D 21 -33.37 -2.82 34.70
CA GLU D 21 -34.32 -2.58 33.60
C GLU D 21 -35.39 -1.57 34.00
N GLN D 22 -36.03 -1.81 35.15
CA GLN D 22 -37.13 -0.94 35.58
C GLN D 22 -36.62 0.45 35.96
N LEU D 23 -35.46 0.52 36.61
CA LEU D 23 -34.88 1.81 36.95
C LEU D 23 -34.58 2.62 35.70
N LYS D 24 -34.00 1.99 34.68
CA LYS D 24 -33.68 2.72 33.46
C LYS D 24 -34.92 3.06 32.66
N ALA D 25 -35.95 2.22 32.70
CA ALA D 25 -37.21 2.55 32.04
C ALA D 25 -37.91 3.72 32.72
N ALA D 26 -37.78 3.83 34.04
CA ALA D 26 -38.39 4.96 34.74
C ALA D 26 -37.58 6.24 34.59
N PHE D 27 -36.27 6.12 34.37
CA PHE D 27 -35.38 7.28 34.23
C PHE D 27 -34.47 7.05 33.03
N PRO D 28 -35.01 7.16 31.83
CA PRO D 28 -34.22 6.84 30.63
C PRO D 28 -33.29 7.97 30.22
N LEU D 29 -32.32 7.62 29.38
CA LEU D 29 -31.43 8.59 28.77
C LEU D 29 -32.03 9.07 27.46
N SER D 30 -31.98 10.38 27.22
CA SER D 30 -32.29 10.89 25.89
C SER D 30 -31.10 10.60 24.97
N LEU D 31 -31.37 10.61 23.66
CA LEU D 31 -30.30 10.29 22.71
C LEU D 31 -29.18 11.32 22.76
N GLN D 32 -29.50 12.58 23.03
CA GLN D 32 -28.43 13.58 23.17
C GLN D 32 -27.56 13.29 24.38
N GLN D 33 -28.17 12.92 25.51
CA GLN D 33 -27.39 12.56 26.69
C GLN D 33 -26.53 11.32 26.42
N GLU D 34 -27.08 10.35 25.69
CA GLU D 34 -26.32 9.17 25.33
C GLU D 34 -25.11 9.52 24.47
N ALA D 35 -25.32 10.34 23.44
CA ALA D 35 -24.21 10.77 22.60
C ALA D 35 -23.19 11.57 23.38
N GLN D 36 -23.65 12.39 24.32
CA GLN D 36 -22.73 13.21 25.11
C GLN D 36 -21.87 12.34 26.02
N ILE D 37 -22.47 11.35 26.68
CA ILE D 37 -21.69 10.44 27.52
C ILE D 37 -20.70 9.64 26.67
N ALA D 38 -21.13 9.18 25.49
CA ALA D 38 -20.20 8.47 24.61
C ALA D 38 -19.03 9.37 24.21
N ASP D 39 -19.31 10.63 23.90
CA ASP D 39 -18.26 11.56 23.53
C ASP D 39 -17.29 11.81 24.68
N SER D 40 -17.81 11.98 25.91
CA SER D 40 -16.92 12.23 27.03
C SER D 40 -16.06 11.00 27.34
N ARG D 41 -16.65 9.81 27.23
CA ARG D 41 -15.87 8.58 27.38
C ARG D 41 -14.75 8.51 26.34
N LYS D 42 -15.07 8.82 25.09
CA LYS D 42 -14.04 8.77 24.06
C LYS D 42 -12.95 9.83 24.30
N SER D 43 -13.34 11.00 24.78
CA SER D 43 -12.35 12.03 25.07
C SER D 43 -11.40 11.60 26.19
N ILE D 44 -11.96 11.03 27.26
CA ILE D 44 -11.11 10.53 28.35
C ILE D 44 -10.21 9.41 27.86
N SER D 45 -10.74 8.55 26.99
CA SER D 45 -9.91 7.49 26.41
C SER D 45 -8.76 8.06 25.59
N ASP D 46 -9.04 9.10 24.79
CA ASP D 46 -7.99 9.76 24.02
C ASP D 46 -6.92 10.34 24.94
N ILE D 47 -7.34 10.96 26.04
CA ILE D 47 -6.38 11.53 26.98
C ILE D 47 -5.50 10.43 27.57
N ILE D 48 -6.12 9.34 28.02
CA ILE D 48 -5.35 8.25 28.63
C ILE D 48 -4.37 7.66 27.62
N ALA D 49 -4.80 7.48 26.37
CA ALA D 49 -3.93 6.88 25.36
C ALA D 49 -2.85 7.82 24.88
N GLY D 50 -2.98 9.12 25.15
CA GLY D 50 -2.02 10.08 24.64
C GLY D 50 -2.37 10.70 23.31
N ARG D 51 -3.60 10.52 22.84
CA ARG D 51 -4.03 11.17 21.60
C ARG D 51 -4.49 12.61 21.87
N ASP D 52 -5.13 12.84 23.02
CA ASP D 52 -5.57 14.16 23.43
C ASP D 52 -4.55 14.79 24.36
N PRO D 53 -4.08 16.01 24.08
CA PRO D 53 -3.01 16.60 24.91
C PRO D 53 -3.48 17.08 26.27
N ARG D 54 -4.78 17.32 26.45
CA ARG D 54 -5.27 17.89 27.69
C ARG D 54 -5.07 16.92 28.86
N LEU D 55 -5.07 17.48 30.07
CA LEU D 55 -4.85 16.72 31.29
C LEU D 55 -6.18 16.36 31.94
N LEU D 56 -6.35 15.08 32.24
CA LEU D 56 -7.57 14.64 32.91
C LEU D 56 -7.57 15.11 34.36
N VAL D 57 -8.72 15.63 34.80
CA VAL D 57 -8.82 16.08 36.19
C VAL D 57 -10.15 15.59 36.77
N VAL D 58 -10.09 14.54 37.57
CA VAL D 58 -11.24 14.05 38.32
C VAL D 58 -11.29 14.80 39.64
N CYS D 59 -12.32 15.61 39.84
CA CYS D 59 -12.37 16.51 40.98
C CYS D 59 -13.77 16.57 41.54
N GLY D 60 -13.88 16.59 42.86
CA GLY D 60 -15.18 16.72 43.47
C GLY D 60 -15.26 16.33 44.93
N PRO D 61 -16.47 16.39 45.49
CA PRO D 61 -16.62 16.21 46.94
C PRO D 61 -16.12 14.87 47.42
N CYS D 62 -15.67 14.84 48.68
CA CYS D 62 -15.25 13.60 49.31
C CYS D 62 -16.35 12.54 49.21
N SER D 63 -17.59 12.93 49.49
CA SER D 63 -18.74 12.06 49.36
C SER D 63 -19.99 12.91 49.10
N ILE D 64 -20.96 12.31 48.44
CA ILE D 64 -22.19 12.99 48.05
C ILE D 64 -23.28 12.62 49.05
N HIS D 65 -23.81 13.65 49.74
CA HIS D 65 -24.79 13.45 50.79
C HIS D 65 -26.19 13.94 50.44
N ASP D 66 -26.32 14.88 49.50
CA ASP D 66 -27.60 15.51 49.23
C ASP D 66 -27.60 16.06 47.81
N PRO D 67 -28.67 15.85 47.04
CA PRO D 67 -28.67 16.29 45.64
C PRO D 67 -28.50 17.79 45.46
N GLU D 68 -29.01 18.62 46.37
CA GLU D 68 -28.92 20.06 46.18
C GLU D 68 -27.50 20.56 46.36
N THR D 69 -26.78 20.05 47.37
CA THR D 69 -25.37 20.37 47.51
C THR D 69 -24.58 19.95 46.28
N ALA D 70 -24.91 18.79 45.72
CA ALA D 70 -24.23 18.31 44.52
C ALA D 70 -24.48 19.24 43.34
N LEU D 71 -25.73 19.66 43.14
CA LEU D 71 -26.04 20.57 42.03
C LEU D 71 -25.37 21.92 42.21
N GLU D 72 -25.33 22.42 43.44
CA GLU D 72 -24.64 23.68 43.72
C GLU D 72 -23.16 23.57 43.39
N TYR D 73 -22.53 22.47 43.79
CA TYR D 73 -21.14 22.25 43.38
C TYR D 73 -21.02 22.17 41.87
N ALA D 74 -22.01 21.54 41.22
CA ALA D 74 -21.93 21.25 39.80
C ALA D 74 -21.95 22.52 38.97
N ARG D 75 -22.77 23.49 39.35
CA ARG D 75 -22.83 24.74 38.57
C ARG D 75 -21.47 25.45 38.59
N ARG D 76 -20.89 25.60 39.78
CA ARG D 76 -19.56 26.19 39.90
C ARG D 76 -18.54 25.38 39.10
N PHE D 77 -18.61 24.05 39.19
CA PHE D 77 -17.63 23.19 38.53
C PHE D 77 -17.70 23.36 37.01
N LYS D 78 -18.91 23.39 36.45
CA LYS D 78 -19.07 23.62 35.03
C LYS D 78 -18.52 24.99 34.61
N ALA D 79 -18.83 26.01 35.42
CA ALA D 79 -18.32 27.36 35.11
C ALA D 79 -16.79 27.37 35.06
N LEU D 80 -16.14 26.61 35.94
CA LEU D 80 -14.67 26.57 35.91
C LEU D 80 -14.16 25.71 34.77
N ALA D 81 -14.84 24.59 34.50
CA ALA D 81 -14.38 23.64 33.49
C ALA D 81 -14.37 24.26 32.11
N ALA D 82 -15.48 24.93 31.74
CA ALA D 82 -15.52 25.57 30.43
C ALA D 82 -14.39 26.60 30.29
N GLU D 83 -14.12 27.37 31.34
CA GLU D 83 -13.06 28.36 31.27
C GLU D 83 -11.69 27.72 31.08
N VAL D 84 -11.44 26.56 31.70
CA VAL D 84 -10.11 25.94 31.65
C VAL D 84 -10.01 24.80 30.62
N SER D 85 -11.08 24.52 29.88
CA SER D 85 -11.19 23.30 29.08
C SER D 85 -10.22 23.23 27.91
N ASP D 86 -9.43 24.26 27.65
CA ASP D 86 -8.47 24.15 26.56
C ASP D 86 -7.18 23.45 26.98
N SER D 87 -6.97 23.28 28.28
CA SER D 87 -5.79 22.58 28.79
C SER D 87 -6.13 21.40 29.70
N LEU D 88 -7.18 21.50 30.51
CA LEU D 88 -7.56 20.43 31.42
C LEU D 88 -9.01 20.02 31.17
N TYR D 89 -9.26 18.71 31.28
CA TYR D 89 -10.59 18.13 31.07
C TYR D 89 -11.16 17.76 32.44
N LEU D 90 -12.08 18.58 32.93
CA LEU D 90 -12.60 18.40 34.29
C LEU D 90 -13.72 17.37 34.31
N VAL D 91 -13.60 16.39 35.21
CA VAL D 91 -14.60 15.35 35.40
C VAL D 91 -15.02 15.39 36.86
N MET D 92 -16.32 15.54 37.10
CA MET D 92 -16.83 15.67 38.46
C MET D 92 -17.07 14.30 39.06
N ARG D 93 -16.39 14.00 40.17
CA ARG D 93 -16.59 12.72 40.83
C ARG D 93 -17.84 12.77 41.70
N VAL D 94 -18.73 11.81 41.49
CA VAL D 94 -19.95 11.68 42.28
C VAL D 94 -19.86 10.35 43.01
N TYR D 95 -19.30 10.39 44.22
CA TYR D 95 -19.21 9.22 45.09
C TYR D 95 -20.35 9.31 46.09
N PHE D 96 -21.29 8.36 46.03
CA PHE D 96 -22.45 8.42 46.92
C PHE D 96 -22.13 7.89 48.31
N GLU D 97 -21.16 6.97 48.41
CA GLU D 97 -20.71 6.42 49.68
C GLU D 97 -19.19 6.48 49.76
N LYS D 98 -18.68 5.96 50.87
CA LYS D 98 -17.26 6.03 51.21
C LYS D 98 -16.73 4.64 51.51
N PRO D 99 -15.84 4.09 50.65
CA PRO D 99 -15.39 2.70 50.81
C PRO D 99 -14.33 2.47 51.89
N ARG D 100 -14.49 3.16 53.04
CA ARG D 100 -13.87 2.77 54.31
C ARG D 100 -14.80 3.26 55.41
N THR D 101 -15.67 2.38 55.91
CA THR D 101 -16.59 2.81 56.96
C THR D 101 -17.13 1.62 57.73
N THR D 102 -17.00 1.68 59.05
CA THR D 102 -17.62 0.75 59.97
C THR D 102 -18.96 1.25 60.48
N VAL D 103 -19.13 2.57 60.54
CA VAL D 103 -20.12 3.22 61.39
C VAL D 103 -21.07 4.04 60.53
N GLY D 104 -22.26 4.27 61.06
CA GLY D 104 -23.04 5.43 60.69
C GLY D 104 -23.96 5.21 59.50
N TRP D 105 -24.36 6.35 58.94
CA TRP D 105 -25.27 6.39 57.81
C TRP D 105 -24.68 5.66 56.60
N LYS D 106 -25.53 4.91 55.90
CA LYS D 106 -25.13 4.11 54.75
C LYS D 106 -25.17 4.89 53.44
N GLY D 107 -25.40 6.20 53.49
CA GLY D 107 -25.35 7.01 52.29
C GLY D 107 -26.69 7.22 51.63
N LEU D 108 -26.66 8.05 50.58
CA LEU D 108 -27.88 8.48 49.92
C LEU D 108 -28.59 7.31 49.25
N ILE D 109 -27.83 6.39 48.65
CA ILE D 109 -28.44 5.32 47.86
C ILE D 109 -29.12 4.30 48.77
N ASN D 110 -28.43 3.90 49.84
CA ASN D 110 -28.97 2.80 50.64
C ASN D 110 -29.99 3.28 51.68
N ASP D 111 -29.81 4.46 52.25
CA ASP D 111 -30.71 4.99 53.27
C ASP D 111 -31.01 6.45 52.98
N PRO D 112 -31.80 6.72 51.95
CA PRO D 112 -32.04 8.12 51.57
C PRO D 112 -32.78 8.94 52.60
N HIS D 113 -33.72 8.32 53.33
CA HIS D 113 -34.49 9.02 54.34
C HIS D 113 -33.71 9.26 55.63
N MET D 114 -32.46 8.81 55.69
CA MET D 114 -31.57 9.09 56.83
C MET D 114 -32.19 8.65 58.15
N ASP D 115 -32.88 7.49 58.12
CA ASP D 115 -33.59 7.02 59.30
C ASP D 115 -33.41 5.53 59.52
N GLY D 116 -32.44 4.91 58.86
CA GLY D 116 -32.25 3.47 58.99
C GLY D 116 -33.38 2.63 58.44
N SER D 117 -34.14 3.17 57.48
CA SER D 117 -35.17 2.38 56.82
C SER D 117 -34.65 1.62 55.61
N PHE D 118 -33.48 2.00 55.08
CA PHE D 118 -32.79 1.23 54.05
C PHE D 118 -33.63 1.13 52.77
N ASP D 119 -34.19 2.26 52.36
CA ASP D 119 -35.04 2.33 51.17
C ASP D 119 -34.14 2.47 49.93
N VAL D 120 -33.57 1.35 49.52
CA VAL D 120 -32.59 1.35 48.45
C VAL D 120 -33.22 1.74 47.12
N GLU D 121 -34.49 1.40 46.90
CA GLU D 121 -35.14 1.74 45.64
C GLU D 121 -35.30 3.25 45.49
N ALA D 122 -35.77 3.91 46.55
CA ALA D 122 -35.85 5.36 46.54
C ALA D 122 -34.47 5.98 46.39
N GLY D 123 -33.47 5.41 47.06
CA GLY D 123 -32.12 5.94 46.94
C GLY D 123 -31.58 5.85 45.53
N LEU D 124 -31.82 4.72 44.86
CA LEU D 124 -31.37 4.55 43.49
C LEU D 124 -32.10 5.51 42.55
N GLN D 125 -33.41 5.72 42.77
CA GLN D 125 -34.14 6.67 41.95
C GLN D 125 -33.60 8.09 42.15
N ILE D 126 -33.35 8.48 43.40
CA ILE D 126 -32.82 9.81 43.68
C ILE D 126 -31.44 9.98 43.04
N ALA D 127 -30.58 8.97 43.21
CA ALA D 127 -29.25 9.03 42.63
C ALA D 127 -29.31 9.16 41.12
N ARG D 128 -30.17 8.38 40.46
CA ARG D 128 -30.24 8.43 39.01
C ARG D 128 -30.79 9.77 38.52
N LYS D 129 -31.78 10.33 39.23
CA LYS D 129 -32.29 11.65 38.86
C LYS D 129 -31.21 12.72 38.99
N LEU D 130 -30.46 12.67 40.09
CA LEU D 130 -29.34 13.60 40.29
C LEU D 130 -28.31 13.47 39.17
N LEU D 131 -27.89 12.24 38.87
CA LEU D 131 -26.90 12.03 37.83
C LEU D 131 -27.42 12.46 36.47
N LEU D 132 -28.71 12.25 36.21
CA LEU D 132 -29.30 12.67 34.95
C LEU D 132 -29.28 14.18 34.80
N GLU D 133 -29.55 14.92 35.88
CA GLU D 133 -29.44 16.37 35.78
C GLU D 133 -27.99 16.82 35.65
N LEU D 134 -27.06 16.12 36.30
CA LEU D 134 -25.65 16.45 36.13
C LEU D 134 -25.21 16.25 34.69
N VAL D 135 -25.61 15.13 34.08
CA VAL D 135 -25.34 14.89 32.67
C VAL D 135 -26.01 15.97 31.81
N ASN D 136 -27.22 16.36 32.19
CA ASN D 136 -27.93 17.39 31.44
C ASN D 136 -27.21 18.73 31.50
N MET D 137 -26.46 18.99 32.57
CA MET D 137 -25.65 20.19 32.63
C MET D 137 -24.40 20.12 31.77
N GLY D 138 -24.11 18.95 31.19
CA GLY D 138 -22.92 18.81 30.37
C GLY D 138 -21.67 18.47 31.15
N LEU D 139 -21.81 17.85 32.32
CA LEU D 139 -20.65 17.47 33.13
C LEU D 139 -20.36 16.00 32.93
N PRO D 140 -19.15 15.62 32.52
CA PRO D 140 -18.76 14.21 32.58
C PRO D 140 -18.60 13.79 34.03
N LEU D 141 -19.03 12.56 34.33
CA LEU D 141 -19.12 12.09 35.70
C LEU D 141 -18.16 10.95 35.96
N ALA D 142 -17.65 10.89 37.19
CA ALA D 142 -16.67 9.90 37.60
C ALA D 142 -17.18 9.15 38.83
N THR D 143 -16.97 7.84 38.84
CA THR D 143 -17.40 7.02 39.96
C THR D 143 -16.29 6.10 40.47
N GLU D 144 -16.63 5.23 41.41
CA GLU D 144 -15.70 4.22 41.92
C GLU D 144 -16.45 2.91 41.99
N ALA D 145 -15.97 1.90 41.28
CA ALA D 145 -16.66 0.61 41.18
C ALA D 145 -16.34 -0.21 42.43
N LEU D 146 -17.32 -0.29 43.34
CA LEU D 146 -17.16 -1.00 44.60
C LEU D 146 -18.09 -2.20 44.68
N ASP D 147 -18.75 -2.56 43.58
CA ASP D 147 -19.95 -3.38 43.66
C ASP D 147 -20.25 -3.92 42.27
N PRO D 148 -20.74 -5.15 42.14
CA PRO D 148 -21.09 -5.66 40.81
C PRO D 148 -22.51 -5.33 40.36
N ASN D 149 -23.35 -4.80 41.24
CA ASN D 149 -24.72 -4.47 40.89
C ASN D 149 -24.89 -3.00 40.50
N SER D 150 -24.28 -2.08 41.25
CA SER D 150 -24.45 -0.67 40.95
C SER D 150 -24.01 -0.25 39.54
N PRO D 151 -23.02 -0.89 38.90
CA PRO D 151 -22.79 -0.56 37.49
C PRO D 151 -24.00 -0.82 36.60
N GLN D 152 -24.75 -1.89 36.84
CA GLN D 152 -25.94 -2.13 36.02
C GLN D 152 -27.02 -1.08 36.25
N TYR D 153 -27.13 -0.56 37.48
CA TYR D 153 -28.17 0.41 37.78
C TYR D 153 -27.81 1.81 37.30
N LEU D 154 -26.53 2.21 37.42
CA LEU D 154 -26.17 3.60 37.22
C LEU D 154 -24.98 3.86 36.30
N GLY D 155 -24.26 2.83 35.82
CA GLY D 155 -23.00 3.06 35.16
C GLY D 155 -23.10 3.68 33.78
N ASP D 156 -24.27 3.62 33.14
CA ASP D 156 -24.43 4.23 31.83
C ASP D 156 -24.29 5.75 31.88
N LEU D 157 -24.30 6.34 33.08
CA LEU D 157 -24.20 7.78 33.23
C LEU D 157 -22.78 8.26 33.50
N PHE D 158 -21.85 7.36 33.80
CA PHE D 158 -20.48 7.74 34.14
C PHE D 158 -19.55 7.59 32.93
N SER D 159 -18.51 8.41 32.92
CA SER D 159 -17.52 8.40 31.86
C SER D 159 -16.16 7.91 32.33
N TRP D 160 -15.99 7.63 33.63
CA TRP D 160 -14.72 7.19 34.18
C TRP D 160 -14.99 6.52 35.52
N SER D 161 -14.18 5.50 35.83
CA SER D 161 -14.37 4.80 37.09
C SER D 161 -13.03 4.42 37.71
N ALA D 162 -12.94 4.55 39.03
CA ALA D 162 -11.80 4.06 39.78
C ALA D 162 -12.04 2.62 40.25
N ILE D 163 -10.96 1.86 40.33
CA ILE D 163 -10.98 0.46 40.70
C ILE D 163 -9.98 0.25 41.83
N GLY D 164 -10.45 -0.28 42.96
CA GLY D 164 -9.61 -0.55 44.10
C GLY D 164 -9.77 -1.95 44.63
N ALA D 165 -9.43 -2.16 45.90
CA ALA D 165 -9.44 -3.50 46.48
C ALA D 165 -10.84 -4.09 46.50
N ARG D 166 -11.87 -3.27 46.70
CA ARG D 166 -13.23 -3.78 46.78
C ARG D 166 -13.64 -4.56 45.53
N THR D 167 -12.92 -4.38 44.42
CA THR D 167 -13.12 -5.18 43.22
C THR D 167 -11.98 -6.17 42.99
N THR D 168 -10.72 -5.71 43.05
CA THR D 168 -9.61 -6.52 42.58
C THR D 168 -9.32 -7.72 43.46
N GLU D 169 -9.53 -7.61 44.77
CA GLU D 169 -9.36 -8.75 45.67
C GLU D 169 -10.69 -9.35 46.10
N SER D 170 -11.73 -9.18 45.28
CA SER D 170 -12.99 -9.86 45.47
C SER D 170 -12.97 -11.20 44.74
N GLN D 171 -14.12 -11.88 44.72
CA GLN D 171 -14.19 -13.26 44.26
C GLN D 171 -15.01 -13.40 42.99
N THR D 172 -16.26 -12.96 43.05
CA THR D 172 -17.17 -13.15 41.95
C THR D 172 -16.81 -12.25 40.78
N HIS D 173 -16.20 -11.10 41.07
CA HIS D 173 -16.01 -10.04 40.09
C HIS D 173 -14.62 -9.42 40.19
N ARG D 174 -13.59 -10.25 40.37
CA ARG D 174 -12.22 -9.74 40.38
C ARG D 174 -11.90 -8.99 39.10
N GLU D 175 -12.44 -9.46 37.97
CA GLU D 175 -12.13 -8.92 36.65
C GLU D 175 -13.23 -8.02 36.10
N MET D 176 -14.03 -7.40 36.97
CA MET D 176 -15.17 -6.61 36.48
C MET D 176 -14.73 -5.44 35.63
N ALA D 177 -13.54 -4.89 35.90
CA ALA D 177 -13.08 -3.72 35.14
C ALA D 177 -12.90 -4.04 33.66
N SER D 178 -12.58 -5.29 33.34
CA SER D 178 -12.45 -5.68 31.94
C SER D 178 -13.79 -5.69 31.20
N GLY D 179 -14.91 -5.55 31.91
CA GLY D 179 -16.21 -5.54 31.27
C GLY D 179 -16.98 -4.24 31.45
N LEU D 180 -16.32 -3.22 32.01
CA LEU D 180 -16.95 -1.91 32.17
C LEU D 180 -16.81 -1.12 30.87
N SER D 181 -17.86 -0.35 30.55
CA SER D 181 -17.89 0.39 29.29
C SER D 181 -17.13 1.70 29.34
N MET D 182 -16.63 2.10 30.49
CA MET D 182 -15.96 3.38 30.65
C MET D 182 -14.47 3.18 30.92
N PRO D 183 -13.65 4.19 30.65
CA PRO D 183 -12.25 4.13 31.07
C PRO D 183 -12.11 3.95 32.57
N VAL D 184 -11.05 3.26 32.98
CA VAL D 184 -10.85 2.86 34.37
C VAL D 184 -9.45 3.23 34.82
N GLY D 185 -9.35 3.68 36.06
CA GLY D 185 -8.06 3.90 36.71
C GLY D 185 -7.91 2.97 37.91
N PHE D 186 -6.72 2.40 38.06
CA PHE D 186 -6.48 1.35 39.04
C PHE D 186 -5.61 1.87 40.18
N LYS D 187 -6.18 1.90 41.39
CA LYS D 187 -5.43 2.38 42.55
C LYS D 187 -4.29 1.42 42.90
N ASN D 188 -3.16 1.98 43.34
CA ASN D 188 -2.10 1.15 43.89
C ASN D 188 -2.53 0.60 45.25
N GLY D 189 -1.76 -0.36 45.76
CA GLY D 189 -2.10 -0.98 47.02
C GLY D 189 -2.04 -0.02 48.19
N THR D 190 -2.79 -0.36 49.25
CA THR D 190 -2.79 0.47 50.45
C THR D 190 -1.42 0.53 51.09
N ASP D 191 -0.62 -0.53 50.93
CA ASP D 191 0.77 -0.53 51.38
C ASP D 191 1.69 0.22 50.42
N GLY D 192 1.17 0.74 49.32
CA GLY D 192 1.98 1.36 48.29
C GLY D 192 2.39 0.46 47.15
N SER D 193 1.88 -0.77 47.11
CA SER D 193 2.28 -1.72 46.08
C SER D 193 1.82 -1.25 44.71
N LEU D 194 2.76 -1.01 43.81
CA LEU D 194 2.42 -0.69 42.43
C LEU D 194 2.00 -1.94 41.66
N ALA D 195 2.47 -3.11 42.09
CA ALA D 195 2.18 -4.35 41.38
C ALA D 195 0.68 -4.65 41.37
N THR D 196 -0.03 -4.33 42.45
CA THR D 196 -1.47 -4.57 42.47
C THR D 196 -2.18 -3.80 41.36
N ALA D 197 -1.93 -2.49 41.29
CA ALA D 197 -2.55 -1.66 40.25
C ALA D 197 -2.10 -2.11 38.86
N ILE D 198 -0.81 -2.40 38.69
CA ILE D 198 -0.30 -2.74 37.37
C ILE D 198 -0.88 -4.07 36.89
N ASN D 199 -0.92 -5.08 37.77
CA ASN D 199 -1.51 -6.37 37.40
C ASN D 199 -3.00 -6.23 37.12
N ALA D 200 -3.72 -5.43 37.93
CA ALA D 200 -5.13 -5.21 37.66
C ALA D 200 -5.33 -4.55 36.30
N MET D 201 -4.51 -3.56 35.97
CA MET D 201 -4.63 -2.88 34.68
C MET D 201 -4.32 -3.82 33.53
N ARG D 202 -3.24 -4.59 33.65
CA ARG D 202 -2.88 -5.55 32.60
C ARG D 202 -3.99 -6.57 32.39
N ALA D 203 -4.55 -7.11 33.48
CA ALA D 203 -5.62 -8.09 33.37
C ALA D 203 -6.90 -7.48 32.81
N ALA D 204 -7.17 -6.20 33.11
CA ALA D 204 -8.41 -5.59 32.65
C ALA D 204 -8.43 -5.38 31.14
N ALA D 205 -7.27 -5.29 30.49
CA ALA D 205 -7.25 -5.18 29.05
C ALA D 205 -7.62 -6.49 28.36
N GLN D 206 -7.74 -7.59 29.10
CA GLN D 206 -7.93 -8.92 28.55
C GLN D 206 -9.35 -9.43 28.81
N PRO D 207 -9.82 -10.38 28.01
CA PRO D 207 -11.16 -10.95 28.24
C PRO D 207 -11.19 -11.80 29.50
N HIS D 208 -12.29 -11.69 30.23
CA HIS D 208 -12.47 -12.44 31.47
C HIS D 208 -13.95 -12.71 31.69
N ARG D 209 -14.23 -13.49 32.73
CA ARG D 209 -15.59 -13.75 33.18
C ARG D 209 -15.73 -13.34 34.64
N PHE D 210 -16.92 -12.88 34.99
CA PHE D 210 -17.17 -12.50 36.38
C PHE D 210 -18.65 -12.67 36.70
N VAL D 211 -18.94 -12.87 37.98
CA VAL D 211 -20.30 -13.00 38.46
C VAL D 211 -20.85 -11.61 38.78
N GLY D 212 -21.94 -11.25 38.13
CA GLY D 212 -22.64 -10.02 38.44
C GLY D 212 -24.14 -10.24 38.34
N ILE D 213 -24.85 -9.25 37.80
CA ILE D 213 -26.29 -9.39 37.57
C ILE D 213 -26.57 -8.94 36.14
N ASN D 214 -27.66 -9.46 35.58
CA ASN D 214 -28.13 -8.97 34.30
C ASN D 214 -29.11 -7.80 34.53
N GLN D 215 -29.70 -7.31 33.44
CA GLN D 215 -30.61 -6.17 33.56
C GLN D 215 -31.92 -6.53 34.25
N ALA D 216 -32.22 -7.82 34.42
CA ALA D 216 -33.42 -8.25 35.12
C ALA D 216 -33.15 -8.56 36.58
N GLY D 217 -31.98 -8.16 37.11
CA GLY D 217 -31.65 -8.42 38.50
C GLY D 217 -31.37 -9.87 38.83
N GLN D 218 -30.96 -10.67 37.86
CA GLN D 218 -30.64 -12.08 38.10
C GLN D 218 -29.14 -12.26 38.20
N VAL D 219 -28.72 -13.11 39.15
CA VAL D 219 -27.32 -13.48 39.25
C VAL D 219 -26.88 -14.11 37.94
N ALA D 220 -25.83 -13.56 37.33
CA ALA D 220 -25.42 -13.98 36.00
C ALA D 220 -23.90 -14.07 35.92
N LEU D 221 -23.44 -14.86 34.95
CA LEU D 221 -22.03 -14.94 34.60
C LEU D 221 -21.82 -14.14 33.32
N LEU D 222 -20.96 -13.14 33.38
CA LEU D 222 -20.74 -12.23 32.27
C LEU D 222 -19.35 -12.46 31.69
N GLN D 223 -19.28 -12.57 30.37
CA GLN D 223 -18.03 -12.71 29.63
C GLN D 223 -17.64 -11.34 29.08
N THR D 224 -16.41 -10.93 29.34
CA THR D 224 -15.95 -9.62 28.93
C THR D 224 -15.00 -9.72 27.74
N GLN D 225 -14.84 -8.58 27.09
CA GLN D 225 -13.96 -8.43 25.93
C GLN D 225 -12.62 -7.82 26.31
N GLY D 226 -12.54 -7.14 27.43
CA GLY D 226 -11.35 -6.42 27.83
C GLY D 226 -11.56 -4.92 27.67
N ASN D 227 -10.92 -4.17 28.55
CA ASN D 227 -11.05 -2.71 28.56
C ASN D 227 -9.73 -2.07 28.18
N PRO D 228 -9.58 -1.51 26.97
CA PRO D 228 -8.28 -0.98 26.56
C PRO D 228 -7.92 0.36 27.20
N ASP D 229 -8.87 1.04 27.82
CA ASP D 229 -8.64 2.39 28.37
C ASP D 229 -8.37 2.28 29.87
N GLY D 230 -7.16 1.83 30.19
CA GLY D 230 -6.76 1.72 31.58
C GLY D 230 -5.59 2.60 31.94
N HIS D 231 -5.47 2.94 33.23
CA HIS D 231 -4.32 3.68 33.73
C HIS D 231 -4.20 3.43 35.22
N VAL D 232 -3.03 3.73 35.75
CA VAL D 232 -2.72 3.55 37.17
C VAL D 232 -3.09 4.83 37.92
N ILE D 233 -3.51 4.68 39.17
CA ILE D 233 -3.74 5.81 40.07
C ILE D 233 -2.74 5.71 41.21
N LEU D 234 -1.86 6.70 41.32
CA LEU D 234 -0.92 6.78 42.43
C LEU D 234 -1.61 7.49 43.59
N ARG D 235 -1.96 6.73 44.62
CA ARG D 235 -2.71 7.25 45.77
C ARG D 235 -1.88 7.27 47.05
N GLY D 236 -0.58 7.02 46.95
CA GLY D 236 0.25 6.90 48.14
C GLY D 236 0.03 5.59 48.86
N GLY D 237 0.90 5.29 49.82
CA GLY D 237 0.78 4.10 50.65
C GLY D 237 1.05 4.43 52.10
N LYS D 238 2.05 3.77 52.69
CA LYS D 238 2.55 4.26 53.97
C LYS D 238 3.06 5.68 53.84
N ALA D 239 3.66 6.01 52.70
CA ALA D 239 4.19 7.34 52.40
C ALA D 239 3.70 7.76 51.03
N PRO D 240 3.74 9.07 50.72
CA PRO D 240 3.34 9.51 49.38
C PRO D 240 4.21 8.88 48.30
N ASN D 241 3.65 8.74 47.11
CA ASN D 241 4.35 8.15 45.98
C ASN D 241 4.14 8.96 44.71
N TYR D 242 4.10 10.28 44.85
CA TYR D 242 3.92 11.17 43.71
C TYR D 242 5.21 11.87 43.29
N SER D 243 6.32 11.61 43.99
CA SER D 243 7.58 12.23 43.67
C SER D 243 8.10 11.72 42.32
N PRO D 244 9.00 12.48 41.68
CA PRO D 244 9.60 12.01 40.42
C PRO D 244 10.20 10.61 40.49
N ALA D 245 10.81 10.25 41.63
CA ALA D 245 11.38 8.92 41.76
C ALA D 245 10.29 7.85 41.72
N ASP D 246 9.20 8.06 42.45
CA ASP D 246 8.11 7.09 42.44
C ASP D 246 7.46 6.99 41.06
N VAL D 247 7.30 8.13 40.38
CA VAL D 247 6.73 8.12 39.04
C VAL D 247 7.64 7.36 38.08
N ALA D 248 8.95 7.54 38.20
CA ALA D 248 9.88 6.82 37.34
C ALA D 248 9.84 5.32 37.61
N GLN D 249 9.81 4.93 38.89
CA GLN D 249 9.69 3.52 39.22
C GLN D 249 8.40 2.92 38.66
N CYS D 250 7.29 3.66 38.76
CA CYS D 250 6.03 3.18 38.22
C CYS D 250 6.09 3.03 36.72
N GLU D 251 6.66 4.01 36.02
CA GLU D 251 6.88 3.89 34.58
C GLU D 251 7.64 2.62 34.25
N LYS D 252 8.78 2.41 34.93
CA LYS D 252 9.61 1.25 34.64
C LYS D 252 8.84 -0.04 34.84
N GLU D 253 8.11 -0.16 35.96
CA GLU D 253 7.36 -1.39 36.22
C GLU D 253 6.22 -1.58 35.22
N MET D 254 5.64 -0.48 34.72
CA MET D 254 4.59 -0.60 33.71
C MET D 254 5.15 -1.08 32.37
N GLU D 255 6.30 -0.55 31.97
CA GLU D 255 6.90 -1.02 30.72
C GLU D 255 7.41 -2.45 30.84
N GLN D 256 7.85 -2.86 32.03
CA GLN D 256 8.28 -4.24 32.20
C GLN D 256 7.12 -5.22 32.14
N ALA D 257 5.90 -4.76 32.42
CA ALA D 257 4.72 -5.60 32.29
C ALA D 257 4.09 -5.54 30.91
N GLY D 258 4.70 -4.81 29.98
CA GLY D 258 4.16 -4.69 28.64
C GLY D 258 3.11 -3.62 28.46
N LEU D 259 3.00 -2.67 29.38
CA LEU D 259 2.01 -1.60 29.31
C LEU D 259 2.67 -0.28 28.97
N ARG D 260 1.96 0.53 28.20
CA ARG D 260 2.41 1.90 27.95
C ARG D 260 2.22 2.73 29.21
N PRO D 261 3.26 3.42 29.70
CA PRO D 261 3.14 4.18 30.96
C PRO D 261 2.03 5.23 30.88
N SER D 262 1.04 5.09 31.75
CA SER D 262 -0.09 6.00 31.80
C SER D 262 -0.61 6.00 33.24
N LEU D 263 -0.54 7.15 33.90
CA LEU D 263 -0.90 7.17 35.31
C LEU D 263 -1.56 8.49 35.67
N MET D 264 -2.34 8.44 36.74
CA MET D 264 -2.99 9.60 37.34
C MET D 264 -2.51 9.73 38.78
N VAL D 265 -2.28 10.96 39.22
CA VAL D 265 -1.79 11.23 40.57
C VAL D 265 -2.96 11.70 41.42
N ASP D 266 -3.25 10.96 42.48
CA ASP D 266 -4.24 11.37 43.47
C ASP D 266 -3.56 12.34 44.45
N CYS D 267 -4.07 13.57 44.53
CA CYS D 267 -3.54 14.58 45.44
C CYS D 267 -4.01 14.38 46.88
N SER D 268 -5.00 13.52 47.06
CA SER D 268 -5.59 13.09 48.32
C SER D 268 -4.88 11.84 48.85
N HIS D 269 -5.65 10.91 49.43
CA HIS D 269 -5.46 10.18 50.68
C HIS D 269 -4.01 9.94 51.11
N GLY D 270 -3.24 9.14 50.37
CA GLY D 270 -1.90 8.82 50.85
C GLY D 270 -0.84 9.82 50.46
N ASN D 271 -1.11 10.62 49.44
CA ASN D 271 -0.18 11.63 48.98
C ASN D 271 -0.35 12.95 49.71
N SER D 272 -1.43 13.11 50.47
CA SER D 272 -1.62 14.28 51.32
C SER D 272 -1.67 13.92 52.80
N ASN D 273 -1.54 12.64 53.15
CA ASN D 273 -1.79 12.15 54.50
C ASN D 273 -3.18 12.59 54.98
N LYS D 274 -4.14 12.59 54.04
CA LYS D 274 -5.52 12.99 54.29
C LYS D 274 -5.60 14.39 54.92
N ASP D 275 -4.63 15.24 54.58
CA ASP D 275 -4.59 16.62 55.06
C ASP D 275 -4.97 17.54 53.90
N TYR D 276 -6.06 18.30 54.06
CA TYR D 276 -6.57 19.10 52.96
C TYR D 276 -5.58 20.16 52.51
N ARG D 277 -4.75 20.68 53.43
CA ARG D 277 -3.80 21.73 53.06
C ARG D 277 -2.68 21.23 52.16
N ARG D 278 -2.58 19.92 51.93
CA ARG D 278 -1.44 19.35 51.20
C ARG D 278 -1.74 19.03 49.74
N GLN D 279 -3.00 18.76 49.38
CA GLN D 279 -3.35 18.49 47.98
C GLN D 279 -2.75 19.48 46.98
N PRO D 280 -2.80 20.80 47.21
CA PRO D 280 -2.17 21.72 46.25
C PRO D 280 -0.70 21.45 46.02
N ALA D 281 0.04 21.05 47.06
CA ALA D 281 1.46 20.75 46.88
C ALA D 281 1.65 19.56 45.93
N VAL D 282 0.81 18.54 46.06
CA VAL D 282 0.91 17.39 45.16
C VAL D 282 0.59 17.80 43.72
N ALA D 283 -0.49 18.56 43.54
CA ALA D 283 -0.84 19.02 42.21
C ALA D 283 0.28 19.86 41.59
N GLU D 284 0.91 20.72 42.40
CA GLU D 284 1.97 21.58 41.88
C GLU D 284 3.25 20.80 41.59
N SER D 285 3.56 19.79 42.39
CA SER D 285 4.67 18.90 42.06
C SER D 285 4.43 18.19 40.74
N VAL D 286 3.19 17.75 40.51
CA VAL D 286 2.85 17.11 39.24
C VAL D 286 2.99 18.09 38.09
N VAL D 287 2.52 19.32 38.27
CA VAL D 287 2.65 20.35 37.23
C VAL D 287 4.12 20.63 36.94
N ALA D 288 4.95 20.66 37.98
CA ALA D 288 6.39 20.85 37.78
C ALA D 288 6.98 19.70 36.97
N GLN D 289 6.62 18.46 37.31
CA GLN D 289 7.14 17.31 36.57
C GLN D 289 6.70 17.36 35.11
N ILE D 290 5.47 17.82 34.85
CA ILE D 290 5.00 17.93 33.48
C ILE D 290 5.77 19.02 32.73
N LYS D 291 5.98 20.17 33.37
CA LYS D 291 6.70 21.26 32.73
C LYS D 291 8.13 20.84 32.36
N ASP D 292 8.70 19.90 33.09
CA ASP D 292 10.04 19.41 32.82
C ASP D 292 10.05 18.21 31.87
N GLY D 293 8.93 17.92 31.21
CA GLY D 293 8.92 16.95 30.14
C GLY D 293 8.37 15.58 30.46
N ASN D 294 7.73 15.39 31.62
CA ASN D 294 7.12 14.10 31.90
C ASN D 294 6.02 13.81 30.88
N ARG D 295 5.82 12.53 30.57
CA ARG D 295 4.81 12.12 29.61
C ARG D 295 3.88 11.03 30.12
N SER D 296 4.20 10.36 31.23
CA SER D 296 3.32 9.30 31.73
C SER D 296 2.13 9.88 32.51
N ILE D 297 2.31 11.01 33.18
CA ILE D 297 1.24 11.58 34.00
C ILE D 297 0.16 12.12 33.08
N ILE D 298 -1.02 11.51 33.11
CA ILE D 298 -2.13 11.92 32.26
C ILE D 298 -3.27 12.56 33.04
N GLY D 299 -3.28 12.47 34.37
CA GLY D 299 -4.39 13.01 35.12
C GLY D 299 -4.06 13.34 36.55
N LEU D 300 -5.02 14.00 37.19
CA LEU D 300 -4.99 14.36 38.59
C LEU D 300 -6.35 14.04 39.21
N MET D 301 -6.34 13.73 40.50
CA MET D 301 -7.58 13.54 41.25
C MET D 301 -7.56 14.45 42.48
N ILE D 302 -8.65 15.17 42.68
CA ILE D 302 -8.77 16.17 43.74
C ILE D 302 -10.08 15.97 44.49
N GLU D 303 -9.99 15.87 45.81
CA GLU D 303 -11.16 15.81 46.69
C GLU D 303 -11.49 17.23 47.12
N SER D 304 -12.60 17.77 46.65
CA SER D 304 -12.91 19.18 46.81
C SER D 304 -14.41 19.36 47.00
N ASN D 305 -14.80 19.98 48.12
CA ASN D 305 -16.21 20.31 48.35
C ASN D 305 -16.36 21.83 48.46
N ILE D 306 -17.59 22.28 48.72
CA ILE D 306 -17.85 23.71 48.85
C ILE D 306 -17.07 24.28 50.04
N HIS D 307 -17.00 23.54 51.13
CA HIS D 307 -16.30 23.97 52.33
C HIS D 307 -15.24 22.96 52.73
N GLU D 308 -14.33 23.40 53.59
CA GLU D 308 -13.10 22.72 53.91
C GLU D 308 -13.20 22.04 55.28
N GLY D 309 -12.07 21.54 55.77
CA GLY D 309 -11.99 20.99 57.11
C GLY D 309 -12.37 19.53 57.22
N ASP D 328 -12.46 15.49 57.70
CA ASP D 328 -12.51 15.46 56.25
C ASP D 328 -11.25 16.03 55.62
N ALA D 329 -10.90 15.53 54.44
CA ALA D 329 -9.66 15.90 53.77
C ALA D 329 -9.90 16.73 52.51
N CYS D 330 -11.12 17.26 52.34
CA CYS D 330 -11.49 17.98 51.13
C CYS D 330 -11.06 19.45 51.23
N ILE D 331 -10.63 20.01 50.11
CA ILE D 331 -10.32 21.43 50.02
C ILE D 331 -11.60 22.19 49.70
N SER D 332 -11.58 23.49 49.98
CA SER D 332 -12.75 24.34 49.73
C SER D 332 -12.89 24.63 48.23
N TRP D 333 -14.06 25.14 47.85
CA TRP D 333 -14.23 25.55 46.47
C TRP D 333 -13.31 26.70 46.11
N GLU D 334 -12.98 27.56 47.07
CA GLU D 334 -12.06 28.66 46.81
C GLU D 334 -10.67 28.15 46.46
N MET D 335 -10.15 27.22 47.27
CA MET D 335 -8.85 26.63 46.99
C MET D 335 -8.90 25.83 45.69
N THR D 336 -10.02 25.17 45.41
CA THR D 336 -10.17 24.43 44.16
C THR D 336 -10.07 25.37 42.96
N ASP D 337 -10.83 26.46 42.99
CA ASP D 337 -10.79 27.44 41.92
C ASP D 337 -9.37 27.98 41.72
N ALA D 338 -8.75 28.45 42.82
CA ALA D 338 -7.41 29.01 42.72
C ALA D 338 -6.41 27.99 42.18
N LEU D 339 -6.47 26.75 42.67
CA LEU D 339 -5.50 25.73 42.27
C LEU D 339 -5.68 25.37 40.80
N LEU D 340 -6.92 25.16 40.37
CA LEU D 340 -7.13 24.80 38.98
C LEU D 340 -6.77 25.93 38.03
N ARG D 341 -7.02 27.19 38.43
CA ARG D 341 -6.58 28.31 37.61
C ARG D 341 -5.06 28.36 37.51
N GLU D 342 -4.37 28.17 38.64
CA GLU D 342 -2.91 28.14 38.64
C GLU D 342 -2.39 27.05 37.72
N ILE D 343 -2.94 25.83 37.84
CA ILE D 343 -2.52 24.73 36.98
C ILE D 343 -2.76 25.07 35.52
N HIS D 344 -3.94 25.60 35.20
CA HIS D 344 -4.26 25.94 33.82
C HIS D 344 -3.29 26.98 33.26
N GLN D 345 -2.91 27.96 34.08
CA GLN D 345 -2.00 29.00 33.63
C GLN D 345 -0.55 28.54 33.56
N ASP D 346 -0.19 27.46 34.27
CA ASP D 346 1.16 26.94 34.18
C ASP D 346 1.34 25.91 33.06
N LEU D 347 0.26 25.50 32.39
CA LEU D 347 0.31 24.42 31.42
C LEU D 347 -0.15 24.84 30.03
N ASN D 348 -0.02 26.12 29.68
CA ASN D 348 -0.60 26.62 28.44
C ASN D 348 -0.05 25.92 27.20
N GLY D 349 1.27 25.73 27.14
CA GLY D 349 1.86 25.20 25.92
C GLY D 349 2.50 23.84 26.04
N GLN D 350 3.01 23.52 27.22
CA GLN D 350 3.77 22.30 27.45
C GLN D 350 2.92 21.03 27.29
N LEU D 351 1.59 21.16 27.24
CA LEU D 351 0.74 19.98 27.08
C LEU D 351 0.61 19.57 25.62
N THR D 352 0.54 20.54 24.71
CA THR D 352 0.37 20.23 23.29
C THR D 352 1.61 19.57 22.69
N ALA D 353 2.77 19.71 23.32
CA ALA D 353 3.99 19.12 22.80
C ALA D 353 4.06 17.61 23.04
N ARG D 354 3.44 17.12 24.10
CA ARG D 354 3.56 15.70 24.44
C ARG D 354 2.95 14.80 23.37
N VAL D 355 1.98 15.30 22.62
CA VAL D 355 1.35 14.50 21.57
C VAL D 355 1.99 14.78 20.22
N TYR E . 13.47 -17.45 22.39
CA TYR E . 12.06 -17.58 22.05
C TYR E . 11.53 -16.31 21.42
O TYR E . 10.50 -16.32 20.73
CB TYR E . 11.23 -17.95 23.29
CG TYR E . 11.48 -19.36 23.78
CD1 TYR E . 12.27 -19.60 24.89
CD2 TYR E . 10.92 -20.43 23.11
CE1 TYR E . 12.51 -20.89 25.33
CE2 TYR E . 11.15 -21.74 23.54
CZ TYR E . 11.96 -21.96 24.65
OH TYR E . 12.19 -23.24 25.09
OXT TYR E . 12.10 -15.23 21.58
N TYR F . 4.97 15.21 -5.95
CA TYR F . 4.41 15.47 -7.27
C TYR F . 3.41 14.38 -7.67
O TYR F . 3.34 13.33 -7.03
CB TYR F . 5.52 15.57 -8.32
CG TYR F . 6.35 16.83 -8.19
CD1 TYR F . 7.56 16.82 -7.53
CD2 TYR F . 5.89 18.04 -8.73
CE1 TYR F . 8.31 17.98 -7.40
CE2 TYR F . 6.64 19.20 -8.60
CZ TYR F . 7.85 19.16 -7.94
OH TYR F . 8.59 20.31 -7.81
OXT TYR F . 2.66 14.53 -8.63
N TYR G . 10.91 3.92 -44.83
CA TYR G . 11.52 3.55 -43.56
C TYR G . 10.53 2.83 -42.66
O TYR G . 10.92 2.24 -41.65
CB TYR G . 12.06 4.80 -42.85
CG TYR G . 13.30 5.36 -43.52
CD1 TYR G . 13.21 6.43 -44.39
CD2 TYR G . 14.55 4.81 -43.29
CE1 TYR G . 14.33 6.96 -45.01
CE2 TYR G . 15.69 5.32 -43.90
CZ TYR G . 15.58 6.38 -44.77
OH TYR G . 16.69 6.89 -45.38
OXT TYR G . 9.32 2.79 -42.92
N TYR H . -23.30 -2.75 32.21
CA TYR H . -21.94 -2.48 32.67
C TYR H . -21.23 -1.53 31.71
O TYR H . -21.69 -1.27 30.60
CB TYR H . -21.16 -3.79 32.80
CG TYR H . -21.63 -4.67 33.94
CD1 TYR H . -22.51 -5.72 33.72
CD2 TYR H . -21.19 -4.43 35.24
CE1 TYR H . -22.94 -6.52 34.77
CE2 TYR H . -21.62 -5.23 36.29
CZ TYR H . -22.50 -6.27 36.05
OH TYR H . -22.94 -7.06 37.09
OXT TYR H . -20.17 -1.01 32.04
#